data_7QA5
#
_entry.id   7QA5
#
_entity_poly.entity_id   1
_entity_poly.type   'polypeptide(L)'
_entity_poly.pdbx_seq_one_letter_code
;GPHMASEAEQRYEVQIVCRAEDEIQVRSLMLHSLGSSDLRLQSLHSEDLDNPAKLEVRAELLGTPEAPAQLERLVSRVSL
EKGVSSVRWQVFELAAD
;
_entity_poly.pdbx_strand_id   A
#
# COMPACT_ATOMS: atom_id res chain seq x y z
N ALA A 5 2.74 -0.83 23.92
CA ALA A 5 1.88 -0.40 25.01
C ALA A 5 0.58 -1.18 24.98
N SER A 6 -0.21 -0.98 23.95
CA SER A 6 -1.47 -1.62 23.82
C SER A 6 -1.52 -2.25 22.44
N GLU A 7 -1.94 -3.49 22.38
CA GLU A 7 -1.99 -4.18 21.13
C GLU A 7 -3.17 -3.73 20.32
N ALA A 8 -2.91 -2.79 19.48
CA ALA A 8 -3.87 -2.28 18.56
C ALA A 8 -3.21 -2.25 17.22
N GLU A 9 -3.42 -3.29 16.46
CA GLU A 9 -2.87 -3.38 15.15
C GLU A 9 -3.81 -2.70 14.19
N GLN A 10 -3.30 -1.76 13.47
CA GLN A 10 -4.09 -0.93 12.61
C GLN A 10 -3.94 -1.37 11.18
N ARG A 11 -4.87 -0.99 10.37
CA ARG A 11 -4.79 -1.30 8.98
C ARG A 11 -4.40 -0.09 8.21
N TYR A 12 -3.37 -0.20 7.50
CA TYR A 12 -2.93 0.89 6.71
C TYR A 12 -3.27 0.53 5.32
N GLU A 13 -3.94 1.39 4.68
CA GLU A 13 -4.37 1.14 3.36
C GLU A 13 -3.51 1.93 2.43
N VAL A 14 -2.69 1.24 1.73
CA VAL A 14 -1.78 1.87 0.82
C VAL A 14 -2.45 1.94 -0.52
N GLN A 15 -2.76 3.14 -0.94
CA GLN A 15 -3.44 3.36 -2.18
C GLN A 15 -2.47 3.87 -3.19
N ILE A 16 -2.10 3.02 -4.06
CA ILE A 16 -1.15 3.32 -5.09
C ILE A 16 -1.88 3.56 -6.38
N VAL A 17 -1.78 4.75 -6.89
CA VAL A 17 -2.37 5.09 -8.15
C VAL A 17 -1.29 4.92 -9.17
N CYS A 18 -1.40 3.93 -9.99
CA CYS A 18 -0.37 3.64 -10.94
C CYS A 18 -0.94 3.36 -12.31
N ARG A 19 -0.21 3.74 -13.31
CA ARG A 19 -0.57 3.50 -14.67
C ARG A 19 -0.59 2.01 -14.94
N ALA A 20 -1.58 1.56 -15.70
CA ALA A 20 -1.79 0.16 -16.06
C ALA A 20 -0.61 -0.38 -16.84
N GLU A 21 0.10 0.55 -17.42
CA GLU A 21 1.27 0.29 -18.23
C GLU A 21 2.34 -0.42 -17.39
N ASP A 22 2.46 -0.03 -16.13
CA ASP A 22 3.55 -0.54 -15.28
C ASP A 22 3.03 -1.12 -13.99
N GLU A 23 1.71 -1.37 -13.93
CA GLU A 23 1.05 -1.90 -12.74
C GLU A 23 1.75 -3.16 -12.24
N ILE A 24 2.11 -4.04 -13.15
CA ILE A 24 2.74 -5.29 -12.79
C ILE A 24 4.08 -5.06 -12.07
N GLN A 25 4.85 -4.07 -12.54
CA GLN A 25 6.11 -3.72 -11.90
C GLN A 25 5.82 -3.21 -10.50
N VAL A 26 4.85 -2.29 -10.42
CA VAL A 26 4.42 -1.68 -9.17
C VAL A 26 4.05 -2.76 -8.15
N ARG A 27 3.15 -3.65 -8.54
CA ARG A 27 2.71 -4.74 -7.68
C ARG A 27 3.85 -5.71 -7.33
N SER A 28 4.78 -5.91 -8.25
CA SER A 28 5.93 -6.75 -7.98
C SER A 28 6.82 -6.11 -6.90
N LEU A 29 6.95 -4.80 -6.95
CA LEU A 29 7.73 -4.10 -5.95
C LEU A 29 6.99 -4.01 -4.62
N MET A 30 5.65 -3.99 -4.68
CA MET A 30 4.82 -4.07 -3.48
C MET A 30 5.14 -5.35 -2.75
N LEU A 31 5.13 -6.44 -3.50
CA LEU A 31 5.43 -7.76 -2.97
C LEU A 31 6.89 -7.82 -2.50
N HIS A 32 7.77 -7.18 -3.27
CA HIS A 32 9.19 -7.10 -2.92
C HIS A 32 9.35 -6.42 -1.54
N SER A 33 8.64 -5.34 -1.32
CA SER A 33 8.70 -4.65 -0.04
C SER A 33 8.02 -5.45 1.09
N LEU A 34 7.32 -6.52 0.71
CA LEU A 34 6.71 -7.43 1.67
C LEU A 34 7.73 -8.51 2.04
N GLY A 35 8.92 -8.38 1.46
CA GLY A 35 10.03 -9.23 1.78
C GLY A 35 10.51 -8.95 3.18
N SER A 36 9.92 -9.65 4.12
CA SER A 36 10.13 -9.48 5.53
C SER A 36 9.61 -8.11 5.94
N SER A 37 8.33 -8.02 6.10
CA SER A 37 7.68 -6.80 6.44
C SER A 37 6.84 -6.98 7.70
N ASP A 38 6.86 -5.94 8.54
CA ASP A 38 5.99 -5.88 9.72
C ASP A 38 4.56 -5.71 9.25
N LEU A 39 4.43 -5.01 8.15
CA LEU A 39 3.17 -4.78 7.50
C LEU A 39 2.74 -6.04 6.79
N ARG A 40 1.68 -6.59 7.29
CA ARG A 40 1.12 -7.83 6.84
C ARG A 40 -0.10 -7.57 5.97
N LEU A 41 0.04 -7.92 4.72
CA LEU A 41 -0.99 -7.72 3.70
C LEU A 41 -2.23 -8.57 3.97
N GLN A 42 -3.38 -7.98 3.74
CA GLN A 42 -4.62 -8.68 3.81
C GLN A 42 -5.21 -8.75 2.40
N SER A 43 -5.56 -7.63 1.83
CA SER A 43 -6.15 -7.63 0.51
C SER A 43 -5.67 -6.41 -0.26
N LEU A 44 -5.79 -6.43 -1.55
CA LEU A 44 -5.48 -5.27 -2.36
C LEU A 44 -6.52 -5.09 -3.42
N HIS A 45 -7.34 -4.10 -3.23
CA HIS A 45 -8.40 -3.82 -4.14
C HIS A 45 -7.85 -2.98 -5.25
N SER A 46 -7.85 -3.53 -6.41
CA SER A 46 -7.29 -2.89 -7.55
C SER A 46 -8.39 -2.52 -8.51
N GLU A 47 -8.75 -1.26 -8.53
CA GLU A 47 -9.79 -0.79 -9.40
C GLU A 47 -9.27 0.31 -10.29
N ASP A 48 -10.09 0.77 -11.19
CA ASP A 48 -9.75 1.89 -12.05
C ASP A 48 -10.40 3.12 -11.47
N LEU A 49 -9.64 4.16 -11.27
CA LEU A 49 -10.14 5.34 -10.59
C LEU A 49 -10.13 6.59 -11.43
N ASP A 50 -8.97 7.23 -11.48
CA ASP A 50 -8.75 8.49 -12.21
C ASP A 50 -9.11 8.37 -13.66
N ASN A 51 -8.60 7.34 -14.25
CA ASN A 51 -8.73 7.08 -15.65
C ASN A 51 -8.52 5.61 -15.80
N PRO A 52 -9.14 4.93 -16.78
CA PRO A 52 -8.95 3.49 -17.02
C PRO A 52 -7.47 3.07 -17.10
N ALA A 53 -6.59 4.01 -17.47
CA ALA A 53 -5.17 3.73 -17.56
C ALA A 53 -4.47 3.90 -16.21
N LYS A 54 -5.14 4.49 -15.24
CA LYS A 54 -4.57 4.65 -13.93
C LYS A 54 -5.33 3.81 -12.93
N LEU A 55 -4.71 2.76 -12.52
CA LEU A 55 -5.29 1.80 -11.64
C LEU A 55 -4.92 2.15 -10.22
N GLU A 56 -5.89 2.22 -9.36
CA GLU A 56 -5.64 2.51 -7.98
C GLU A 56 -5.72 1.22 -7.23
N VAL A 57 -4.64 0.88 -6.66
CA VAL A 57 -4.50 -0.32 -5.92
C VAL A 57 -4.47 0.04 -4.45
N ARG A 58 -5.53 -0.25 -3.78
CA ARG A 58 -5.61 0.01 -2.36
C ARG A 58 -5.47 -1.27 -1.57
N ALA A 59 -4.33 -1.40 -0.94
CA ALA A 59 -3.99 -2.60 -0.20
C ALA A 59 -4.07 -2.40 1.31
N GLU A 60 -4.69 -3.35 1.96
CA GLU A 60 -4.83 -3.36 3.40
C GLU A 60 -3.62 -4.03 3.99
N LEU A 61 -2.81 -3.32 4.70
CA LEU A 61 -1.70 -3.93 5.38
C LEU A 61 -1.83 -3.68 6.87
N LEU A 62 -1.76 -4.73 7.64
CA LEU A 62 -1.87 -4.63 9.08
C LEU A 62 -0.53 -4.37 9.69
N GLY A 63 -0.48 -3.39 10.53
CA GLY A 63 0.72 -3.04 11.21
C GLY A 63 0.40 -2.22 12.41
N THR A 64 1.33 -2.10 13.28
CA THR A 64 1.13 -1.35 14.46
C THR A 64 1.50 0.13 14.24
N PRO A 65 1.02 1.04 15.10
CA PRO A 65 1.37 2.48 15.01
C PRO A 65 2.86 2.70 15.26
N GLU A 66 3.51 1.67 15.77
CA GLU A 66 4.91 1.66 16.13
C GLU A 66 5.81 1.42 14.90
N ALA A 67 5.19 1.19 13.75
CA ALA A 67 5.95 0.87 12.54
C ALA A 67 5.71 1.87 11.34
N PRO A 68 5.69 3.24 11.54
CA PRO A 68 5.44 4.20 10.44
C PRO A 68 6.56 4.18 9.39
N ALA A 69 7.77 3.86 9.85
CA ALA A 69 8.96 3.78 9.01
C ALA A 69 8.79 2.72 7.90
N GLN A 70 8.05 1.67 8.21
CA GLN A 70 7.81 0.61 7.26
C GLN A 70 6.93 1.09 6.13
N LEU A 71 5.99 1.98 6.43
CA LEU A 71 5.13 2.55 5.41
C LEU A 71 5.96 3.37 4.44
N GLU A 72 6.90 4.14 4.99
CA GLU A 72 7.84 4.92 4.18
C GLU A 72 8.62 4.01 3.28
N ARG A 73 9.09 2.91 3.83
CA ARG A 73 9.83 1.88 3.10
C ARG A 73 9.04 1.39 1.89
N LEU A 74 7.78 1.03 2.12
CA LEU A 74 6.91 0.53 1.05
C LEU A 74 6.75 1.59 -0.03
N VAL A 75 6.38 2.79 0.41
CA VAL A 75 6.16 3.91 -0.48
C VAL A 75 7.43 4.23 -1.27
N SER A 76 8.58 4.20 -0.62
CA SER A 76 9.82 4.49 -1.28
C SER A 76 10.14 3.46 -2.36
N ARG A 77 10.01 2.17 -2.01
CA ARG A 77 10.39 1.11 -2.92
C ARG A 77 9.52 1.14 -4.16
N VAL A 78 8.24 1.40 -3.97
CA VAL A 78 7.32 1.49 -5.08
C VAL A 78 7.53 2.80 -5.87
N SER A 79 7.83 3.88 -5.16
CA SER A 79 8.05 5.19 -5.80
C SER A 79 9.34 5.18 -6.64
N LEU A 80 10.24 4.24 -6.36
CA LEU A 80 11.42 4.07 -7.19
C LEU A 80 11.03 3.63 -8.62
N GLU A 81 9.88 3.00 -8.76
CA GLU A 81 9.42 2.52 -10.04
C GLU A 81 8.60 3.52 -10.79
N LYS A 82 8.58 3.35 -12.08
CA LYS A 82 7.83 4.21 -12.98
C LYS A 82 6.40 3.71 -13.07
N GLY A 83 5.51 4.62 -13.36
CA GLY A 83 4.12 4.27 -13.54
C GLY A 83 3.27 4.76 -12.42
N VAL A 84 3.88 5.02 -11.29
CA VAL A 84 3.17 5.49 -10.13
C VAL A 84 2.82 6.95 -10.32
N SER A 85 1.56 7.24 -10.33
CA SER A 85 1.06 8.56 -10.48
C SER A 85 1.04 9.25 -9.11
N SER A 86 0.52 8.55 -8.13
CA SER A 86 0.40 9.07 -6.79
C SER A 86 0.38 7.88 -5.81
N VAL A 87 0.85 8.08 -4.62
CA VAL A 87 0.86 7.03 -3.62
C VAL A 87 0.57 7.59 -2.24
N ARG A 88 -0.54 7.20 -1.70
CA ARG A 88 -0.97 7.68 -0.41
C ARG A 88 -1.25 6.48 0.48
N TRP A 89 -1.18 6.66 1.75
CA TRP A 89 -1.55 5.61 2.65
C TRP A 89 -2.47 6.14 3.72
N GLN A 90 -3.51 5.42 3.97
CA GLN A 90 -4.52 5.84 4.89
C GLN A 90 -4.40 5.01 6.15
N VAL A 91 -4.31 5.66 7.28
CA VAL A 91 -4.25 4.95 8.52
C VAL A 91 -5.67 4.70 9.00
N PHE A 92 -6.10 3.48 8.87
CA PHE A 92 -7.39 3.10 9.36
C PHE A 92 -7.21 2.38 10.66
N GLU A 93 -7.85 2.88 11.64
CA GLU A 93 -7.64 2.42 12.96
C GLU A 93 -8.76 1.51 13.41
N LEU A 94 -8.62 0.97 14.59
CA LEU A 94 -9.66 0.16 15.17
C LEU A 94 -10.69 1.11 15.76
N ALA A 95 -11.89 0.66 15.89
CA ALA A 95 -12.93 1.48 16.44
C ALA A 95 -12.74 1.60 17.94
N ALA A 96 -12.61 2.81 18.41
CA ALA A 96 -12.44 3.07 19.81
C ALA A 96 -13.75 2.81 20.52
N ASP A 97 -13.80 1.74 21.22
CA ASP A 97 -14.98 1.35 21.95
C ASP A 97 -14.76 1.63 23.40
N ALA A 5 4.37 -0.52 24.29
CA ALA A 5 3.66 -1.52 23.49
C ALA A 5 2.48 -0.86 22.84
N SER A 6 2.28 -1.09 21.57
CA SER A 6 1.21 -0.46 20.85
C SER A 6 0.61 -1.42 19.82
N GLU A 7 0.58 -2.71 20.12
CA GLU A 7 0.06 -3.68 19.18
C GLU A 7 -1.45 -3.73 19.11
N ALA A 8 -1.94 -2.70 18.55
CA ALA A 8 -3.30 -2.57 18.16
C ALA A 8 -3.18 -2.34 16.70
N GLU A 9 -3.36 -3.39 15.96
CA GLU A 9 -3.08 -3.38 14.57
C GLU A 9 -4.11 -2.59 13.81
N GLN A 10 -3.63 -1.60 13.13
CA GLN A 10 -4.46 -0.73 12.37
C GLN A 10 -4.34 -1.10 10.93
N ARG A 11 -5.25 -0.65 10.15
CA ARG A 11 -5.24 -0.97 8.76
C ARG A 11 -4.84 0.24 7.98
N TYR A 12 -3.88 0.06 7.16
CA TYR A 12 -3.42 1.09 6.35
C TYR A 12 -3.69 0.70 4.92
N GLU A 13 -4.34 1.56 4.22
CA GLU A 13 -4.58 1.32 2.83
C GLU A 13 -3.55 2.03 2.04
N VAL A 14 -2.64 1.30 1.48
CA VAL A 14 -1.64 1.86 0.63
C VAL A 14 -2.27 1.95 -0.74
N GLN A 15 -2.30 3.13 -1.28
CA GLN A 15 -3.03 3.41 -2.47
C GLN A 15 -2.05 4.04 -3.46
N ILE A 16 -1.69 3.28 -4.46
CA ILE A 16 -0.72 3.73 -5.43
C ILE A 16 -1.39 4.06 -6.74
N VAL A 17 -1.31 5.30 -7.15
CA VAL A 17 -1.85 5.72 -8.41
C VAL A 17 -0.76 5.57 -9.45
N CYS A 18 -0.90 4.59 -10.30
CA CYS A 18 0.04 4.33 -11.35
C CYS A 18 -0.69 4.11 -12.68
N ARG A 19 0.06 3.90 -13.73
CA ARG A 19 -0.53 3.64 -15.04
C ARG A 19 -1.11 2.23 -15.07
N ALA A 20 -2.00 1.98 -16.00
CA ALA A 20 -2.62 0.68 -16.12
C ALA A 20 -1.64 -0.35 -16.64
N GLU A 21 -0.68 0.12 -17.41
CA GLU A 21 0.37 -0.75 -17.91
C GLU A 21 1.36 -1.11 -16.81
N ASP A 22 1.52 -0.21 -15.85
CA ASP A 22 2.49 -0.42 -14.76
C ASP A 22 1.91 -1.26 -13.62
N GLU A 23 0.67 -1.69 -13.81
CA GLU A 23 -0.09 -2.56 -12.88
C GLU A 23 0.74 -3.72 -12.34
N ILE A 24 1.23 -4.55 -13.24
CA ILE A 24 1.93 -5.75 -12.83
C ILE A 24 3.22 -5.40 -12.12
N GLN A 25 3.82 -4.29 -12.50
CA GLN A 25 5.04 -3.83 -11.90
C GLN A 25 4.77 -3.38 -10.47
N VAL A 26 3.76 -2.55 -10.29
CA VAL A 26 3.47 -2.02 -8.98
C VAL A 26 2.98 -3.12 -8.05
N ARG A 27 2.18 -4.01 -8.58
CA ARG A 27 1.66 -5.12 -7.80
C ARG A 27 2.81 -6.03 -7.34
N SER A 28 3.74 -6.34 -8.26
CA SER A 28 4.87 -7.18 -7.92
C SER A 28 5.77 -6.48 -6.89
N LEU A 29 6.02 -5.19 -7.10
CA LEU A 29 6.82 -4.42 -6.16
C LEU A 29 6.16 -4.34 -4.80
N MET A 30 4.86 -4.12 -4.75
CA MET A 30 4.13 -4.08 -3.46
C MET A 30 4.26 -5.38 -2.71
N LEU A 31 4.12 -6.48 -3.43
CA LEU A 31 4.23 -7.80 -2.84
C LEU A 31 5.66 -8.07 -2.36
N HIS A 32 6.61 -7.80 -3.25
CA HIS A 32 8.03 -8.03 -2.97
C HIS A 32 8.53 -7.12 -1.83
N SER A 33 7.92 -5.95 -1.70
CA SER A 33 8.28 -5.02 -0.66
C SER A 33 7.78 -5.45 0.71
N LEU A 34 6.92 -6.48 0.76
CA LEU A 34 6.46 -6.98 2.06
C LEU A 34 7.62 -7.63 2.83
N GLY A 35 8.67 -7.95 2.09
CA GLY A 35 9.86 -8.42 2.70
C GLY A 35 10.66 -7.24 3.19
N SER A 36 11.06 -7.31 4.45
CA SER A 36 11.79 -6.24 5.16
C SER A 36 10.80 -5.16 5.62
N SER A 37 9.57 -5.57 5.85
CA SER A 37 8.53 -4.71 6.36
C SER A 37 7.55 -5.51 7.23
N ASP A 38 7.14 -4.92 8.35
CA ASP A 38 6.23 -5.58 9.34
C ASP A 38 4.77 -5.41 9.03
N LEU A 39 4.42 -5.40 7.77
CA LEU A 39 3.03 -5.26 7.40
C LEU A 39 2.44 -6.60 7.05
N ARG A 40 1.26 -6.84 7.55
CA ARG A 40 0.54 -8.07 7.25
C ARG A 40 -0.44 -7.78 6.12
N LEU A 41 -0.35 -8.56 5.07
CA LEU A 41 -1.14 -8.34 3.87
C LEU A 41 -2.56 -8.85 4.04
N GLN A 42 -3.51 -7.97 3.90
CA GLN A 42 -4.91 -8.35 3.92
C GLN A 42 -5.35 -8.66 2.50
N SER A 43 -5.19 -7.70 1.62
CA SER A 43 -5.52 -7.87 0.21
C SER A 43 -4.74 -6.87 -0.62
N LEU A 44 -4.65 -7.14 -1.89
CA LEU A 44 -3.96 -6.29 -2.83
C LEU A 44 -4.77 -6.27 -4.13
N HIS A 45 -5.43 -5.17 -4.37
CA HIS A 45 -6.32 -5.03 -5.52
C HIS A 45 -6.01 -3.78 -6.28
N SER A 46 -5.66 -3.93 -7.50
CA SER A 46 -5.47 -2.80 -8.35
C SER A 46 -6.80 -2.54 -9.05
N GLU A 47 -7.41 -1.43 -8.74
CA GLU A 47 -8.68 -1.11 -9.31
C GLU A 47 -8.68 0.36 -9.67
N ASP A 48 -9.78 0.84 -10.14
CA ASP A 48 -9.92 2.24 -10.43
C ASP A 48 -10.67 2.89 -9.31
N LEU A 49 -10.25 4.06 -8.93
CA LEU A 49 -11.00 4.84 -7.99
C LEU A 49 -11.52 6.05 -8.71
N ASP A 50 -10.61 6.91 -9.12
CA ASP A 50 -10.98 8.16 -9.77
C ASP A 50 -11.10 8.02 -11.26
N ASN A 51 -10.09 7.49 -11.90
CA ASN A 51 -10.08 7.39 -13.35
C ASN A 51 -9.50 6.04 -13.79
N PRO A 52 -10.30 5.20 -14.50
CA PRO A 52 -9.88 3.84 -14.99
C PRO A 52 -8.72 3.86 -15.98
N ALA A 53 -8.38 5.04 -16.47
CA ALA A 53 -7.22 5.20 -17.35
C ALA A 53 -5.91 4.96 -16.59
N LYS A 54 -6.01 4.95 -15.29
CA LYS A 54 -4.90 4.65 -14.43
C LYS A 54 -5.35 3.48 -13.57
N LEU A 55 -4.42 2.76 -13.02
CA LEU A 55 -4.76 1.71 -12.12
C LEU A 55 -4.22 2.03 -10.78
N GLU A 56 -5.10 2.06 -9.84
CA GLU A 56 -4.80 2.44 -8.52
C GLU A 56 -4.71 1.18 -7.68
N VAL A 57 -3.52 0.92 -7.25
CA VAL A 57 -3.20 -0.28 -6.55
C VAL A 57 -3.44 -0.08 -5.07
N ARG A 58 -4.37 -0.83 -4.55
CA ARG A 58 -4.71 -0.77 -3.17
C ARG A 58 -4.15 -1.96 -2.47
N ALA A 59 -3.43 -1.71 -1.44
CA ALA A 59 -2.96 -2.77 -0.61
C ALA A 59 -3.41 -2.51 0.81
N GLU A 60 -4.27 -3.37 1.31
CA GLU A 60 -4.71 -3.26 2.68
C GLU A 60 -3.69 -3.95 3.54
N LEU A 61 -2.98 -3.19 4.32
CA LEU A 61 -1.94 -3.72 5.13
C LEU A 61 -2.20 -3.42 6.59
N LEU A 62 -2.03 -4.41 7.42
CA LEU A 62 -2.16 -4.21 8.83
C LEU A 62 -0.81 -3.87 9.40
N GLY A 63 -0.80 -2.92 10.28
CA GLY A 63 0.42 -2.53 10.90
C GLY A 63 0.15 -1.86 12.21
N THR A 64 1.14 -1.74 13.02
CA THR A 64 1.00 -1.08 14.28
C THR A 64 1.64 0.31 14.20
N PRO A 65 1.48 1.17 15.24
CA PRO A 65 2.15 2.48 15.30
C PRO A 65 3.70 2.43 15.18
N GLU A 66 4.28 1.24 15.18
CA GLU A 66 5.72 1.11 14.99
C GLU A 66 6.04 0.79 13.54
N ALA A 67 5.00 0.65 12.73
CA ALA A 67 5.14 0.30 11.32
C ALA A 67 5.06 1.47 10.26
N PRO A 68 4.74 2.79 10.60
CA PRO A 68 4.78 3.90 9.61
C PRO A 68 6.12 3.93 8.83
N ALA A 69 7.21 3.64 9.52
CA ALA A 69 8.54 3.60 8.89
C ALA A 69 8.57 2.53 7.79
N GLN A 70 7.90 1.42 8.06
CA GLN A 70 7.85 0.30 7.12
C GLN A 70 7.00 0.69 5.93
N LEU A 71 5.90 1.37 6.23
CA LEU A 71 5.00 1.87 5.22
C LEU A 71 5.70 2.85 4.32
N GLU A 72 6.50 3.74 4.90
CA GLU A 72 7.23 4.69 4.13
C GLU A 72 8.39 4.05 3.37
N ARG A 73 8.89 2.92 3.89
CA ARG A 73 9.85 2.11 3.12
C ARG A 73 9.18 1.68 1.83
N LEU A 74 7.97 1.13 1.97
CA LEU A 74 7.15 0.69 0.83
C LEU A 74 6.95 1.85 -0.13
N VAL A 75 6.48 2.98 0.42
CA VAL A 75 6.23 4.20 -0.33
C VAL A 75 7.44 4.59 -1.17
N SER A 76 8.59 4.65 -0.54
CA SER A 76 9.82 5.02 -1.21
C SER A 76 10.23 3.96 -2.23
N ARG A 77 10.19 2.71 -1.81
CA ARG A 77 10.65 1.56 -2.59
C ARG A 77 9.85 1.41 -3.89
N VAL A 78 8.57 1.74 -3.83
CA VAL A 78 7.72 1.70 -5.01
C VAL A 78 7.90 3.00 -5.82
N SER A 79 8.09 4.13 -5.13
CA SER A 79 8.31 5.43 -5.76
C SER A 79 9.65 5.44 -6.53
N LEU A 80 10.53 4.51 -6.19
CA LEU A 80 11.78 4.32 -6.88
C LEU A 80 11.53 3.93 -8.35
N GLU A 81 10.40 3.30 -8.62
CA GLU A 81 10.08 2.91 -9.95
C GLU A 81 9.29 3.90 -10.78
N LYS A 82 9.35 3.68 -12.07
CA LYS A 82 8.72 4.51 -13.05
C LYS A 82 7.25 4.10 -13.18
N GLY A 83 6.41 5.03 -13.57
CA GLY A 83 5.01 4.72 -13.79
C GLY A 83 4.14 5.03 -12.60
N VAL A 84 4.77 5.13 -11.47
CA VAL A 84 4.07 5.45 -10.24
C VAL A 84 3.92 6.95 -10.12
N SER A 85 2.72 7.42 -10.31
CA SER A 85 2.41 8.82 -10.26
C SER A 85 2.34 9.32 -8.83
N SER A 86 1.55 8.66 -8.00
CA SER A 86 1.41 9.06 -6.63
C SER A 86 1.31 7.85 -5.73
N VAL A 87 2.18 7.77 -4.77
CA VAL A 87 2.17 6.69 -3.82
C VAL A 87 1.64 7.22 -2.48
N ARG A 88 0.51 6.71 -2.09
CA ARG A 88 -0.23 7.21 -0.96
C ARG A 88 -0.52 6.10 0.02
N TRP A 89 -0.73 6.45 1.25
CA TRP A 89 -1.20 5.52 2.24
C TRP A 89 -2.13 6.21 3.22
N GLN A 90 -3.22 5.57 3.52
CA GLN A 90 -4.20 6.12 4.43
C GLN A 90 -4.22 5.31 5.71
N VAL A 91 -4.30 5.98 6.81
CA VAL A 91 -4.35 5.37 8.13
C VAL A 91 -5.79 5.23 8.55
N PHE A 92 -6.22 4.02 8.80
CA PHE A 92 -7.53 3.78 9.32
C PHE A 92 -7.44 3.03 10.61
N GLU A 93 -8.29 3.37 11.52
CA GLU A 93 -8.17 2.89 12.85
C GLU A 93 -9.26 1.89 13.22
N LEU A 94 -9.22 1.47 14.46
CA LEU A 94 -10.17 0.54 14.98
C LEU A 94 -11.23 1.30 15.73
N ALA A 95 -12.36 0.72 15.84
CA ALA A 95 -13.43 1.26 16.62
C ALA A 95 -13.45 0.49 17.93
N ALA A 96 -14.50 0.62 18.70
CA ALA A 96 -14.64 -0.19 19.89
C ALA A 96 -15.14 -1.57 19.46
N ASP A 97 -14.23 -2.35 18.97
CA ASP A 97 -14.50 -3.64 18.42
C ASP A 97 -14.37 -4.66 19.49
N ALA A 5 -5.12 -10.20 16.78
CA ALA A 5 -5.52 -9.00 16.06
C ALA A 5 -6.68 -8.38 16.82
N SER A 6 -7.29 -7.35 16.22
CA SER A 6 -8.46 -6.63 16.78
C SER A 6 -8.06 -5.80 18.01
N GLU A 7 -6.78 -5.56 18.15
CA GLU A 7 -6.25 -4.84 19.27
C GLU A 7 -4.97 -4.13 18.88
N ALA A 8 -4.98 -2.80 19.04
CA ALA A 8 -3.82 -1.92 18.79
C ALA A 8 -3.38 -1.94 17.33
N GLU A 9 -4.26 -2.35 16.47
CA GLU A 9 -3.96 -2.44 15.07
C GLU A 9 -4.49 -1.23 14.34
N GLN A 10 -3.74 -0.79 13.40
CA GLN A 10 -4.12 0.25 12.50
C GLN A 10 -4.08 -0.34 11.12
N ARG A 11 -5.09 -0.12 10.36
CA ARG A 11 -5.17 -0.68 9.06
C ARG A 11 -4.71 0.32 8.08
N TYR A 12 -3.68 0.01 7.39
CA TYR A 12 -3.12 0.94 6.47
C TYR A 12 -3.44 0.51 5.09
N GLU A 13 -3.96 1.41 4.34
CA GLU A 13 -4.26 1.14 2.99
C GLU A 13 -3.28 1.91 2.14
N VAL A 14 -2.38 1.19 1.56
CA VAL A 14 -1.40 1.77 0.70
C VAL A 14 -2.06 1.90 -0.65
N GLN A 15 -2.32 3.11 -0.99
CA GLN A 15 -3.05 3.46 -2.15
C GLN A 15 -2.09 3.97 -3.21
N ILE A 16 -1.80 3.13 -4.15
CA ILE A 16 -0.84 3.45 -5.18
C ILE A 16 -1.58 3.75 -6.47
N VAL A 17 -1.46 4.95 -6.96
CA VAL A 17 -2.00 5.25 -8.25
C VAL A 17 -0.91 4.97 -9.26
N CYS A 18 -1.14 4.03 -10.12
CA CYS A 18 -0.17 3.62 -11.08
C CYS A 18 -0.82 3.38 -12.43
N ARG A 19 -0.05 3.47 -13.46
CA ARG A 19 -0.52 3.28 -14.81
C ARG A 19 -0.93 1.81 -15.03
N ALA A 20 -1.99 1.60 -15.82
CA ALA A 20 -2.56 0.28 -16.17
C ALA A 20 -1.52 -0.71 -16.59
N GLU A 21 -0.74 -0.29 -17.52
CA GLU A 21 0.25 -1.09 -18.13
C GLU A 21 1.38 -1.44 -17.13
N ASP A 22 1.46 -0.68 -16.08
CA ASP A 22 2.51 -0.84 -15.10
C ASP A 22 2.03 -1.68 -13.91
N GLU A 23 0.74 -2.05 -13.93
CA GLU A 23 0.08 -2.93 -12.92
C GLU A 23 1.00 -4.08 -12.45
N ILE A 24 1.43 -4.89 -13.41
CA ILE A 24 2.24 -6.08 -13.15
C ILE A 24 3.52 -5.70 -12.39
N GLN A 25 4.16 -4.63 -12.84
CA GLN A 25 5.41 -4.17 -12.29
C GLN A 25 5.21 -3.62 -10.88
N VAL A 26 4.07 -2.96 -10.63
CA VAL A 26 3.80 -2.39 -9.33
C VAL A 26 3.45 -3.49 -8.32
N ARG A 27 2.64 -4.47 -8.74
CA ARG A 27 2.30 -5.58 -7.84
C ARG A 27 3.54 -6.39 -7.49
N SER A 28 4.42 -6.59 -8.47
CA SER A 28 5.63 -7.33 -8.26
C SER A 28 6.55 -6.55 -7.30
N LEU A 29 6.59 -5.23 -7.50
CA LEU A 29 7.38 -4.35 -6.66
C LEU A 29 6.87 -4.44 -5.21
N MET A 30 5.56 -4.36 -5.05
CA MET A 30 4.91 -4.50 -3.74
C MET A 30 5.22 -5.84 -3.11
N LEU A 31 5.19 -6.88 -3.93
CA LEU A 31 5.48 -8.25 -3.49
C LEU A 31 6.91 -8.28 -2.92
N HIS A 32 7.84 -7.71 -3.66
CA HIS A 32 9.25 -7.64 -3.25
C HIS A 32 9.40 -6.80 -1.98
N SER A 33 8.56 -5.81 -1.84
CA SER A 33 8.58 -4.96 -0.69
C SER A 33 7.91 -5.65 0.54
N LEU A 34 7.20 -6.76 0.30
CA LEU A 34 6.54 -7.49 1.39
C LEU A 34 7.59 -8.22 2.20
N GLY A 35 8.66 -8.61 1.54
CA GLY A 35 9.75 -9.29 2.21
C GLY A 35 10.70 -8.30 2.86
N SER A 36 10.23 -7.10 3.06
CA SER A 36 10.98 -6.06 3.70
C SER A 36 10.05 -5.20 4.57
N SER A 37 8.86 -5.70 4.83
CA SER A 37 7.92 -4.98 5.64
C SER A 37 7.39 -5.86 6.75
N ASP A 38 7.07 -5.25 7.87
CA ASP A 38 6.63 -5.95 9.07
C ASP A 38 5.13 -5.95 9.21
N LEU A 39 4.45 -5.48 8.20
CA LEU A 39 3.01 -5.36 8.28
C LEU A 39 2.36 -6.56 7.67
N ARG A 40 1.21 -6.94 8.20
CA ARG A 40 0.50 -8.08 7.72
C ARG A 40 -0.43 -7.69 6.58
N LEU A 41 -0.03 -8.03 5.37
CA LEU A 41 -0.81 -7.74 4.18
C LEU A 41 -2.05 -8.57 4.18
N GLN A 42 -3.14 -7.96 3.88
CA GLN A 42 -4.38 -8.65 3.78
C GLN A 42 -4.80 -8.76 2.32
N SER A 43 -5.06 -7.65 1.68
CA SER A 43 -5.47 -7.70 0.28
C SER A 43 -4.86 -6.53 -0.49
N LEU A 44 -4.89 -6.63 -1.80
CA LEU A 44 -4.51 -5.55 -2.69
C LEU A 44 -5.33 -5.65 -3.95
N HIS A 45 -6.05 -4.61 -4.24
CA HIS A 45 -6.91 -4.58 -5.40
C HIS A 45 -6.55 -3.38 -6.23
N SER A 46 -6.39 -3.57 -7.52
CA SER A 46 -6.01 -2.50 -8.38
C SER A 46 -7.15 -2.11 -9.29
N GLU A 47 -7.81 -1.02 -8.98
CA GLU A 47 -8.88 -0.54 -9.81
C GLU A 47 -8.74 0.90 -10.09
N ASP A 48 -9.32 1.31 -11.16
CA ASP A 48 -9.26 2.69 -11.58
C ASP A 48 -10.51 3.41 -11.17
N LEU A 49 -10.37 4.42 -10.36
CA LEU A 49 -11.51 5.16 -9.87
C LEU A 49 -11.63 6.52 -10.55
N ASP A 50 -10.54 7.27 -10.62
CA ASP A 50 -10.57 8.60 -11.22
C ASP A 50 -10.33 8.53 -12.70
N ASN A 51 -9.24 7.91 -13.08
CA ASN A 51 -8.84 7.83 -14.47
C ASN A 51 -8.59 6.39 -14.86
N PRO A 52 -9.20 5.91 -15.96
CA PRO A 52 -9.11 4.49 -16.40
C PRO A 52 -7.70 4.02 -16.77
N ALA A 53 -6.79 4.95 -17.01
CA ALA A 53 -5.43 4.60 -17.36
C ALA A 53 -4.57 4.47 -16.12
N LYS A 54 -5.07 4.97 -15.00
CA LYS A 54 -4.32 4.93 -13.77
C LYS A 54 -5.11 4.20 -12.69
N LEU A 55 -4.67 3.01 -12.41
CA LEU A 55 -5.27 2.12 -11.47
C LEU A 55 -4.71 2.38 -10.10
N GLU A 56 -5.53 2.22 -9.12
CA GLU A 56 -5.14 2.35 -7.78
C GLU A 56 -5.00 1.00 -7.19
N VAL A 57 -3.81 0.69 -6.79
CA VAL A 57 -3.56 -0.51 -6.08
C VAL A 57 -3.79 -0.17 -4.64
N ARG A 58 -4.90 -0.59 -4.12
CA ARG A 58 -5.22 -0.33 -2.76
C ARG A 58 -4.93 -1.56 -1.96
N ALA A 59 -3.88 -1.49 -1.19
CA ALA A 59 -3.43 -2.63 -0.40
C ALA A 59 -3.65 -2.43 1.08
N GLU A 60 -4.26 -3.42 1.70
CA GLU A 60 -4.57 -3.39 3.12
C GLU A 60 -3.45 -4.05 3.89
N LEU A 61 -2.78 -3.32 4.72
CA LEU A 61 -1.77 -3.90 5.57
C LEU A 61 -2.08 -3.57 7.02
N LEU A 62 -2.03 -4.57 7.86
CA LEU A 62 -2.28 -4.39 9.28
C LEU A 62 -0.98 -4.03 9.95
N GLY A 63 -0.97 -2.96 10.69
CA GLY A 63 0.21 -2.56 11.39
C GLY A 63 -0.10 -1.85 12.65
N THR A 64 0.89 -1.33 13.29
CA THR A 64 0.73 -0.57 14.49
C THR A 64 1.13 0.87 14.21
N PRO A 65 0.75 1.84 15.08
CA PRO A 65 1.18 3.24 14.94
C PRO A 65 2.71 3.40 15.06
N GLU A 66 3.39 2.34 15.47
CA GLU A 66 4.83 2.35 15.63
C GLU A 66 5.50 1.72 14.41
N ALA A 67 4.76 1.62 13.32
CA ALA A 67 5.31 1.07 12.09
C ALA A 67 5.24 2.02 10.85
N PRO A 68 5.51 3.38 10.99
CA PRO A 68 5.49 4.28 9.82
C PRO A 68 6.69 4.02 8.91
N ALA A 69 7.77 3.50 9.50
CA ALA A 69 8.99 3.15 8.77
C ALA A 69 8.69 2.14 7.69
N GLN A 70 7.95 1.11 8.07
CA GLN A 70 7.53 0.05 7.16
C GLN A 70 6.73 0.63 5.99
N LEU A 71 5.80 1.49 6.34
CA LEU A 71 4.94 2.16 5.37
C LEU A 71 5.75 2.98 4.40
N GLU A 72 6.60 3.84 4.92
CA GLU A 72 7.36 4.73 4.09
C GLU A 72 8.47 3.99 3.33
N ARG A 73 8.83 2.82 3.83
CA ARG A 73 9.79 1.98 3.14
C ARG A 73 9.13 1.43 1.88
N LEU A 74 7.87 1.01 2.03
CA LEU A 74 7.06 0.58 0.89
C LEU A 74 6.89 1.75 -0.06
N VAL A 75 6.44 2.87 0.50
CA VAL A 75 6.20 4.09 -0.26
C VAL A 75 7.42 4.51 -1.07
N SER A 76 8.59 4.52 -0.45
CA SER A 76 9.80 4.89 -1.16
C SER A 76 10.10 3.90 -2.28
N ARG A 77 10.04 2.59 -1.99
CA ARG A 77 10.31 1.59 -3.00
C ARG A 77 9.33 1.69 -4.18
N VAL A 78 8.06 1.93 -3.88
CA VAL A 78 7.04 2.05 -4.90
C VAL A 78 7.22 3.36 -5.69
N SER A 79 7.48 4.45 -5.01
CA SER A 79 7.64 5.74 -5.69
C SER A 79 8.90 5.78 -6.57
N LEU A 80 9.86 4.92 -6.27
CA LEU A 80 11.05 4.80 -7.12
C LEU A 80 10.73 4.05 -8.41
N GLU A 81 9.61 3.37 -8.43
CA GLU A 81 9.24 2.58 -9.57
C GLU A 81 8.54 3.46 -10.61
N LYS A 82 8.74 3.13 -11.86
CA LYS A 82 8.16 3.88 -12.96
C LYS A 82 6.74 3.43 -13.25
N GLY A 83 5.91 4.38 -13.64
CA GLY A 83 4.54 4.08 -13.93
C GLY A 83 3.65 4.47 -12.80
N VAL A 84 4.26 4.76 -11.68
CA VAL A 84 3.55 5.16 -10.50
C VAL A 84 3.31 6.68 -10.56
N SER A 85 2.09 7.07 -10.40
CA SER A 85 1.72 8.45 -10.44
C SER A 85 1.83 9.06 -9.04
N SER A 86 1.36 8.34 -8.05
CA SER A 86 1.37 8.81 -6.69
C SER A 86 1.26 7.64 -5.72
N VAL A 87 1.81 7.80 -4.52
CA VAL A 87 1.72 6.78 -3.50
C VAL A 87 1.21 7.42 -2.21
N ARG A 88 0.05 7.03 -1.79
CA ARG A 88 -0.53 7.53 -0.56
C ARG A 88 -0.80 6.38 0.35
N TRP A 89 -0.85 6.63 1.61
CA TRP A 89 -1.24 5.63 2.54
C TRP A 89 -2.24 6.20 3.50
N GLN A 90 -3.27 5.45 3.75
CA GLN A 90 -4.34 5.90 4.59
C GLN A 90 -4.39 5.07 5.84
N VAL A 91 -4.57 5.73 6.94
CA VAL A 91 -4.69 5.05 8.21
C VAL A 91 -6.17 4.88 8.51
N PHE A 92 -6.63 3.68 8.37
CA PHE A 92 -8.00 3.34 8.62
C PHE A 92 -8.05 2.72 9.98
N GLU A 93 -9.03 3.05 10.75
CA GLU A 93 -9.08 2.56 12.08
C GLU A 93 -10.24 1.63 12.31
N LEU A 94 -10.15 0.92 13.41
CA LEU A 94 -11.16 -0.02 13.85
C LEU A 94 -12.43 0.73 14.22
N ALA A 95 -13.51 0.02 14.34
CA ALA A 95 -14.75 0.62 14.73
C ALA A 95 -14.82 0.60 16.23
N ALA A 96 -14.36 1.66 16.83
CA ALA A 96 -14.31 1.77 18.26
C ALA A 96 -15.36 2.72 18.73
N ASP A 97 -16.19 2.27 19.63
CA ASP A 97 -17.19 3.12 20.22
C ASP A 97 -16.61 3.76 21.46
N ALA A 5 3.22 -3.21 24.37
CA ALA A 5 2.91 -4.46 23.68
C ALA A 5 1.42 -4.71 23.69
N SER A 6 0.79 -4.41 22.58
CA SER A 6 -0.62 -4.65 22.40
C SER A 6 -0.89 -4.94 20.95
N GLU A 7 -1.92 -5.69 20.68
CA GLU A 7 -2.26 -5.94 19.32
C GLU A 7 -3.21 -4.90 18.81
N ALA A 8 -2.64 -3.77 18.57
CA ALA A 8 -3.35 -2.67 18.02
C ALA A 8 -3.04 -2.67 16.56
N GLU A 9 -3.80 -3.43 15.84
CA GLU A 9 -3.59 -3.59 14.45
C GLU A 9 -4.22 -2.43 13.73
N GLN A 10 -3.40 -1.67 13.09
CA GLN A 10 -3.86 -0.52 12.39
C GLN A 10 -3.90 -0.85 10.94
N ARG A 11 -4.88 -0.35 10.29
CA ARG A 11 -5.12 -0.67 8.93
C ARG A 11 -4.47 0.39 8.09
N TYR A 12 -3.55 0.01 7.29
CA TYR A 12 -2.93 0.97 6.46
C TYR A 12 -3.43 0.77 5.08
N GLU A 13 -3.91 1.82 4.51
CA GLU A 13 -4.49 1.82 3.20
C GLU A 13 -3.48 2.50 2.28
N VAL A 14 -2.74 1.72 1.57
CA VAL A 14 -1.77 2.25 0.65
C VAL A 14 -2.42 2.30 -0.72
N GLN A 15 -2.53 3.47 -1.26
CA GLN A 15 -3.22 3.65 -2.51
C GLN A 15 -2.23 4.19 -3.54
N ILE A 16 -2.06 3.47 -4.61
CA ILE A 16 -1.13 3.85 -5.64
C ILE A 16 -1.89 4.12 -6.93
N VAL A 17 -1.70 5.28 -7.49
CA VAL A 17 -2.23 5.58 -8.80
C VAL A 17 -1.09 5.41 -9.77
N CYS A 18 -1.13 4.37 -10.53
CA CYS A 18 -0.08 4.06 -11.44
C CYS A 18 -0.63 3.78 -12.81
N ARG A 19 0.16 4.06 -13.81
CA ARG A 19 -0.17 3.73 -15.17
C ARG A 19 -0.41 2.21 -15.25
N ALA A 20 -1.44 1.80 -15.98
CA ALA A 20 -1.93 0.40 -15.98
C ALA A 20 -0.86 -0.61 -16.28
N GLU A 21 -0.04 -0.30 -17.22
CA GLU A 21 1.06 -1.16 -17.64
C GLU A 21 2.16 -1.30 -16.57
N ASP A 22 2.25 -0.34 -15.67
CA ASP A 22 3.29 -0.33 -14.64
C ASP A 22 2.82 -0.94 -13.35
N GLU A 23 1.52 -1.26 -13.29
CA GLU A 23 0.91 -1.91 -12.14
C GLU A 23 1.64 -3.20 -11.79
N ILE A 24 2.13 -3.88 -12.82
CA ILE A 24 2.88 -5.12 -12.67
C ILE A 24 4.05 -4.90 -11.71
N GLN A 25 4.85 -3.87 -12.00
CA GLN A 25 5.99 -3.51 -11.19
C GLN A 25 5.55 -3.08 -9.82
N VAL A 26 4.54 -2.24 -9.76
CA VAL A 26 4.03 -1.73 -8.48
C VAL A 26 3.63 -2.88 -7.55
N ARG A 27 2.81 -3.79 -8.06
CA ARG A 27 2.36 -4.93 -7.26
C ARG A 27 3.55 -5.78 -6.85
N SER A 28 4.44 -6.04 -7.81
CA SER A 28 5.59 -6.87 -7.59
C SER A 28 6.50 -6.24 -6.52
N LEU A 29 6.77 -4.95 -6.63
CA LEU A 29 7.62 -4.24 -5.69
C LEU A 29 7.04 -4.27 -4.28
N MET A 30 5.75 -4.01 -4.16
CA MET A 30 5.10 -4.01 -2.85
C MET A 30 5.19 -5.38 -2.22
N LEU A 31 4.90 -6.40 -3.01
CA LEU A 31 4.94 -7.78 -2.55
C LEU A 31 6.35 -8.16 -2.07
N HIS A 32 7.34 -7.88 -2.91
CA HIS A 32 8.75 -8.17 -2.57
C HIS A 32 9.22 -7.39 -1.36
N SER A 33 8.64 -6.23 -1.13
CA SER A 33 8.99 -5.40 0.01
C SER A 33 8.30 -5.83 1.30
N LEU A 34 7.34 -6.75 1.20
CA LEU A 34 6.65 -7.23 2.40
C LEU A 34 7.59 -8.07 3.26
N GLY A 35 8.63 -8.60 2.63
CA GLY A 35 9.62 -9.37 3.32
C GLY A 35 10.36 -8.52 4.33
N SER A 36 10.32 -8.95 5.59
CA SER A 36 10.97 -8.27 6.72
C SER A 36 10.22 -6.97 7.12
N SER A 37 8.96 -6.90 6.74
CA SER A 37 8.12 -5.80 7.13
C SER A 37 7.01 -6.34 8.03
N ASP A 38 6.92 -5.82 9.24
CA ASP A 38 5.93 -6.29 10.24
C ASP A 38 4.51 -5.80 9.98
N LEU A 39 4.01 -6.12 8.82
CA LEU A 39 2.65 -5.82 8.44
C LEU A 39 2.11 -6.99 7.70
N ARG A 40 0.85 -7.24 7.84
CA ARG A 40 0.23 -8.33 7.14
C ARG A 40 -0.68 -7.76 6.07
N LEU A 41 -0.43 -8.13 4.84
CA LEU A 41 -1.22 -7.67 3.73
C LEU A 41 -2.54 -8.39 3.75
N GLN A 42 -3.59 -7.66 3.94
CA GLN A 42 -4.90 -8.22 3.98
C GLN A 42 -5.38 -8.45 2.57
N SER A 43 -5.39 -7.40 1.80
CA SER A 43 -5.82 -7.46 0.43
C SER A 43 -5.13 -6.39 -0.39
N LEU A 44 -4.84 -6.73 -1.62
CA LEU A 44 -4.20 -5.86 -2.56
C LEU A 44 -5.05 -5.85 -3.82
N HIS A 45 -5.73 -4.77 -4.06
CA HIS A 45 -6.69 -4.68 -5.16
C HIS A 45 -6.25 -3.65 -6.18
N SER A 46 -6.16 -4.04 -7.41
CA SER A 46 -5.89 -3.14 -8.48
C SER A 46 -7.21 -2.79 -9.14
N GLU A 47 -7.66 -1.56 -8.97
CA GLU A 47 -8.96 -1.18 -9.46
C GLU A 47 -8.86 0.16 -10.16
N ASP A 48 -9.66 0.37 -11.15
CA ASP A 48 -9.67 1.65 -11.80
C ASP A 48 -10.86 2.44 -11.26
N LEU A 49 -10.59 3.62 -10.77
CA LEU A 49 -11.63 4.46 -10.23
C LEU A 49 -11.89 5.60 -11.17
N ASP A 50 -10.85 6.33 -11.50
CA ASP A 50 -11.00 7.48 -12.41
C ASP A 50 -10.92 7.08 -13.86
N ASN A 51 -9.90 6.35 -14.22
CA ASN A 51 -9.66 6.03 -15.61
C ASN A 51 -8.81 4.77 -15.70
N PRO A 52 -9.31 3.70 -16.39
CA PRO A 52 -8.60 2.39 -16.54
C PRO A 52 -7.16 2.47 -17.03
N ALA A 53 -6.82 3.58 -17.69
CA ALA A 53 -5.44 3.85 -18.13
C ALA A 53 -4.49 3.95 -16.92
N LYS A 54 -5.08 4.18 -15.77
CA LYS A 54 -4.38 4.22 -14.53
C LYS A 54 -5.01 3.19 -13.62
N LEU A 55 -4.24 2.27 -13.17
CA LEU A 55 -4.74 1.32 -12.24
C LEU A 55 -4.45 1.82 -10.86
N GLU A 56 -5.46 1.96 -10.09
CA GLU A 56 -5.35 2.49 -8.79
C GLU A 56 -5.38 1.33 -7.83
N VAL A 57 -4.27 1.09 -7.24
CA VAL A 57 -4.06 -0.07 -6.44
C VAL A 57 -4.20 0.29 -4.98
N ARG A 58 -4.95 -0.49 -4.26
CA ARG A 58 -5.09 -0.32 -2.84
C ARG A 58 -4.60 -1.53 -2.12
N ALA A 59 -3.80 -1.30 -1.15
CA ALA A 59 -3.29 -2.34 -0.33
C ALA A 59 -3.61 -2.06 1.10
N GLU A 60 -4.42 -2.91 1.70
CA GLU A 60 -4.74 -2.77 3.09
C GLU A 60 -3.87 -3.71 3.88
N LEU A 61 -3.07 -3.18 4.75
CA LEU A 61 -2.18 -3.97 5.57
C LEU A 61 -2.48 -3.73 7.03
N LEU A 62 -2.44 -4.78 7.81
CA LEU A 62 -2.56 -4.66 9.24
C LEU A 62 -1.18 -4.61 9.83
N GLY A 63 -0.85 -3.51 10.44
CA GLY A 63 0.44 -3.36 11.06
C GLY A 63 0.29 -2.61 12.34
N THR A 64 1.32 -2.54 13.12
CA THR A 64 1.25 -1.82 14.36
C THR A 64 1.54 -0.34 14.12
N PRO A 65 1.04 0.56 15.00
CA PRO A 65 1.27 2.01 14.84
C PRO A 65 2.74 2.36 15.08
N GLU A 66 3.45 1.42 15.69
CA GLU A 66 4.83 1.57 16.08
C GLU A 66 5.77 1.04 14.98
N ALA A 67 5.28 1.00 13.75
CA ALA A 67 6.08 0.54 12.60
C ALA A 67 5.98 1.51 11.37
N PRO A 68 6.05 2.88 11.55
CA PRO A 68 5.88 3.84 10.42
C PRO A 68 6.98 3.71 9.34
N ALA A 69 8.17 3.26 9.76
CA ALA A 69 9.30 3.13 8.84
C ALA A 69 9.03 2.10 7.76
N GLN A 70 8.22 1.12 8.07
CA GLN A 70 7.88 0.07 7.14
C GLN A 70 7.00 0.62 6.04
N LEU A 71 6.11 1.52 6.42
CA LEU A 71 5.25 2.19 5.47
C LEU A 71 6.08 3.04 4.55
N GLU A 72 7.00 3.80 5.13
CA GLU A 72 7.90 4.64 4.35
C GLU A 72 8.75 3.81 3.39
N ARG A 73 9.15 2.63 3.82
CA ARG A 73 9.89 1.71 2.97
C ARG A 73 9.05 1.33 1.75
N LEU A 74 7.81 0.94 2.00
CA LEU A 74 6.90 0.57 0.93
C LEU A 74 6.67 1.75 -0.02
N VAL A 75 6.36 2.90 0.57
CA VAL A 75 6.08 4.11 -0.19
C VAL A 75 7.29 4.55 -1.03
N SER A 76 8.48 4.51 -0.45
CA SER A 76 9.66 4.90 -1.20
C SER A 76 9.95 3.91 -2.33
N ARG A 77 9.74 2.63 -2.04
CA ARG A 77 9.95 1.57 -3.02
C ARG A 77 9.04 1.77 -4.22
N VAL A 78 7.81 2.16 -3.97
CA VAL A 78 6.86 2.45 -5.05
C VAL A 78 7.24 3.74 -5.78
N SER A 79 7.65 4.74 -5.01
CA SER A 79 8.01 6.04 -5.56
C SER A 79 9.26 5.97 -6.45
N LEU A 80 10.10 4.97 -6.23
CA LEU A 80 11.27 4.77 -7.06
C LEU A 80 10.88 4.21 -8.44
N GLU A 81 9.65 3.76 -8.57
CA GLU A 81 9.20 3.25 -9.83
C GLU A 81 8.57 4.36 -10.66
N LYS A 82 8.85 4.33 -11.93
CA LYS A 82 8.32 5.25 -12.88
C LYS A 82 6.96 4.79 -13.36
N GLY A 83 6.06 5.70 -13.59
CA GLY A 83 4.73 5.34 -14.03
C GLY A 83 3.75 5.48 -12.90
N VAL A 84 4.27 5.82 -11.75
CA VAL A 84 3.46 6.06 -10.59
C VAL A 84 3.17 7.54 -10.55
N SER A 85 1.91 7.88 -10.63
CA SER A 85 1.51 9.26 -10.64
C SER A 85 1.50 9.81 -9.22
N SER A 86 1.00 9.00 -8.30
CA SER A 86 0.88 9.40 -6.93
C SER A 86 0.72 8.16 -6.04
N VAL A 87 1.16 8.26 -4.81
CA VAL A 87 1.01 7.21 -3.84
C VAL A 87 0.56 7.81 -2.52
N ARG A 88 -0.47 7.24 -1.95
CA ARG A 88 -1.04 7.71 -0.72
C ARG A 88 -0.99 6.59 0.27
N TRP A 89 -0.93 6.91 1.52
CA TRP A 89 -1.11 5.91 2.53
C TRP A 89 -1.84 6.57 3.68
N GLN A 90 -2.83 5.88 4.15
CA GLN A 90 -3.68 6.40 5.21
C GLN A 90 -3.74 5.39 6.31
N VAL A 91 -3.84 5.86 7.52
CA VAL A 91 -3.89 4.99 8.66
C VAL A 91 -5.32 4.94 9.17
N PHE A 92 -5.95 3.85 8.95
CA PHE A 92 -7.28 3.62 9.43
C PHE A 92 -7.19 2.96 10.75
N GLU A 93 -7.85 3.55 11.68
CA GLU A 93 -7.82 3.12 13.02
C GLU A 93 -9.19 2.65 13.38
N LEU A 94 -9.34 2.14 14.57
CA LEU A 94 -10.62 1.70 15.02
C LEU A 94 -11.45 2.91 15.37
N ALA A 95 -12.63 2.99 14.81
CA ALA A 95 -13.54 4.04 15.15
C ALA A 95 -14.10 3.73 16.51
N ALA A 96 -13.70 4.50 17.48
CA ALA A 96 -14.09 4.27 18.84
C ALA A 96 -15.53 4.68 19.08
N ASP A 97 -16.40 3.72 18.99
CA ASP A 97 -17.80 3.89 19.27
C ASP A 97 -18.17 2.83 20.25
N ALA A 5 2.26 -6.30 22.52
CA ALA A 5 2.76 -5.48 23.62
C ALA A 5 2.03 -4.15 23.65
N SER A 6 1.97 -3.49 22.54
CA SER A 6 1.24 -2.28 22.42
C SER A 6 0.01 -2.53 21.56
N GLU A 7 -1.05 -3.00 22.18
CA GLU A 7 -2.24 -3.35 21.42
C GLU A 7 -3.08 -2.17 21.06
N ALA A 8 -2.72 -1.60 19.99
CA ALA A 8 -3.42 -0.56 19.33
C ALA A 8 -3.12 -0.74 17.87
N GLU A 9 -3.76 -1.70 17.29
CA GLU A 9 -3.49 -2.08 15.93
C GLU A 9 -4.26 -1.20 14.98
N GLN A 10 -3.67 -0.93 13.87
CA GLN A 10 -4.23 -0.06 12.90
C GLN A 10 -4.18 -0.74 11.56
N ARG A 11 -4.95 -0.27 10.65
CA ARG A 11 -5.05 -0.84 9.33
C ARG A 11 -4.57 0.19 8.34
N TYR A 12 -3.67 -0.20 7.49
CA TYR A 12 -3.10 0.72 6.54
C TYR A 12 -3.52 0.37 5.14
N GLU A 13 -4.03 1.34 4.44
CA GLU A 13 -4.35 1.16 3.05
C GLU A 13 -3.42 1.96 2.20
N VAL A 14 -2.56 1.27 1.53
CA VAL A 14 -1.63 1.88 0.62
C VAL A 14 -2.34 1.98 -0.71
N GLN A 15 -2.53 3.18 -1.16
CA GLN A 15 -3.24 3.44 -2.38
C GLN A 15 -2.30 3.96 -3.41
N ILE A 16 -2.14 3.20 -4.45
CA ILE A 16 -1.21 3.55 -5.47
C ILE A 16 -1.91 3.76 -6.79
N VAL A 17 -2.08 5.00 -7.18
CA VAL A 17 -2.67 5.31 -8.45
C VAL A 17 -1.55 5.25 -9.48
N CYS A 18 -1.54 4.19 -10.23
CA CYS A 18 -0.50 3.96 -11.18
C CYS A 18 -1.07 3.54 -12.53
N ARG A 19 -0.35 3.84 -13.56
CA ARG A 19 -0.68 3.45 -14.92
C ARG A 19 -0.86 1.92 -15.01
N ALA A 20 -1.86 1.48 -15.76
CA ALA A 20 -2.24 0.07 -15.92
C ALA A 20 -1.07 -0.76 -16.36
N GLU A 21 -0.35 -0.22 -17.29
CA GLU A 21 0.80 -0.86 -17.89
C GLU A 21 1.98 -0.92 -16.93
N ASP A 22 1.91 -0.18 -15.85
CA ASP A 22 3.00 -0.15 -14.89
C ASP A 22 2.61 -0.78 -13.57
N GLU A 23 1.32 -1.16 -13.46
CA GLU A 23 0.77 -1.81 -12.27
C GLU A 23 1.57 -3.04 -11.90
N ILE A 24 1.92 -3.82 -12.93
CA ILE A 24 2.67 -5.04 -12.75
C ILE A 24 4.01 -4.78 -12.04
N GLN A 25 4.70 -3.73 -12.47
CA GLN A 25 5.98 -3.37 -11.90
C GLN A 25 5.80 -2.93 -10.45
N VAL A 26 4.90 -1.98 -10.25
CA VAL A 26 4.63 -1.41 -8.94
C VAL A 26 4.20 -2.51 -7.94
N ARG A 27 3.30 -3.36 -8.38
CA ARG A 27 2.78 -4.44 -7.57
C ARG A 27 3.88 -5.44 -7.23
N SER A 28 4.75 -5.70 -8.20
CA SER A 28 5.87 -6.60 -8.02
C SER A 28 6.80 -6.08 -6.91
N LEU A 29 7.12 -4.79 -6.96
CA LEU A 29 7.97 -4.19 -5.93
C LEU A 29 7.31 -4.27 -4.58
N MET A 30 6.04 -3.91 -4.51
CA MET A 30 5.27 -3.96 -3.25
C MET A 30 5.31 -5.34 -2.65
N LEU A 31 5.04 -6.34 -3.48
CA LEU A 31 5.02 -7.73 -3.06
C LEU A 31 6.37 -8.14 -2.48
N HIS A 32 7.44 -7.93 -3.23
CA HIS A 32 8.78 -8.31 -2.79
C HIS A 32 9.24 -7.53 -1.57
N SER A 33 8.71 -6.35 -1.39
CA SER A 33 9.05 -5.51 -0.28
C SER A 33 8.27 -5.88 1.00
N LEU A 34 7.26 -6.76 0.89
CA LEU A 34 6.46 -7.16 2.06
C LEU A 34 7.25 -8.04 3.04
N GLY A 35 8.43 -8.44 2.62
CA GLY A 35 9.29 -9.22 3.46
C GLY A 35 10.04 -8.34 4.43
N SER A 36 10.17 -8.81 5.68
CA SER A 36 10.86 -8.09 6.75
C SER A 36 10.01 -6.92 7.29
N SER A 37 8.76 -6.88 6.87
CA SER A 37 7.82 -5.88 7.32
C SER A 37 6.85 -6.52 8.32
N ASP A 38 6.60 -5.85 9.44
CA ASP A 38 5.68 -6.39 10.48
C ASP A 38 4.23 -6.07 10.18
N LEU A 39 3.92 -5.92 8.93
CA LEU A 39 2.60 -5.61 8.50
C LEU A 39 2.01 -6.81 7.80
N ARG A 40 0.86 -7.25 8.22
CA ARG A 40 0.19 -8.38 7.63
C ARG A 40 -0.68 -7.93 6.49
N LEU A 41 -0.38 -8.37 5.30
CA LEU A 41 -1.17 -8.05 4.14
C LEU A 41 -2.47 -8.81 4.22
N GLN A 42 -3.55 -8.09 4.16
CA GLN A 42 -4.85 -8.71 4.16
C GLN A 42 -5.22 -9.07 2.74
N SER A 43 -5.30 -8.07 1.91
CA SER A 43 -5.56 -8.20 0.49
C SER A 43 -5.20 -6.89 -0.20
N LEU A 44 -4.92 -6.94 -1.46
CA LEU A 44 -4.62 -5.77 -2.23
C LEU A 44 -5.35 -5.89 -3.55
N HIS A 45 -5.89 -4.81 -4.02
CA HIS A 45 -6.68 -4.82 -5.23
C HIS A 45 -6.30 -3.68 -6.14
N SER A 46 -6.09 -3.97 -7.40
CA SER A 46 -5.80 -2.96 -8.38
C SER A 46 -7.11 -2.60 -9.08
N GLU A 47 -7.66 -1.44 -8.78
CA GLU A 47 -8.92 -1.04 -9.35
C GLU A 47 -8.76 0.32 -10.00
N ASP A 48 -9.28 0.51 -11.18
CA ASP A 48 -9.17 1.81 -11.86
C ASP A 48 -10.33 2.69 -11.49
N LEU A 49 -10.04 3.86 -10.94
CA LEU A 49 -11.10 4.77 -10.51
C LEU A 49 -11.23 5.97 -11.43
N ASP A 50 -10.25 6.87 -11.39
CA ASP A 50 -10.28 8.15 -12.14
C ASP A 50 -10.28 7.92 -13.60
N ASN A 51 -9.32 7.17 -14.03
CA ASN A 51 -9.09 6.93 -15.43
C ASN A 51 -8.77 5.47 -15.57
N PRO A 52 -9.31 4.78 -16.58
CA PRO A 52 -9.06 3.35 -16.79
C PRO A 52 -7.58 2.99 -16.98
N ALA A 53 -6.76 3.98 -17.34
CA ALA A 53 -5.35 3.75 -17.51
C ALA A 53 -4.61 3.90 -16.20
N LYS A 54 -5.30 4.35 -15.17
CA LYS A 54 -4.72 4.47 -13.84
C LYS A 54 -5.43 3.56 -12.85
N LEU A 55 -4.75 2.54 -12.47
CA LEU A 55 -5.22 1.57 -11.52
C LEU A 55 -4.73 1.98 -10.18
N GLU A 56 -5.59 1.95 -9.23
CA GLU A 56 -5.28 2.29 -7.90
C GLU A 56 -5.12 0.97 -7.20
N VAL A 57 -3.93 0.72 -6.85
CA VAL A 57 -3.54 -0.51 -6.19
C VAL A 57 -3.66 -0.26 -4.73
N ARG A 58 -4.67 -0.80 -4.18
CA ARG A 58 -5.04 -0.56 -2.84
C ARG A 58 -4.70 -1.77 -2.02
N ALA A 59 -3.69 -1.65 -1.22
CA ALA A 59 -3.22 -2.73 -0.39
C ALA A 59 -3.51 -2.45 1.06
N GLU A 60 -4.27 -3.33 1.69
CA GLU A 60 -4.61 -3.18 3.08
C GLU A 60 -3.73 -4.09 3.93
N LEU A 61 -2.99 -3.51 4.83
CA LEU A 61 -2.13 -4.24 5.72
C LEU A 61 -2.48 -3.89 7.17
N LEU A 62 -2.48 -4.86 8.03
CA LEU A 62 -2.73 -4.64 9.45
C LEU A 62 -1.39 -4.55 10.17
N GLY A 63 -1.29 -3.65 11.12
CA GLY A 63 -0.07 -3.53 11.87
C GLY A 63 -0.20 -2.57 13.00
N THR A 64 0.90 -2.17 13.55
CA THR A 64 0.92 -1.25 14.65
C THR A 64 1.55 0.09 14.22
N PRO A 65 1.26 1.20 14.95
CA PRO A 65 1.83 2.53 14.67
C PRO A 65 3.35 2.59 14.87
N GLU A 66 3.91 1.53 15.43
CA GLU A 66 5.34 1.46 15.68
C GLU A 66 6.08 0.84 14.48
N ALA A 67 5.41 0.75 13.35
CA ALA A 67 6.02 0.20 12.15
C ALA A 67 5.86 1.11 10.88
N PRO A 68 5.90 2.49 10.98
CA PRO A 68 5.67 3.35 9.80
C PRO A 68 6.83 3.29 8.81
N ALA A 69 7.98 2.87 9.32
CA ALA A 69 9.19 2.74 8.54
C ALA A 69 9.01 1.80 7.37
N GLN A 70 8.23 0.75 7.58
CA GLN A 70 7.96 -0.22 6.55
C GLN A 70 7.07 0.37 5.50
N LEU A 71 6.08 1.14 5.92
CA LEU A 71 5.18 1.80 5.00
C LEU A 71 5.97 2.78 4.15
N GLU A 72 6.84 3.55 4.78
CA GLU A 72 7.70 4.48 4.08
C GLU A 72 8.62 3.77 3.10
N ARG A 73 9.07 2.58 3.49
CA ARG A 73 9.89 1.72 2.63
C ARG A 73 9.10 1.32 1.39
N LEU A 74 7.90 0.82 1.62
CA LEU A 74 6.99 0.40 0.54
C LEU A 74 6.74 1.59 -0.38
N VAL A 75 6.38 2.72 0.21
CA VAL A 75 6.12 3.95 -0.52
C VAL A 75 7.35 4.40 -1.31
N SER A 76 8.55 4.32 -0.73
CA SER A 76 9.75 4.71 -1.46
C SER A 76 9.98 3.80 -2.68
N ARG A 77 9.69 2.50 -2.54
CA ARG A 77 9.78 1.56 -3.63
C ARG A 77 8.85 1.97 -4.74
N VAL A 78 7.62 2.28 -4.35
CA VAL A 78 6.59 2.73 -5.27
C VAL A 78 6.99 4.04 -5.93
N SER A 79 7.50 4.96 -5.13
CA SER A 79 7.88 6.27 -5.57
C SER A 79 9.02 6.22 -6.60
N LEU A 80 9.91 5.23 -6.46
CA LEU A 80 11.01 5.08 -7.39
C LEU A 80 10.58 4.37 -8.67
N GLU A 81 9.42 3.75 -8.65
CA GLU A 81 8.94 3.03 -9.77
C GLU A 81 8.11 3.94 -10.66
N LYS A 82 8.17 3.72 -11.94
CA LYS A 82 7.47 4.54 -12.88
C LYS A 82 6.04 4.08 -13.06
N GLY A 83 5.18 5.01 -13.38
CA GLY A 83 3.79 4.70 -13.58
C GLY A 83 2.93 5.24 -12.48
N VAL A 84 3.55 5.53 -11.37
CA VAL A 84 2.86 6.02 -10.20
C VAL A 84 2.54 7.49 -10.35
N SER A 85 1.29 7.77 -10.55
CA SER A 85 0.82 9.12 -10.69
C SER A 85 0.57 9.76 -9.33
N SER A 86 0.11 8.96 -8.39
CA SER A 86 -0.14 9.42 -7.04
C SER A 86 -0.05 8.24 -6.08
N VAL A 87 0.74 8.39 -5.05
CA VAL A 87 0.87 7.34 -4.05
C VAL A 87 0.50 7.88 -2.68
N ARG A 88 -0.42 7.21 -2.05
CA ARG A 88 -0.87 7.58 -0.73
C ARG A 88 -0.86 6.36 0.13
N TRP A 89 -0.69 6.54 1.38
CA TRP A 89 -0.91 5.47 2.29
C TRP A 89 -1.70 6.03 3.41
N GLN A 90 -2.70 5.34 3.83
CA GLN A 90 -3.60 5.89 4.78
C GLN A 90 -3.65 5.05 6.01
N VAL A 91 -3.45 5.67 7.14
CA VAL A 91 -3.54 4.99 8.40
C VAL A 91 -4.99 5.03 8.83
N PHE A 92 -5.66 3.94 8.70
CA PHE A 92 -7.03 3.87 9.08
C PHE A 92 -7.18 3.35 10.47
N GLU A 93 -8.26 3.69 11.06
CA GLU A 93 -8.50 3.43 12.45
C GLU A 93 -9.38 2.21 12.61
N LEU A 94 -9.63 1.87 13.82
CA LEU A 94 -10.61 0.90 14.15
C LEU A 94 -11.60 1.64 14.98
N ALA A 95 -12.87 1.50 14.67
CA ALA A 95 -13.95 2.27 15.31
C ALA A 95 -13.82 2.27 16.83
N ALA A 96 -13.58 3.43 17.38
CA ALA A 96 -13.43 3.59 18.81
C ALA A 96 -14.79 3.64 19.48
N ASP A 97 -14.78 3.61 20.77
CA ASP A 97 -16.00 3.68 21.53
C ASP A 97 -15.85 4.73 22.57
N ALA A 5 0.69 -7.41 15.96
CA ALA A 5 0.66 -8.68 15.25
C ALA A 5 -0.71 -9.32 15.37
N SER A 6 -1.37 -9.12 16.49
CA SER A 6 -2.73 -9.60 16.68
C SER A 6 -3.50 -8.63 17.57
N GLU A 7 -2.92 -7.48 17.83
CA GLU A 7 -3.46 -6.55 18.79
C GLU A 7 -3.20 -5.13 18.34
N ALA A 8 -4.28 -4.33 18.32
CA ALA A 8 -4.26 -2.92 17.93
C ALA A 8 -3.82 -2.78 16.48
N GLU A 9 -4.21 -3.78 15.69
CA GLU A 9 -3.88 -3.82 14.28
C GLU A 9 -4.64 -2.74 13.56
N GLN A 10 -3.92 -1.86 12.95
CA GLN A 10 -4.51 -0.79 12.21
C GLN A 10 -4.27 -1.05 10.74
N ARG A 11 -5.19 -0.64 9.92
CA ARG A 11 -5.10 -0.91 8.52
C ARG A 11 -4.43 0.24 7.85
N TYR A 12 -3.49 -0.04 7.05
CA TYR A 12 -2.88 0.98 6.29
C TYR A 12 -3.32 0.79 4.89
N GLU A 13 -3.84 1.82 4.33
CA GLU A 13 -4.35 1.78 3.03
C GLU A 13 -3.36 2.46 2.11
N VAL A 14 -2.65 1.67 1.40
CA VAL A 14 -1.69 2.15 0.48
C VAL A 14 -2.31 2.08 -0.89
N GLN A 15 -2.67 3.20 -1.40
CA GLN A 15 -3.33 3.27 -2.66
C GLN A 15 -2.35 3.81 -3.67
N ILE A 16 -1.97 2.97 -4.57
CA ILE A 16 -1.00 3.31 -5.55
C ILE A 16 -1.69 3.68 -6.84
N VAL A 17 -1.54 4.90 -7.25
CA VAL A 17 -2.06 5.35 -8.50
C VAL A 17 -0.97 5.11 -9.53
N CYS A 18 -1.15 4.14 -10.36
CA CYS A 18 -0.13 3.76 -11.29
C CYS A 18 -0.72 3.40 -12.63
N ARG A 19 0.13 3.25 -13.60
CA ARG A 19 -0.24 2.82 -14.92
C ARG A 19 -0.75 1.39 -14.91
N ALA A 20 -1.70 1.10 -15.77
CA ALA A 20 -2.33 -0.20 -15.87
C ALA A 20 -1.35 -1.24 -16.34
N GLU A 21 -0.43 -0.81 -17.17
CA GLU A 21 0.61 -1.68 -17.72
C GLU A 21 1.71 -1.89 -16.70
N ASP A 22 1.64 -1.18 -15.61
CA ASP A 22 2.64 -1.29 -14.56
C ASP A 22 2.07 -1.92 -13.33
N GLU A 23 0.83 -2.44 -13.45
CA GLU A 23 0.13 -3.08 -12.34
C GLU A 23 0.95 -4.26 -11.79
N ILE A 24 1.40 -5.12 -12.70
CA ILE A 24 2.16 -6.30 -12.31
C ILE A 24 3.44 -5.89 -11.62
N GLN A 25 4.09 -4.86 -12.13
CA GLN A 25 5.29 -4.31 -11.52
C GLN A 25 5.00 -3.84 -10.11
N VAL A 26 3.99 -3.01 -9.96
CA VAL A 26 3.62 -2.46 -8.67
C VAL A 26 3.29 -3.56 -7.68
N ARG A 27 2.45 -4.49 -8.09
CA ARG A 27 2.05 -5.59 -7.23
C ARG A 27 3.24 -6.47 -6.85
N SER A 28 4.11 -6.78 -7.80
CA SER A 28 5.25 -7.62 -7.51
C SER A 28 6.27 -6.85 -6.66
N LEU A 29 6.32 -5.54 -6.84
CA LEU A 29 7.19 -4.68 -6.08
C LEU A 29 6.68 -4.55 -4.65
N MET A 30 5.37 -4.45 -4.50
CA MET A 30 4.73 -4.41 -3.17
C MET A 30 5.08 -5.66 -2.42
N LEU A 31 4.90 -6.80 -3.08
CA LEU A 31 5.24 -8.11 -2.51
C LEU A 31 6.72 -8.14 -2.15
N HIS A 32 7.55 -7.71 -3.09
CA HIS A 32 9.01 -7.65 -2.95
C HIS A 32 9.38 -6.88 -1.67
N SER A 33 8.76 -5.74 -1.50
CA SER A 33 9.04 -4.85 -0.39
C SER A 33 8.52 -5.42 0.94
N LEU A 34 7.62 -6.41 0.88
CA LEU A 34 7.07 -7.01 2.08
C LEU A 34 8.02 -8.05 2.64
N GLY A 35 9.04 -8.35 1.86
CA GLY A 35 10.07 -9.25 2.29
C GLY A 35 10.80 -8.67 3.45
N SER A 36 10.56 -9.25 4.62
CA SER A 36 11.09 -8.79 5.87
C SER A 36 10.49 -7.42 6.25
N SER A 37 9.32 -7.47 6.83
CA SER A 37 8.61 -6.28 7.28
C SER A 37 7.62 -6.69 8.37
N ASP A 38 6.97 -5.73 9.00
CA ASP A 38 5.99 -6.03 10.05
C ASP A 38 4.58 -5.84 9.55
N LEU A 39 4.44 -5.65 8.27
CA LEU A 39 3.13 -5.41 7.70
C LEU A 39 2.58 -6.65 7.08
N ARG A 40 1.42 -7.03 7.52
CA ARG A 40 0.77 -8.19 7.03
C ARG A 40 -0.24 -7.76 5.98
N LEU A 41 -0.03 -8.21 4.77
CA LEU A 41 -0.86 -7.80 3.65
C LEU A 41 -2.20 -8.50 3.68
N GLN A 42 -3.25 -7.73 3.49
CA GLN A 42 -4.57 -8.28 3.38
C GLN A 42 -4.82 -8.61 1.92
N SER A 43 -4.84 -7.58 1.11
CA SER A 43 -5.09 -7.70 -0.30
C SER A 43 -4.84 -6.38 -0.99
N LEU A 44 -4.68 -6.42 -2.29
CA LEU A 44 -4.56 -5.24 -3.10
C LEU A 44 -5.38 -5.40 -4.35
N HIS A 45 -6.22 -4.44 -4.60
CA HIS A 45 -7.13 -4.49 -5.72
C HIS A 45 -6.91 -3.34 -6.66
N SER A 46 -6.90 -3.64 -7.94
CA SER A 46 -6.78 -2.64 -8.97
C SER A 46 -8.17 -2.08 -9.23
N GLU A 47 -8.37 -0.83 -8.94
CA GLU A 47 -9.65 -0.22 -9.10
C GLU A 47 -9.50 1.06 -9.90
N ASP A 48 -10.44 1.33 -10.75
CA ASP A 48 -10.43 2.57 -11.48
C ASP A 48 -11.39 3.54 -10.83
N LEU A 49 -10.88 4.65 -10.39
CA LEU A 49 -11.74 5.65 -9.78
C LEU A 49 -11.81 6.86 -10.67
N ASP A 50 -10.90 7.76 -10.48
CA ASP A 50 -10.83 8.96 -11.29
C ASP A 50 -9.96 8.70 -12.46
N ASN A 51 -9.19 7.66 -12.37
CA ASN A 51 -8.28 7.27 -13.39
C ASN A 51 -8.74 5.99 -14.03
N PRO A 52 -9.42 6.08 -15.19
CA PRO A 52 -9.83 4.91 -15.94
C PRO A 52 -8.71 4.37 -16.85
N ALA A 53 -7.75 5.22 -17.21
CA ALA A 53 -6.66 4.83 -18.08
C ALA A 53 -5.52 4.24 -17.26
N LYS A 54 -5.41 4.71 -16.06
CA LYS A 54 -4.45 4.19 -15.12
C LYS A 54 -5.23 3.39 -14.09
N LEU A 55 -4.58 2.86 -13.10
CA LEU A 55 -5.24 2.07 -12.09
C LEU A 55 -4.86 2.54 -10.73
N GLU A 56 -5.84 2.68 -9.88
CA GLU A 56 -5.61 3.05 -8.53
C GLU A 56 -5.73 1.77 -7.71
N VAL A 57 -4.63 1.32 -7.22
CA VAL A 57 -4.54 0.04 -6.54
C VAL A 57 -4.56 0.23 -5.05
N ARG A 58 -5.59 -0.23 -4.43
CA ARG A 58 -5.75 -0.12 -3.01
C ARG A 58 -5.23 -1.37 -2.32
N ALA A 59 -4.10 -1.23 -1.66
CA ALA A 59 -3.49 -2.29 -0.91
C ALA A 59 -3.71 -2.03 0.56
N GLU A 60 -4.27 -2.99 1.22
CA GLU A 60 -4.56 -2.90 2.62
C GLU A 60 -3.60 -3.77 3.39
N LEU A 61 -2.85 -3.15 4.26
CA LEU A 61 -1.88 -3.85 5.07
C LEU A 61 -2.21 -3.65 6.52
N LEU A 62 -2.09 -4.68 7.31
CA LEU A 62 -2.34 -4.57 8.73
C LEU A 62 -1.03 -4.44 9.46
N GLY A 63 -0.94 -3.45 10.29
CA GLY A 63 0.24 -3.22 11.04
C GLY A 63 -0.05 -2.44 12.27
N THR A 64 0.95 -2.21 13.05
CA THR A 64 0.81 -1.47 14.26
C THR A 64 1.39 -0.07 14.05
N PRO A 65 1.08 0.91 14.94
CA PRO A 65 1.56 2.31 14.81
C PRO A 65 3.06 2.43 14.98
N GLU A 66 3.69 1.35 15.39
CA GLU A 66 5.10 1.34 15.67
C GLU A 66 5.90 0.82 14.47
N ALA A 67 5.27 0.80 13.31
CA ALA A 67 5.94 0.37 12.08
C ALA A 67 5.80 1.38 10.89
N PRO A 68 5.79 2.75 11.11
CA PRO A 68 5.58 3.71 10.02
C PRO A 68 6.78 3.79 9.07
N ALA A 69 7.96 3.55 9.61
CA ALA A 69 9.21 3.57 8.84
C ALA A 69 9.17 2.51 7.74
N GLN A 70 8.60 1.36 8.09
CA GLN A 70 8.45 0.26 7.15
C GLN A 70 7.51 0.68 6.03
N LEU A 71 6.40 1.30 6.42
CA LEU A 71 5.40 1.80 5.47
C LEU A 71 6.00 2.81 4.52
N GLU A 72 6.73 3.77 5.05
CA GLU A 72 7.32 4.79 4.23
C GLU A 72 8.37 4.23 3.30
N ARG A 73 9.07 3.18 3.76
CA ARG A 73 10.02 2.48 2.90
C ARG A 73 9.28 1.91 1.69
N LEU A 74 8.16 1.26 1.96
CA LEU A 74 7.33 0.67 0.90
C LEU A 74 6.87 1.77 -0.05
N VAL A 75 6.26 2.79 0.53
CA VAL A 75 5.75 3.94 -0.22
C VAL A 75 6.82 4.58 -1.10
N SER A 76 8.00 4.81 -0.55
CA SER A 76 9.05 5.42 -1.30
C SER A 76 9.58 4.50 -2.39
N ARG A 77 9.77 3.21 -2.06
CA ARG A 77 10.32 2.26 -3.04
C ARG A 77 9.41 2.14 -4.26
N VAL A 78 8.11 2.13 -4.03
CA VAL A 78 7.16 2.06 -5.11
C VAL A 78 7.12 3.38 -5.88
N SER A 79 7.16 4.50 -5.16
CA SER A 79 7.10 5.82 -5.78
C SER A 79 8.38 6.12 -6.59
N LEU A 80 9.47 5.42 -6.28
CA LEU A 80 10.73 5.58 -7.02
C LEU A 80 10.67 4.90 -8.37
N GLU A 81 9.74 3.99 -8.52
CA GLU A 81 9.63 3.26 -9.76
C GLU A 81 8.79 3.96 -10.77
N LYS A 82 9.11 3.72 -11.99
CA LYS A 82 8.43 4.31 -13.13
C LYS A 82 7.05 3.69 -13.28
N GLY A 83 6.12 4.47 -13.76
CA GLY A 83 4.78 3.97 -13.98
C GLY A 83 3.87 4.31 -12.84
N VAL A 84 4.47 4.66 -11.73
CA VAL A 84 3.75 5.03 -10.56
C VAL A 84 3.57 6.54 -10.56
N SER A 85 2.32 6.95 -10.55
CA SER A 85 1.98 8.34 -10.62
C SER A 85 2.07 8.92 -9.21
N SER A 86 1.53 8.20 -8.24
CA SER A 86 1.54 8.64 -6.86
C SER A 86 1.20 7.48 -5.92
N VAL A 87 1.73 7.52 -4.72
CA VAL A 87 1.43 6.51 -3.72
C VAL A 87 0.85 7.21 -2.51
N ARG A 88 -0.38 6.94 -2.23
CA ARG A 88 -1.07 7.57 -1.12
C ARG A 88 -1.27 6.56 -0.03
N TRP A 89 -0.84 6.85 1.18
CA TRP A 89 -1.07 5.93 2.26
C TRP A 89 -1.90 6.59 3.35
N GLN A 90 -2.87 5.88 3.84
CA GLN A 90 -3.75 6.39 4.87
C GLN A 90 -3.83 5.39 6.00
N VAL A 91 -3.96 5.88 7.19
CA VAL A 91 -4.10 5.02 8.35
C VAL A 91 -5.57 4.87 8.69
N PHE A 92 -6.08 3.70 8.50
CA PHE A 92 -7.43 3.41 8.86
C PHE A 92 -7.35 2.65 10.14
N GLU A 93 -7.67 3.30 11.17
CA GLU A 93 -7.52 2.73 12.45
C GLU A 93 -8.83 2.12 12.93
N LEU A 94 -8.82 1.61 14.14
CA LEU A 94 -9.99 1.02 14.74
C LEU A 94 -10.96 2.11 15.08
N ALA A 95 -12.12 2.10 14.48
CA ALA A 95 -13.12 3.08 14.78
C ALA A 95 -13.93 2.62 15.96
N ALA A 96 -13.44 2.96 17.13
CA ALA A 96 -14.03 2.54 18.38
C ALA A 96 -15.10 3.52 18.83
N ASP A 97 -15.33 4.52 18.01
CA ASP A 97 -16.34 5.51 18.26
C ASP A 97 -17.61 5.07 17.56
N ALA A 5 1.34 -9.64 24.39
CA ALA A 5 1.02 -9.17 23.05
C ALA A 5 -0.31 -8.48 23.08
N SER A 6 -0.43 -7.44 22.32
CA SER A 6 -1.65 -6.70 22.19
C SER A 6 -1.72 -6.23 20.76
N GLU A 7 -2.50 -6.93 19.95
CA GLU A 7 -2.53 -6.65 18.55
C GLU A 7 -3.41 -5.47 18.18
N ALA A 8 -2.83 -4.32 18.31
CA ALA A 8 -3.44 -3.11 17.89
C ALA A 8 -3.03 -2.87 16.47
N GLU A 9 -3.76 -3.48 15.60
CA GLU A 9 -3.46 -3.44 14.21
C GLU A 9 -4.11 -2.24 13.59
N GLN A 10 -3.33 -1.46 12.95
CA GLN A 10 -3.83 -0.35 12.26
C GLN A 10 -3.84 -0.73 10.80
N ARG A 11 -4.84 -0.32 10.11
CA ARG A 11 -4.95 -0.68 8.74
C ARG A 11 -4.19 0.33 7.96
N TYR A 12 -3.26 -0.11 7.23
CA TYR A 12 -2.55 0.76 6.40
C TYR A 12 -3.02 0.48 5.02
N GLU A 13 -3.44 1.49 4.38
CA GLU A 13 -3.99 1.37 3.08
C GLU A 13 -3.20 2.20 2.13
N VAL A 14 -2.36 1.53 1.40
CA VAL A 14 -1.50 2.17 0.45
C VAL A 14 -2.19 2.16 -0.89
N GLN A 15 -2.53 3.33 -1.36
CA GLN A 15 -3.21 3.50 -2.61
C GLN A 15 -2.24 4.08 -3.61
N ILE A 16 -1.85 3.27 -4.53
CA ILE A 16 -0.89 3.65 -5.52
C ILE A 16 -1.58 3.85 -6.86
N VAL A 17 -1.60 5.06 -7.32
CA VAL A 17 -2.18 5.37 -8.61
C VAL A 17 -1.08 5.18 -9.64
N CYS A 18 -1.17 4.13 -10.39
CA CYS A 18 -0.13 3.80 -11.33
C CYS A 18 -0.72 3.44 -12.69
N ARG A 19 0.09 3.55 -13.70
CA ARG A 19 -0.27 3.20 -15.06
C ARG A 19 -0.59 1.69 -15.14
N ALA A 20 -1.57 1.32 -15.97
CA ALA A 20 -1.99 -0.10 -16.16
C ALA A 20 -0.82 -0.97 -16.46
N GLU A 21 -0.06 -0.49 -17.39
CA GLU A 21 1.09 -1.12 -17.93
C GLU A 21 2.18 -1.35 -16.85
N ASP A 22 2.09 -0.63 -15.75
CA ASP A 22 3.08 -0.71 -14.70
C ASP A 22 2.51 -1.28 -13.42
N GLU A 23 1.19 -1.48 -13.38
CA GLU A 23 0.47 -2.02 -12.22
C GLU A 23 1.09 -3.32 -11.76
N ILE A 24 1.40 -4.20 -12.72
CA ILE A 24 2.00 -5.49 -12.43
C ILE A 24 3.32 -5.33 -11.66
N GLN A 25 4.16 -4.43 -12.15
CA GLN A 25 5.47 -4.22 -11.57
C GLN A 25 5.35 -3.60 -10.18
N VAL A 26 4.47 -2.62 -10.07
CA VAL A 26 4.19 -1.94 -8.80
C VAL A 26 3.68 -2.95 -7.76
N ARG A 27 2.78 -3.79 -8.21
CA ARG A 27 2.17 -4.82 -7.39
C ARG A 27 3.24 -5.80 -6.92
N SER A 28 4.11 -6.18 -7.83
CA SER A 28 5.20 -7.09 -7.56
C SER A 28 6.18 -6.47 -6.53
N LEU A 29 6.45 -5.17 -6.67
CA LEU A 29 7.32 -4.47 -5.74
C LEU A 29 6.73 -4.49 -4.35
N MET A 30 5.45 -4.16 -4.27
CA MET A 30 4.72 -4.19 -3.00
C MET A 30 4.76 -5.56 -2.39
N LEU A 31 4.51 -6.58 -3.20
CA LEU A 31 4.54 -7.98 -2.77
C LEU A 31 5.87 -8.32 -2.10
N HIS A 32 6.97 -8.05 -2.80
CA HIS A 32 8.31 -8.32 -2.27
C HIS A 32 8.57 -7.53 -0.99
N SER A 33 8.06 -6.32 -0.94
CA SER A 33 8.23 -5.45 0.21
C SER A 33 7.38 -5.93 1.43
N LEU A 34 6.42 -6.82 1.20
CA LEU A 34 5.57 -7.32 2.29
C LEU A 34 6.35 -8.31 3.14
N GLY A 35 7.35 -8.93 2.54
CA GLY A 35 8.18 -9.86 3.26
C GLY A 35 9.25 -9.11 4.03
N SER A 36 9.44 -7.87 3.67
CA SER A 36 10.45 -7.03 4.26
C SER A 36 9.81 -6.12 5.33
N SER A 37 8.64 -6.48 5.81
CA SER A 37 7.94 -5.70 6.79
C SER A 37 7.10 -6.61 7.71
N ASP A 38 6.61 -6.06 8.81
CA ASP A 38 5.75 -6.80 9.77
C ASP A 38 4.30 -6.61 9.41
N LEU A 39 4.07 -6.06 8.25
CA LEU A 39 2.73 -5.74 7.81
C LEU A 39 2.07 -6.96 7.21
N ARG A 40 0.89 -7.25 7.67
CA ARG A 40 0.15 -8.39 7.21
C ARG A 40 -0.80 -8.01 6.08
N LEU A 41 -0.74 -8.74 5.02
CA LEU A 41 -1.57 -8.49 3.85
C LEU A 41 -2.97 -8.99 4.09
N GLN A 42 -3.93 -8.11 3.94
CA GLN A 42 -5.31 -8.49 4.04
C GLN A 42 -5.92 -8.60 2.67
N SER A 43 -5.73 -7.58 1.87
CA SER A 43 -6.27 -7.56 0.52
C SER A 43 -5.43 -6.61 -0.34
N LEU A 44 -5.50 -6.79 -1.64
CA LEU A 44 -4.78 -5.97 -2.56
C LEU A 44 -5.69 -5.76 -3.76
N HIS A 45 -6.24 -4.59 -3.87
CA HIS A 45 -7.22 -4.29 -4.89
C HIS A 45 -6.69 -3.29 -5.91
N SER A 46 -6.26 -3.77 -7.04
CA SER A 46 -5.87 -2.91 -8.14
C SER A 46 -7.10 -2.66 -8.99
N GLU A 47 -7.65 -1.49 -8.90
CA GLU A 47 -8.87 -1.19 -9.61
C GLU A 47 -8.76 0.20 -10.18
N ASP A 48 -9.33 0.44 -11.35
CA ASP A 48 -9.27 1.75 -12.00
C ASP A 48 -10.44 2.61 -11.59
N LEU A 49 -10.15 3.80 -11.18
CA LEU A 49 -11.18 4.75 -10.83
C LEU A 49 -11.22 5.94 -11.77
N ASP A 50 -10.20 6.77 -11.73
CA ASP A 50 -10.24 8.05 -12.46
C ASP A 50 -10.00 7.91 -13.95
N ASN A 51 -9.12 7.02 -14.32
CA ASN A 51 -8.81 6.79 -15.72
C ASN A 51 -8.50 5.32 -15.92
N PRO A 52 -9.23 4.63 -16.80
CA PRO A 52 -9.11 3.17 -17.00
C PRO A 52 -7.71 2.67 -17.45
N ALA A 53 -6.84 3.57 -17.90
CA ALA A 53 -5.49 3.19 -18.29
C ALA A 53 -4.55 3.24 -17.10
N LYS A 54 -5.06 3.67 -15.98
CA LYS A 54 -4.34 3.67 -14.74
C LYS A 54 -5.11 2.79 -13.78
N LEU A 55 -4.46 2.24 -12.83
CA LEU A 55 -5.12 1.51 -11.78
C LEU A 55 -4.60 1.99 -10.47
N GLU A 56 -5.46 2.13 -9.54
CA GLU A 56 -5.08 2.44 -8.23
C GLU A 56 -5.09 1.19 -7.41
N VAL A 57 -3.92 0.84 -7.00
CA VAL A 57 -3.64 -0.33 -6.25
C VAL A 57 -3.81 -0.04 -4.80
N ARG A 58 -4.83 -0.60 -4.20
CA ARG A 58 -5.04 -0.43 -2.80
C ARG A 58 -4.51 -1.66 -2.11
N ALA A 59 -3.43 -1.52 -1.44
CA ALA A 59 -2.91 -2.63 -0.70
C ALA A 59 -3.21 -2.38 0.75
N GLU A 60 -4.04 -3.24 1.28
CA GLU A 60 -4.56 -3.12 2.61
C GLU A 60 -3.80 -4.03 3.54
N LEU A 61 -3.07 -3.43 4.44
CA LEU A 61 -2.17 -4.13 5.32
C LEU A 61 -2.52 -3.87 6.78
N LEU A 62 -2.44 -4.88 7.59
CA LEU A 62 -2.62 -4.72 9.02
C LEU A 62 -1.28 -4.76 9.70
N GLY A 63 -0.93 -3.70 10.32
CA GLY A 63 0.31 -3.63 11.02
C GLY A 63 0.16 -2.83 12.25
N THR A 64 1.05 -2.97 13.16
CA THR A 64 0.96 -2.26 14.38
C THR A 64 1.69 -0.90 14.25
N PRO A 65 1.44 0.05 15.19
CA PRO A 65 2.11 1.38 15.22
C PRO A 65 3.62 1.25 15.43
N GLU A 66 4.03 0.04 15.71
CA GLU A 66 5.41 -0.32 15.95
C GLU A 66 6.20 -0.34 14.65
N ALA A 67 5.50 -0.39 13.52
CA ALA A 67 6.16 -0.48 12.22
C ALA A 67 5.65 0.58 11.20
N PRO A 68 5.69 1.90 11.52
CA PRO A 68 5.18 2.94 10.62
C PRO A 68 6.15 3.29 9.49
N ALA A 69 7.45 3.22 9.78
CA ALA A 69 8.50 3.59 8.84
C ALA A 69 8.47 2.71 7.59
N GLN A 70 7.96 1.51 7.73
CA GLN A 70 7.88 0.58 6.63
C GLN A 70 6.92 1.05 5.56
N LEU A 71 5.91 1.80 5.95
CA LEU A 71 4.97 2.35 4.99
C LEU A 71 5.66 3.39 4.15
N GLU A 72 6.48 4.20 4.82
CA GLU A 72 7.25 5.24 4.17
C GLU A 72 8.25 4.60 3.21
N ARG A 73 8.77 3.45 3.61
CA ARG A 73 9.66 2.66 2.76
C ARG A 73 8.91 2.22 1.51
N LEU A 74 7.77 1.55 1.69
CA LEU A 74 6.95 1.06 0.56
C LEU A 74 6.64 2.20 -0.40
N VAL A 75 6.10 3.28 0.16
CA VAL A 75 5.72 4.45 -0.62
C VAL A 75 6.90 5.02 -1.40
N SER A 76 8.04 5.19 -0.74
CA SER A 76 9.20 5.73 -1.42
C SER A 76 9.76 4.75 -2.46
N ARG A 77 9.77 3.47 -2.10
CA ARG A 77 10.33 2.41 -2.95
C ARG A 77 9.54 2.27 -4.25
N VAL A 78 8.25 2.47 -4.16
CA VAL A 78 7.41 2.44 -5.34
C VAL A 78 7.49 3.78 -6.09
N SER A 79 7.54 4.87 -5.35
CA SER A 79 7.61 6.21 -5.93
C SER A 79 8.94 6.42 -6.69
N LEU A 80 9.95 5.62 -6.38
CA LEU A 80 11.22 5.66 -7.11
C LEU A 80 11.06 5.12 -8.54
N GLU A 81 10.07 4.29 -8.75
CA GLU A 81 9.85 3.66 -10.02
C GLU A 81 8.93 4.51 -10.91
N LYS A 82 8.97 4.27 -12.20
CA LYS A 82 8.16 4.96 -13.19
C LYS A 82 6.75 4.39 -13.31
N GLY A 83 5.82 5.23 -13.72
CA GLY A 83 4.45 4.78 -13.94
C GLY A 83 3.53 5.14 -12.80
N VAL A 84 4.09 5.62 -11.73
CA VAL A 84 3.32 5.97 -10.56
C VAL A 84 2.95 7.44 -10.61
N SER A 85 1.68 7.71 -10.84
CA SER A 85 1.19 9.06 -10.93
C SER A 85 1.20 9.72 -9.55
N SER A 86 0.73 8.98 -8.56
CA SER A 86 0.70 9.44 -7.20
C SER A 86 0.56 8.23 -6.30
N VAL A 87 1.01 8.35 -5.07
CA VAL A 87 0.93 7.28 -4.12
C VAL A 87 0.54 7.85 -2.76
N ARG A 88 -0.50 7.30 -2.18
CA ARG A 88 -1.01 7.75 -0.91
C ARG A 88 -1.03 6.60 0.06
N TRP A 89 -0.83 6.86 1.31
CA TRP A 89 -0.92 5.84 2.32
C TRP A 89 -1.71 6.36 3.49
N GLN A 90 -2.59 5.55 3.99
CA GLN A 90 -3.43 5.96 5.09
C GLN A 90 -3.22 5.05 6.27
N VAL A 91 -3.31 5.62 7.45
CA VAL A 91 -3.32 4.85 8.67
C VAL A 91 -4.73 4.93 9.21
N PHE A 92 -5.47 3.88 9.06
CA PHE A 92 -6.83 3.85 9.51
C PHE A 92 -6.88 2.98 10.72
N GLU A 93 -7.50 3.44 11.75
CA GLU A 93 -7.56 2.68 12.95
C GLU A 93 -8.80 1.83 13.03
N LEU A 94 -8.65 0.68 13.67
CA LEU A 94 -9.78 -0.23 13.88
C LEU A 94 -10.83 0.45 14.74
N ALA A 95 -12.08 0.10 14.52
CA ALA A 95 -13.20 0.70 15.22
C ALA A 95 -13.06 0.63 16.74
N ALA A 96 -12.96 1.78 17.35
CA ALA A 96 -12.86 1.91 18.77
C ALA A 96 -13.78 3.02 19.20
N ASP A 97 -14.62 2.76 20.17
CA ASP A 97 -15.58 3.74 20.63
C ASP A 97 -14.90 4.84 21.40
N ALA A 5 1.59 -8.63 23.46
CA ALA A 5 0.89 -8.42 24.73
C ALA A 5 -0.25 -7.44 24.56
N SER A 6 -0.07 -6.49 23.66
CA SER A 6 -1.07 -5.52 23.37
C SER A 6 -0.75 -4.94 21.99
N GLU A 7 -1.30 -5.58 20.98
CA GLU A 7 -1.01 -5.18 19.62
C GLU A 7 -2.14 -4.34 19.07
N ALA A 8 -1.89 -3.07 18.99
CA ALA A 8 -2.84 -2.14 18.47
C ALA A 8 -2.69 -2.12 16.98
N GLU A 9 -3.49 -2.89 16.33
CA GLU A 9 -3.40 -3.03 14.92
C GLU A 9 -4.28 -2.05 14.20
N GLN A 10 -3.65 -1.25 13.42
CA GLN A 10 -4.28 -0.25 12.62
C GLN A 10 -4.12 -0.73 11.20
N ARG A 11 -5.04 -0.37 10.33
CA ARG A 11 -4.88 -0.82 8.98
C ARG A 11 -4.25 0.30 8.21
N TYR A 12 -3.36 -0.05 7.38
CA TYR A 12 -2.76 0.87 6.51
C TYR A 12 -3.22 0.55 5.13
N GLU A 13 -3.74 1.52 4.46
CA GLU A 13 -4.21 1.33 3.13
C GLU A 13 -3.40 2.18 2.19
N VAL A 14 -2.54 1.51 1.46
CA VAL A 14 -1.65 2.15 0.54
C VAL A 14 -2.32 2.19 -0.82
N GLN A 15 -2.29 3.33 -1.45
CA GLN A 15 -2.92 3.58 -2.72
C GLN A 15 -1.89 4.05 -3.71
N ILE A 16 -1.59 3.24 -4.68
CA ILE A 16 -0.62 3.60 -5.69
C ILE A 16 -1.32 3.88 -7.00
N VAL A 17 -1.25 5.09 -7.46
CA VAL A 17 -1.81 5.46 -8.73
C VAL A 17 -0.72 5.27 -9.78
N CYS A 18 -0.83 4.24 -10.55
CA CYS A 18 0.17 3.88 -11.52
C CYS A 18 -0.44 3.62 -12.88
N ARG A 19 0.37 3.74 -13.91
CA ARG A 19 -0.06 3.51 -15.28
C ARG A 19 -0.50 2.03 -15.43
N ALA A 20 -1.46 1.77 -16.30
CA ALA A 20 -2.08 0.43 -16.47
C ALA A 20 -1.08 -0.68 -16.63
N GLU A 21 -0.21 -0.51 -17.58
CA GLU A 21 0.78 -1.48 -17.92
C GLU A 21 1.80 -1.62 -16.79
N ASP A 22 2.00 -0.55 -16.06
CA ASP A 22 2.99 -0.51 -15.01
C ASP A 22 2.51 -1.11 -13.72
N GLU A 23 1.18 -1.28 -13.58
CA GLU A 23 0.59 -1.86 -12.37
C GLU A 23 1.24 -3.17 -11.99
N ILE A 24 1.46 -4.03 -12.97
CA ILE A 24 2.02 -5.36 -12.74
C ILE A 24 3.43 -5.26 -12.11
N GLN A 25 4.20 -4.31 -12.58
CA GLN A 25 5.54 -4.09 -12.11
C GLN A 25 5.49 -3.57 -10.67
N VAL A 26 4.60 -2.63 -10.46
CA VAL A 26 4.34 -2.03 -9.16
C VAL A 26 3.90 -3.11 -8.17
N ARG A 27 2.91 -3.90 -8.57
CA ARG A 27 2.36 -4.99 -7.76
C ARG A 27 3.46 -5.96 -7.34
N SER A 28 4.34 -6.29 -8.27
CA SER A 28 5.45 -7.18 -8.02
C SER A 28 6.37 -6.58 -6.92
N LEU A 29 6.76 -5.32 -7.12
CA LEU A 29 7.63 -4.64 -6.16
C LEU A 29 6.96 -4.50 -4.80
N MET A 30 5.68 -4.18 -4.81
CA MET A 30 4.87 -4.06 -3.59
C MET A 30 4.85 -5.36 -2.84
N LEU A 31 4.58 -6.45 -3.55
CA LEU A 31 4.51 -7.77 -2.97
C LEU A 31 5.81 -8.10 -2.27
N HIS A 32 6.92 -7.93 -2.98
CA HIS A 32 8.24 -8.17 -2.43
C HIS A 32 8.48 -7.32 -1.16
N SER A 33 8.07 -6.08 -1.23
CA SER A 33 8.24 -5.15 -0.13
C SER A 33 7.37 -5.54 1.09
N LEU A 34 6.33 -6.35 0.87
CA LEU A 34 5.45 -6.77 1.95
C LEU A 34 6.13 -7.82 2.80
N GLY A 35 7.06 -8.54 2.20
CA GLY A 35 7.78 -9.56 2.92
C GLY A 35 8.98 -8.99 3.63
N SER A 36 9.28 -7.75 3.30
CA SER A 36 10.39 -7.03 3.88
C SER A 36 9.87 -6.10 5.00
N SER A 37 8.57 -6.09 5.19
CA SER A 37 7.98 -5.21 6.16
C SER A 37 7.12 -6.00 7.12
N ASP A 38 7.21 -5.68 8.40
CA ASP A 38 6.44 -6.37 9.42
C ASP A 38 5.01 -5.87 9.46
N LEU A 39 4.26 -6.28 8.49
CA LEU A 39 2.87 -5.95 8.37
C LEU A 39 2.12 -7.21 7.96
N ARG A 40 0.87 -7.27 8.30
CA ARG A 40 0.05 -8.37 7.93
C ARG A 40 -0.82 -8.02 6.75
N LEU A 41 -0.72 -8.78 5.69
CA LEU A 41 -1.48 -8.53 4.49
C LEU A 41 -2.94 -8.92 4.70
N GLN A 42 -3.81 -8.00 4.39
CA GLN A 42 -5.22 -8.27 4.42
C GLN A 42 -5.73 -8.47 3.02
N SER A 43 -5.50 -7.48 2.19
CA SER A 43 -5.95 -7.51 0.82
C SER A 43 -5.04 -6.66 -0.04
N LEU A 44 -4.89 -7.05 -1.29
CA LEU A 44 -4.10 -6.33 -2.24
C LEU A 44 -4.77 -6.45 -3.60
N HIS A 45 -5.37 -5.37 -4.02
CA HIS A 45 -6.14 -5.36 -5.26
C HIS A 45 -5.83 -4.12 -6.05
N SER A 46 -5.80 -4.25 -7.34
CA SER A 46 -5.62 -3.12 -8.19
C SER A 46 -6.98 -2.67 -8.70
N GLU A 47 -7.45 -1.57 -8.17
CA GLU A 47 -8.79 -1.11 -8.39
C GLU A 47 -8.76 0.24 -9.08
N ASP A 48 -9.73 0.51 -9.89
CA ASP A 48 -9.82 1.82 -10.52
C ASP A 48 -10.82 2.64 -9.76
N LEU A 49 -10.45 3.83 -9.40
CA LEU A 49 -11.35 4.71 -8.73
C LEU A 49 -11.72 5.83 -9.67
N ASP A 50 -10.91 6.83 -9.71
CA ASP A 50 -11.11 7.91 -10.65
C ASP A 50 -10.40 7.67 -11.93
N ASN A 51 -9.38 6.87 -11.87
CA ASN A 51 -8.54 6.65 -13.01
C ASN A 51 -8.93 5.40 -13.77
N PRO A 52 -9.45 5.55 -15.00
CA PRO A 52 -9.80 4.42 -15.84
C PRO A 52 -8.56 3.77 -16.48
N ALA A 53 -7.65 4.61 -16.97
CA ALA A 53 -6.47 4.13 -17.67
C ALA A 53 -5.30 3.84 -16.74
N LYS A 54 -5.44 4.20 -15.49
CA LYS A 54 -4.42 3.94 -14.52
C LYS A 54 -5.01 3.03 -13.48
N LEU A 55 -4.24 2.17 -12.89
CA LEU A 55 -4.75 1.34 -11.85
C LEU A 55 -4.26 1.85 -10.54
N GLU A 56 -5.16 1.92 -9.62
CA GLU A 56 -4.86 2.36 -8.32
C GLU A 56 -4.77 1.12 -7.45
N VAL A 57 -3.59 0.83 -7.02
CA VAL A 57 -3.35 -0.38 -6.27
C VAL A 57 -3.57 -0.12 -4.82
N ARG A 58 -4.46 -0.87 -4.22
CA ARG A 58 -4.78 -0.71 -2.83
C ARG A 58 -4.22 -1.90 -2.06
N ALA A 59 -3.39 -1.61 -1.12
CA ALA A 59 -2.85 -2.62 -0.25
C ALA A 59 -3.28 -2.33 1.15
N GLU A 60 -4.00 -3.25 1.75
CA GLU A 60 -4.47 -3.10 3.10
C GLU A 60 -3.66 -4.00 4.02
N LEU A 61 -2.89 -3.39 4.88
CA LEU A 61 -2.02 -4.09 5.80
C LEU A 61 -2.40 -3.78 7.23
N LEU A 62 -2.36 -4.77 8.08
CA LEU A 62 -2.55 -4.54 9.52
C LEU A 62 -1.20 -4.40 10.16
N GLY A 63 -0.99 -3.33 10.85
CA GLY A 63 0.25 -3.12 11.52
C GLY A 63 0.05 -2.26 12.71
N THR A 64 1.04 -2.16 13.52
CA THR A 64 0.94 -1.35 14.69
C THR A 64 1.43 0.07 14.40
N PRO A 65 1.03 1.07 15.23
CA PRO A 65 1.45 2.48 15.06
C PRO A 65 2.95 2.67 15.23
N GLU A 66 3.59 1.61 15.67
CA GLU A 66 5.00 1.56 15.91
C GLU A 66 5.73 1.15 14.63
N ALA A 67 4.97 0.86 13.59
CA ALA A 67 5.53 0.43 12.31
C ALA A 67 5.16 1.37 11.09
N PRO A 68 5.11 2.74 11.23
CA PRO A 68 4.74 3.60 10.08
C PRO A 68 5.88 3.66 9.06
N ALA A 69 7.07 3.32 9.54
CA ALA A 69 8.29 3.29 8.77
C ALA A 69 8.20 2.27 7.65
N GLN A 70 7.45 1.22 7.91
CA GLN A 70 7.24 0.14 6.96
C GLN A 70 6.48 0.63 5.76
N LEU A 71 5.56 1.53 6.01
CA LEU A 71 4.76 2.10 4.95
C LEU A 71 5.60 3.04 4.13
N GLU A 72 6.44 3.82 4.81
CA GLU A 72 7.35 4.72 4.12
C GLU A 72 8.30 3.92 3.25
N ARG A 73 8.65 2.73 3.73
CA ARG A 73 9.51 1.81 3.02
C ARG A 73 8.82 1.36 1.73
N LEU A 74 7.56 0.94 1.86
CA LEU A 74 6.75 0.50 0.71
C LEU A 74 6.64 1.63 -0.29
N VAL A 75 6.23 2.80 0.21
CA VAL A 75 6.06 4.01 -0.59
C VAL A 75 7.34 4.34 -1.35
N SER A 76 8.46 4.35 -0.66
CA SER A 76 9.72 4.70 -1.28
C SER A 76 10.12 3.68 -2.35
N ARG A 77 9.97 2.38 -2.06
CA ARG A 77 10.37 1.34 -3.00
C ARG A 77 9.53 1.42 -4.27
N VAL A 78 8.27 1.73 -4.11
CA VAL A 78 7.38 1.88 -5.25
C VAL A 78 7.64 3.20 -5.97
N SER A 79 7.85 4.26 -5.21
CA SER A 79 8.04 5.59 -5.77
C SER A 79 9.37 5.69 -6.53
N LEU A 80 10.30 4.79 -6.25
CA LEU A 80 11.55 4.73 -7.01
C LEU A 80 11.30 4.19 -8.41
N GLU A 81 10.19 3.52 -8.61
CA GLU A 81 9.89 2.94 -9.88
C GLU A 81 9.13 3.92 -10.76
N LYS A 82 9.47 3.93 -12.01
CA LYS A 82 8.87 4.80 -12.98
C LYS A 82 7.59 4.19 -13.49
N GLY A 83 6.62 5.01 -13.79
CA GLY A 83 5.32 4.54 -14.23
C GLY A 83 4.28 4.79 -13.16
N VAL A 84 4.78 5.15 -12.00
CA VAL A 84 3.95 5.50 -10.88
C VAL A 84 3.77 7.01 -10.91
N SER A 85 2.55 7.46 -10.73
CA SER A 85 2.30 8.87 -10.76
C SER A 85 2.23 9.45 -9.33
N SER A 86 1.53 8.77 -8.45
CA SER A 86 1.41 9.22 -7.08
C SER A 86 1.12 8.06 -6.13
N VAL A 87 1.66 8.14 -4.94
CA VAL A 87 1.45 7.14 -3.91
C VAL A 87 0.90 7.81 -2.67
N ARG A 88 -0.22 7.31 -2.20
CA ARG A 88 -0.83 7.80 -0.99
C ARG A 88 -0.95 6.63 -0.05
N TRP A 89 -0.98 6.87 1.22
CA TRP A 89 -1.25 5.81 2.17
C TRP A 89 -2.00 6.37 3.35
N GLN A 90 -3.00 5.69 3.77
CA GLN A 90 -3.81 6.16 4.86
C GLN A 90 -3.76 5.20 6.02
N VAL A 91 -3.82 5.74 7.20
CA VAL A 91 -3.89 4.98 8.40
C VAL A 91 -5.33 5.00 8.84
N PHE A 92 -5.94 3.87 8.93
CA PHE A 92 -7.31 3.78 9.33
C PHE A 92 -7.37 2.94 10.57
N GLU A 93 -8.10 3.39 11.53
CA GLU A 93 -8.21 2.66 12.75
C GLU A 93 -9.63 2.32 13.04
N LEU A 94 -9.80 1.34 13.87
CA LEU A 94 -11.09 1.00 14.37
C LEU A 94 -11.37 1.98 15.48
N ALA A 95 -12.42 2.74 15.32
CA ALA A 95 -12.78 3.75 16.29
C ALA A 95 -13.28 3.13 17.58
N ALA A 96 -13.32 3.91 18.63
CA ALA A 96 -13.77 3.43 19.92
C ALA A 96 -15.25 3.09 19.87
N ASP A 97 -15.53 1.82 19.81
CA ASP A 97 -16.89 1.34 19.73
C ASP A 97 -17.25 0.71 21.05
N ALA A 5 4.47 -1.95 25.42
CA ALA A 5 3.71 -3.11 24.99
C ALA A 5 2.21 -2.90 25.16
N SER A 6 1.59 -2.38 24.14
CA SER A 6 0.16 -2.18 24.11
C SER A 6 -0.24 -2.34 22.67
N GLU A 7 -0.74 -3.50 22.34
CA GLU A 7 -0.98 -3.84 20.99
C GLU A 7 -2.39 -3.51 20.61
N ALA A 8 -2.53 -3.12 19.39
CA ALA A 8 -3.77 -2.75 18.79
C ALA A 8 -3.52 -2.80 17.31
N GLU A 9 -4.42 -3.37 16.59
CA GLU A 9 -4.24 -3.51 15.18
C GLU A 9 -4.87 -2.35 14.45
N GLN A 10 -4.03 -1.64 13.77
CA GLN A 10 -4.45 -0.51 12.98
C GLN A 10 -4.36 -0.94 11.54
N ARG A 11 -5.17 -0.37 10.71
CA ARG A 11 -5.17 -0.73 9.33
C ARG A 11 -4.44 0.32 8.57
N TYR A 12 -3.55 -0.06 7.78
CA TYR A 12 -2.88 0.87 6.95
C TYR A 12 -3.31 0.59 5.55
N GLU A 13 -3.78 1.57 4.89
CA GLU A 13 -4.28 1.39 3.58
C GLU A 13 -3.48 2.23 2.61
N VAL A 14 -2.78 1.54 1.75
CA VAL A 14 -1.92 2.16 0.79
C VAL A 14 -2.59 2.09 -0.56
N GLN A 15 -2.63 3.19 -1.24
CA GLN A 15 -3.22 3.23 -2.54
C GLN A 15 -2.19 3.73 -3.53
N ILE A 16 -1.69 2.82 -4.33
CA ILE A 16 -0.68 3.12 -5.30
C ILE A 16 -1.32 3.30 -6.66
N VAL A 17 -1.24 4.50 -7.17
CA VAL A 17 -1.77 4.82 -8.47
C VAL A 17 -0.68 4.58 -9.48
N CYS A 18 -0.82 3.60 -10.29
CA CYS A 18 0.21 3.26 -11.24
C CYS A 18 -0.37 3.08 -12.62
N ARG A 19 0.45 3.30 -13.63
CA ARG A 19 0.05 3.13 -15.02
C ARG A 19 -0.45 1.72 -15.25
N ALA A 20 -1.40 1.58 -16.12
CA ALA A 20 -1.98 0.29 -16.45
C ALA A 20 -0.92 -0.59 -17.10
N GLU A 21 0.02 0.05 -17.73
CA GLU A 21 1.11 -0.60 -18.41
C GLU A 21 2.20 -1.06 -17.40
N ASP A 22 2.11 -0.58 -16.16
CA ASP A 22 3.13 -0.89 -15.16
C ASP A 22 2.58 -1.62 -13.95
N GLU A 23 1.26 -1.81 -13.92
CA GLU A 23 0.57 -2.45 -12.81
C GLU A 23 1.20 -3.78 -12.35
N ILE A 24 1.55 -4.63 -13.31
CA ILE A 24 2.15 -5.93 -12.99
C ILE A 24 3.47 -5.75 -12.25
N GLN A 25 4.29 -4.84 -12.75
CA GLN A 25 5.58 -4.58 -12.16
C GLN A 25 5.42 -3.94 -10.79
N VAL A 26 4.49 -3.02 -10.68
CA VAL A 26 4.20 -2.34 -9.44
C VAL A 26 3.77 -3.32 -8.35
N ARG A 27 2.76 -4.16 -8.64
CA ARG A 27 2.33 -5.15 -7.64
C ARG A 27 3.41 -6.17 -7.35
N SER A 28 4.24 -6.47 -8.35
CA SER A 28 5.35 -7.37 -8.17
C SER A 28 6.34 -6.75 -7.17
N LEU A 29 6.59 -5.45 -7.32
CA LEU A 29 7.48 -4.71 -6.43
C LEU A 29 6.87 -4.58 -5.05
N MET A 30 5.55 -4.44 -4.98
CA MET A 30 4.85 -4.39 -3.70
C MET A 30 5.10 -5.67 -2.94
N LEU A 31 4.92 -6.80 -3.63
CA LEU A 31 5.15 -8.12 -3.07
C LEU A 31 6.61 -8.24 -2.61
N HIS A 32 7.52 -7.82 -3.48
CA HIS A 32 8.95 -7.84 -3.21
C HIS A 32 9.28 -7.01 -1.96
N SER A 33 8.63 -5.88 -1.83
CA SER A 33 8.86 -4.99 -0.74
C SER A 33 8.18 -5.46 0.56
N LEU A 34 7.31 -6.48 0.48
CA LEU A 34 6.65 -7.00 1.67
C LEU A 34 7.64 -7.72 2.56
N GLY A 35 8.74 -8.17 1.94
CA GLY A 35 9.83 -8.81 2.68
C GLY A 35 10.80 -7.77 3.21
N SER A 36 10.42 -6.54 3.07
CA SER A 36 11.15 -5.42 3.54
C SER A 36 10.18 -4.59 4.41
N SER A 37 9.12 -5.25 4.86
CA SER A 37 8.09 -4.63 5.63
C SER A 37 7.70 -5.57 6.76
N ASP A 38 6.99 -5.06 7.73
CA ASP A 38 6.57 -5.82 8.90
C ASP A 38 5.08 -5.80 9.04
N LEU A 39 4.42 -5.32 8.01
CA LEU A 39 2.97 -5.24 8.00
C LEU A 39 2.43 -6.42 7.22
N ARG A 40 1.23 -6.84 7.54
CA ARG A 40 0.64 -7.97 6.90
C ARG A 40 -0.52 -7.57 6.00
N LEU A 41 -0.39 -7.93 4.75
CA LEU A 41 -1.31 -7.57 3.69
C LEU A 41 -2.62 -8.33 3.82
N GLN A 42 -3.70 -7.59 3.93
CA GLN A 42 -5.00 -8.17 4.03
C GLN A 42 -5.58 -8.36 2.66
N SER A 43 -5.79 -7.29 1.97
CA SER A 43 -6.38 -7.33 0.67
C SER A 43 -5.83 -6.20 -0.18
N LEU A 44 -5.89 -6.36 -1.49
CA LEU A 44 -5.47 -5.34 -2.43
C LEU A 44 -6.24 -5.48 -3.71
N HIS A 45 -6.84 -4.42 -4.12
CA HIS A 45 -7.60 -4.40 -5.34
C HIS A 45 -7.08 -3.31 -6.23
N SER A 46 -6.75 -3.68 -7.44
CA SER A 46 -6.36 -2.75 -8.44
C SER A 46 -7.62 -2.31 -9.16
N GLU A 47 -8.08 -1.15 -8.83
CA GLU A 47 -9.32 -0.65 -9.34
C GLU A 47 -9.10 0.79 -9.75
N ASP A 48 -10.03 1.39 -10.44
CA ASP A 48 -9.88 2.80 -10.74
C ASP A 48 -10.73 3.57 -9.77
N LEU A 49 -10.19 4.57 -9.19
CA LEU A 49 -10.94 5.42 -8.34
C LEU A 49 -11.10 6.75 -9.02
N ASP A 50 -9.99 7.35 -9.36
CA ASP A 50 -9.99 8.62 -10.07
C ASP A 50 -10.02 8.44 -11.56
N ASN A 51 -9.16 7.60 -12.08
CA ASN A 51 -9.04 7.48 -13.53
C ASN A 51 -8.51 6.11 -13.95
N PRO A 52 -9.27 5.40 -14.83
CA PRO A 52 -8.97 4.00 -15.26
C PRO A 52 -7.73 3.83 -16.16
N ALA A 53 -7.13 4.92 -16.59
CA ALA A 53 -5.90 4.83 -17.39
C ALA A 53 -4.76 4.40 -16.50
N LYS A 54 -4.98 4.55 -15.21
CA LYS A 54 -4.09 4.09 -14.21
C LYS A 54 -4.86 3.13 -13.33
N LEU A 55 -4.17 2.19 -12.79
CA LEU A 55 -4.76 1.25 -11.91
C LEU A 55 -4.30 1.58 -10.54
N GLU A 56 -5.24 1.78 -9.67
CA GLU A 56 -4.94 2.18 -8.34
C GLU A 56 -5.06 0.97 -7.46
N VAL A 57 -3.93 0.54 -6.97
CA VAL A 57 -3.86 -0.61 -6.14
C VAL A 57 -4.10 -0.17 -4.72
N ARG A 58 -5.26 -0.45 -4.23
CA ARG A 58 -5.64 -0.11 -2.91
C ARG A 58 -5.49 -1.34 -2.04
N ALA A 59 -4.53 -1.30 -1.15
CA ALA A 59 -4.20 -2.43 -0.32
C ALA A 59 -4.29 -2.08 1.14
N GLU A 60 -4.96 -2.91 1.90
CA GLU A 60 -5.09 -2.75 3.32
C GLU A 60 -4.14 -3.73 4.00
N LEU A 61 -3.33 -3.21 4.89
CA LEU A 61 -2.38 -4.00 5.64
C LEU A 61 -2.63 -3.79 7.12
N LEU A 62 -2.53 -4.83 7.89
CA LEU A 62 -2.69 -4.70 9.33
C LEU A 62 -1.36 -4.62 10.00
N GLY A 63 -1.28 -3.80 11.01
CA GLY A 63 -0.09 -3.67 11.79
C GLY A 63 -0.38 -2.97 13.07
N THR A 64 0.62 -2.64 13.81
CA THR A 64 0.45 -1.91 15.03
C THR A 64 0.74 -0.43 14.78
N PRO A 65 0.35 0.49 15.70
CA PRO A 65 0.59 1.93 15.51
C PRO A 65 2.09 2.27 15.53
N GLU A 66 2.89 1.31 15.93
CA GLU A 66 4.32 1.46 16.07
C GLU A 66 5.02 1.24 14.73
N ALA A 67 4.25 0.91 13.69
CA ALA A 67 4.85 0.58 12.40
C ALA A 67 4.43 1.51 11.22
N PRO A 68 4.75 2.84 11.26
CA PRO A 68 4.51 3.74 10.12
C PRO A 68 5.63 3.63 9.06
N ALA A 69 6.83 3.30 9.53
CA ALA A 69 8.05 3.27 8.71
C ALA A 69 7.96 2.26 7.58
N GLN A 70 7.36 1.14 7.87
CA GLN A 70 7.15 0.05 6.94
C GLN A 70 6.44 0.56 5.68
N LEU A 71 5.46 1.42 5.90
CA LEU A 71 4.67 2.01 4.84
C LEU A 71 5.52 2.87 3.96
N GLU A 72 6.28 3.73 4.58
CA GLU A 72 7.11 4.66 3.85
C GLU A 72 8.22 3.94 3.11
N ARG A 73 8.69 2.84 3.68
CA ARG A 73 9.69 2.02 3.05
C ARG A 73 9.11 1.38 1.78
N LEU A 74 7.86 0.91 1.88
CA LEU A 74 7.14 0.38 0.72
C LEU A 74 6.98 1.46 -0.33
N VAL A 75 6.44 2.61 0.10
CA VAL A 75 6.20 3.77 -0.73
C VAL A 75 7.44 4.16 -1.51
N SER A 76 8.53 4.33 -0.80
CA SER A 76 9.77 4.74 -1.41
C SER A 76 10.33 3.69 -2.39
N ARG A 77 10.34 2.41 -2.00
CA ARG A 77 10.96 1.41 -2.85
C ARG A 77 10.17 1.23 -4.15
N VAL A 78 8.86 1.32 -4.07
CA VAL A 78 8.02 1.21 -5.25
C VAL A 78 8.08 2.50 -6.08
N SER A 79 8.16 3.64 -5.41
CA SER A 79 8.23 4.94 -6.09
C SER A 79 9.59 5.16 -6.77
N LEU A 80 10.59 4.36 -6.39
CA LEU A 80 11.86 4.39 -7.11
C LEU A 80 11.68 3.91 -8.55
N GLU A 81 10.65 3.12 -8.77
CA GLU A 81 10.33 2.68 -10.09
C GLU A 81 9.35 3.68 -10.74
N LYS A 82 9.45 3.81 -12.04
CA LYS A 82 8.64 4.73 -12.80
C LYS A 82 7.30 4.09 -13.15
N GLY A 83 6.30 4.91 -13.34
CA GLY A 83 5.00 4.41 -13.67
C GLY A 83 4.01 4.58 -12.54
N VAL A 84 4.52 4.96 -11.39
CA VAL A 84 3.67 5.23 -10.25
C VAL A 84 3.37 6.72 -10.24
N SER A 85 2.15 7.04 -10.57
CA SER A 85 1.70 8.40 -10.67
C SER A 85 1.75 9.07 -9.30
N SER A 86 1.09 8.48 -8.34
CA SER A 86 0.99 9.00 -7.02
C SER A 86 0.71 7.86 -6.07
N VAL A 87 1.07 8.02 -4.84
CA VAL A 87 0.84 7.00 -3.86
C VAL A 87 0.43 7.62 -2.54
N ARG A 88 -0.73 7.28 -2.09
CA ARG A 88 -1.24 7.79 -0.84
C ARG A 88 -1.43 6.66 0.11
N TRP A 89 -1.33 6.94 1.38
CA TRP A 89 -1.57 5.95 2.38
C TRP A 89 -2.27 6.56 3.56
N GLN A 90 -3.25 5.89 4.04
CA GLN A 90 -4.05 6.37 5.15
C GLN A 90 -4.00 5.37 6.27
N VAL A 91 -3.99 5.86 7.48
CA VAL A 91 -4.08 5.00 8.63
C VAL A 91 -5.54 4.93 9.01
N PHE A 92 -6.17 3.83 8.72
CA PHE A 92 -7.56 3.66 9.03
C PHE A 92 -7.64 3.10 10.41
N GLU A 93 -8.33 3.76 11.24
CA GLU A 93 -8.36 3.39 12.61
C GLU A 93 -9.70 2.79 12.95
N LEU A 94 -9.69 1.92 13.92
CA LEU A 94 -10.89 1.27 14.37
C LEU A 94 -11.53 2.11 15.44
N ALA A 95 -12.67 2.63 15.13
CA ALA A 95 -13.40 3.49 16.02
C ALA A 95 -14.86 3.10 16.00
N ALA A 96 -15.61 3.60 16.94
CA ALA A 96 -17.01 3.32 17.03
C ALA A 96 -17.78 4.38 16.26
N ASP A 97 -18.94 4.03 15.78
CA ASP A 97 -19.77 4.94 15.03
C ASP A 97 -20.54 5.79 16.00
N ALA A 5 -6.08 -9.28 23.51
CA ALA A 5 -4.78 -8.61 23.55
C ALA A 5 -4.99 -7.13 23.35
N SER A 6 -4.07 -6.33 23.79
CA SER A 6 -4.14 -4.92 23.60
C SER A 6 -3.81 -4.62 22.14
N GLU A 7 -4.83 -4.40 21.33
CA GLU A 7 -4.64 -4.17 19.92
C GLU A 7 -5.18 -2.83 19.44
N ALA A 8 -4.29 -2.00 19.01
CA ALA A 8 -4.60 -0.73 18.42
C ALA A 8 -4.20 -0.78 16.96
N GLU A 9 -4.42 -1.95 16.36
CA GLU A 9 -4.06 -2.19 14.96
C GLU A 9 -4.80 -1.25 14.03
N GLN A 10 -4.09 -0.80 13.04
CA GLN A 10 -4.61 0.14 12.11
C GLN A 10 -4.42 -0.44 10.70
N ARG A 11 -5.35 -0.12 9.83
CA ARG A 11 -5.30 -0.57 8.46
C ARG A 11 -4.60 0.47 7.66
N TYR A 12 -3.59 0.08 6.98
CA TYR A 12 -2.90 1.00 6.14
C TYR A 12 -3.23 0.66 4.73
N GLU A 13 -3.68 1.63 4.00
CA GLU A 13 -3.99 1.41 2.62
C GLU A 13 -2.97 2.12 1.77
N VAL A 14 -2.14 1.34 1.15
CA VAL A 14 -1.17 1.83 0.22
C VAL A 14 -1.89 1.93 -1.10
N GLN A 15 -2.21 3.12 -1.48
CA GLN A 15 -2.99 3.37 -2.65
C GLN A 15 -2.06 3.94 -3.72
N ILE A 16 -1.73 3.11 -4.65
CA ILE A 16 -0.82 3.44 -5.70
C ILE A 16 -1.58 3.84 -6.93
N VAL A 17 -1.37 5.04 -7.35
CA VAL A 17 -1.93 5.52 -8.56
C VAL A 17 -0.89 5.32 -9.64
N CYS A 18 -1.07 4.31 -10.44
CA CYS A 18 -0.11 3.97 -11.46
C CYS A 18 -0.81 3.58 -12.73
N ARG A 19 -0.06 3.56 -13.80
CA ARG A 19 -0.56 3.12 -15.10
C ARG A 19 -1.04 1.68 -15.01
N ALA A 20 -2.03 1.36 -15.81
CA ALA A 20 -2.57 0.00 -15.85
C ALA A 20 -1.55 -0.97 -16.46
N GLU A 21 -0.59 -0.42 -17.13
CA GLU A 21 0.47 -1.17 -17.75
C GLU A 21 1.56 -1.53 -16.73
N ASP A 22 1.82 -0.61 -15.81
CA ASP A 22 2.94 -0.76 -14.84
C ASP A 22 2.52 -1.38 -13.53
N GLU A 23 1.22 -1.55 -13.35
CA GLU A 23 0.63 -2.11 -12.12
C GLU A 23 1.33 -3.39 -11.69
N ILE A 24 1.51 -4.29 -12.65
CA ILE A 24 2.12 -5.58 -12.41
C ILE A 24 3.51 -5.46 -11.77
N GLN A 25 4.31 -4.55 -12.31
CA GLN A 25 5.65 -4.38 -11.85
C GLN A 25 5.68 -3.75 -10.48
N VAL A 26 4.84 -2.75 -10.28
CA VAL A 26 4.80 -2.04 -9.00
C VAL A 26 4.26 -2.99 -7.90
N ARG A 27 3.29 -3.79 -8.28
CA ARG A 27 2.69 -4.79 -7.41
C ARG A 27 3.75 -5.82 -7.01
N SER A 28 4.58 -6.20 -7.97
CA SER A 28 5.66 -7.14 -7.75
C SER A 28 6.68 -6.53 -6.76
N LEU A 29 6.95 -5.24 -6.91
CA LEU A 29 7.86 -4.52 -6.02
C LEU A 29 7.35 -4.59 -4.59
N MET A 30 6.05 -4.31 -4.41
CA MET A 30 5.46 -4.37 -3.06
C MET A 30 5.55 -5.77 -2.48
N LEU A 31 5.26 -6.76 -3.31
CA LEU A 31 5.30 -8.15 -2.89
C LEU A 31 6.70 -8.51 -2.38
N HIS A 32 7.72 -8.19 -3.15
CA HIS A 32 9.10 -8.47 -2.76
C HIS A 32 9.51 -7.66 -1.53
N SER A 33 8.94 -6.48 -1.39
CA SER A 33 9.21 -5.63 -0.26
C SER A 33 8.49 -6.11 1.01
N LEU A 34 7.58 -7.08 0.88
CA LEU A 34 6.85 -7.58 2.04
C LEU A 34 7.76 -8.43 2.93
N GLY A 35 8.83 -8.97 2.36
CA GLY A 35 9.78 -9.79 3.10
C GLY A 35 10.72 -8.94 3.95
N SER A 36 10.13 -8.13 4.79
CA SER A 36 10.80 -7.17 5.65
C SER A 36 9.73 -6.36 6.40
N SER A 37 8.49 -6.47 5.93
CA SER A 37 7.40 -5.70 6.47
C SER A 37 6.78 -6.38 7.70
N ASP A 38 6.28 -5.56 8.60
CA ASP A 38 5.59 -6.02 9.80
C ASP A 38 4.11 -5.94 9.55
N LEU A 39 3.79 -5.29 8.45
CA LEU A 39 2.44 -5.01 8.07
C LEU A 39 1.88 -6.18 7.29
N ARG A 40 0.79 -6.72 7.77
CA ARG A 40 0.20 -7.92 7.23
C ARG A 40 -0.85 -7.56 6.19
N LEU A 41 -0.58 -7.92 4.95
CA LEU A 41 -1.51 -7.65 3.87
C LEU A 41 -2.78 -8.43 4.09
N GLN A 42 -3.89 -7.77 4.06
CA GLN A 42 -5.15 -8.41 4.23
C GLN A 42 -5.96 -8.32 2.96
N SER A 43 -5.73 -7.27 2.19
CA SER A 43 -6.44 -7.10 0.96
C SER A 43 -5.61 -6.30 -0.02
N LEU A 44 -5.69 -6.67 -1.28
CA LEU A 44 -4.95 -6.03 -2.34
C LEU A 44 -5.81 -5.98 -3.59
N HIS A 45 -6.30 -4.82 -3.94
CA HIS A 45 -7.14 -4.70 -5.10
C HIS A 45 -6.70 -3.58 -6.00
N SER A 46 -6.63 -3.86 -7.27
CA SER A 46 -6.30 -2.89 -8.27
C SER A 46 -7.59 -2.44 -8.91
N GLU A 47 -7.97 -1.22 -8.70
CA GLU A 47 -9.24 -0.74 -9.17
C GLU A 47 -9.02 0.62 -9.80
N ASP A 48 -9.85 1.00 -10.70
CA ASP A 48 -9.75 2.32 -11.29
C ASP A 48 -10.63 3.25 -10.51
N LEU A 49 -10.09 4.35 -10.07
CA LEU A 49 -10.87 5.32 -9.35
C LEU A 49 -11.19 6.47 -10.25
N ASP A 50 -10.17 7.08 -10.80
CA ASP A 50 -10.38 8.24 -11.66
C ASP A 50 -10.58 7.86 -13.08
N ASN A 51 -9.77 6.93 -13.54
CA ASN A 51 -9.78 6.57 -14.94
C ASN A 51 -9.15 5.18 -15.13
N PRO A 52 -9.81 4.30 -15.92
CA PRO A 52 -9.37 2.89 -16.15
C PRO A 52 -7.99 2.73 -16.83
N ALA A 53 -7.41 3.82 -17.32
CA ALA A 53 -6.07 3.75 -17.91
C ALA A 53 -5.03 3.66 -16.80
N LYS A 54 -5.48 3.94 -15.60
CA LYS A 54 -4.66 3.81 -14.44
C LYS A 54 -5.21 2.65 -13.64
N LEU A 55 -4.36 1.91 -13.04
CA LEU A 55 -4.77 0.92 -12.11
C LEU A 55 -4.33 1.41 -10.80
N GLU A 56 -5.26 1.74 -9.99
CA GLU A 56 -4.97 2.31 -8.75
C GLU A 56 -5.10 1.20 -7.72
N VAL A 57 -3.98 0.83 -7.22
CA VAL A 57 -3.82 -0.33 -6.40
C VAL A 57 -3.92 0.02 -4.96
N ARG A 58 -4.83 -0.60 -4.30
CA ARG A 58 -4.96 -0.40 -2.89
C ARG A 58 -4.62 -1.65 -2.13
N ALA A 59 -3.53 -1.56 -1.42
CA ALA A 59 -3.08 -2.62 -0.59
C ALA A 59 -3.37 -2.27 0.84
N GLU A 60 -4.22 -3.01 1.46
CA GLU A 60 -4.62 -2.74 2.81
C GLU A 60 -3.93 -3.74 3.73
N LEU A 61 -3.05 -3.23 4.55
CA LEU A 61 -2.27 -4.05 5.44
C LEU A 61 -2.59 -3.68 6.88
N LEU A 62 -2.67 -4.67 7.73
CA LEU A 62 -2.91 -4.47 9.14
C LEU A 62 -1.60 -4.41 9.88
N GLY A 63 -1.43 -3.40 10.65
CA GLY A 63 -0.27 -3.27 11.44
C GLY A 63 -0.51 -2.33 12.57
N THR A 64 0.50 -2.04 13.30
CA THR A 64 0.39 -1.15 14.40
C THR A 64 1.13 0.15 14.08
N PRO A 65 0.83 1.26 14.79
CA PRO A 65 1.49 2.55 14.56
C PRO A 65 2.99 2.50 14.85
N GLU A 66 3.42 1.46 15.54
CA GLU A 66 4.81 1.31 15.91
C GLU A 66 5.63 0.58 14.85
N ALA A 67 5.12 0.52 13.63
CA ALA A 67 5.84 -0.09 12.51
C ALA A 67 5.87 0.88 11.29
N PRO A 68 6.36 2.13 11.46
CA PRO A 68 6.29 3.15 10.42
C PRO A 68 7.35 2.98 9.33
N ALA A 69 8.52 2.45 9.71
CA ALA A 69 9.65 2.35 8.79
C ALA A 69 9.33 1.47 7.59
N GLN A 70 8.55 0.45 7.83
CA GLN A 70 8.17 -0.46 6.76
C GLN A 70 7.15 0.16 5.84
N LEU A 71 6.30 1.00 6.38
CA LEU A 71 5.34 1.75 5.58
C LEU A 71 6.10 2.68 4.67
N GLU A 72 7.04 3.40 5.28
CA GLU A 72 7.91 4.32 4.59
C GLU A 72 8.68 3.61 3.49
N ARG A 73 9.17 2.41 3.77
CA ARG A 73 9.87 1.61 2.76
C ARG A 73 8.98 1.31 1.58
N LEU A 74 7.78 0.78 1.85
CA LEU A 74 6.82 0.45 0.81
C LEU A 74 6.53 1.66 -0.06
N VAL A 75 6.22 2.78 0.58
CA VAL A 75 5.91 4.02 -0.10
C VAL A 75 7.10 4.49 -0.95
N SER A 76 8.29 4.48 -0.36
CA SER A 76 9.49 4.87 -1.05
C SER A 76 9.76 3.96 -2.24
N ARG A 77 9.65 2.66 -2.02
CA ARG A 77 9.92 1.65 -3.05
C ARG A 77 9.01 1.86 -4.27
N VAL A 78 7.75 2.13 -4.00
CA VAL A 78 6.79 2.39 -5.04
C VAL A 78 7.08 3.74 -5.73
N SER A 79 7.38 4.75 -4.93
CA SER A 79 7.63 6.10 -5.42
C SER A 79 8.89 6.14 -6.28
N LEU A 80 9.80 5.21 -6.08
CA LEU A 80 11.02 5.15 -6.86
C LEU A 80 10.78 4.61 -8.25
N GLU A 81 9.67 3.91 -8.44
CA GLU A 81 9.42 3.33 -9.72
C GLU A 81 8.62 4.28 -10.60
N LYS A 82 8.96 4.29 -11.86
CA LYS A 82 8.28 5.10 -12.82
C LYS A 82 7.06 4.38 -13.33
N GLY A 83 6.05 5.12 -13.67
CA GLY A 83 4.79 4.55 -14.06
C GLY A 83 3.77 4.81 -12.99
N VAL A 84 4.29 5.14 -11.83
CA VAL A 84 3.51 5.54 -10.69
C VAL A 84 3.42 7.06 -10.72
N SER A 85 2.23 7.58 -10.64
CA SER A 85 2.07 9.00 -10.59
C SER A 85 2.06 9.45 -9.12
N SER A 86 1.36 8.71 -8.28
CA SER A 86 1.28 9.08 -6.89
C SER A 86 1.12 7.85 -6.03
N VAL A 87 1.75 7.83 -4.90
CA VAL A 87 1.58 6.76 -3.96
C VAL A 87 1.09 7.35 -2.67
N ARG A 88 -0.10 6.99 -2.31
CA ARG A 88 -0.72 7.51 -1.13
C ARG A 88 -0.86 6.41 -0.13
N TRP A 89 -0.94 6.75 1.10
CA TRP A 89 -1.23 5.80 2.11
C TRP A 89 -2.17 6.41 3.11
N GLN A 90 -3.17 5.66 3.48
CA GLN A 90 -4.18 6.14 4.39
C GLN A 90 -4.23 5.23 5.57
N VAL A 91 -4.47 5.79 6.72
CA VAL A 91 -4.52 5.02 7.94
C VAL A 91 -5.94 4.98 8.48
N PHE A 92 -6.56 3.84 8.34
CA PHE A 92 -7.86 3.62 8.90
C PHE A 92 -7.64 2.87 10.17
N GLU A 93 -7.94 3.46 11.24
CA GLU A 93 -7.60 2.85 12.49
C GLU A 93 -8.80 2.32 13.23
N LEU A 94 -8.53 1.43 14.14
CA LEU A 94 -9.50 1.01 15.09
C LEU A 94 -9.28 1.90 16.29
N ALA A 95 -10.29 2.63 16.66
CA ALA A 95 -10.18 3.65 17.67
C ALA A 95 -9.80 3.11 19.04
N ALA A 96 -8.62 3.44 19.47
CA ALA A 96 -8.14 3.14 20.78
C ALA A 96 -7.70 4.43 21.41
N ASP A 97 -8.66 5.15 21.92
CA ASP A 97 -8.42 6.45 22.49
C ASP A 97 -9.10 6.55 23.83
N ALA A 5 -1.37 -3.55 28.52
CA ALA A 5 -0.99 -3.68 27.13
C ALA A 5 -2.24 -3.98 26.30
N SER A 6 -2.26 -3.47 25.10
CA SER A 6 -3.32 -3.71 24.14
C SER A 6 -2.73 -3.52 22.75
N GLU A 7 -2.67 -4.60 22.01
CA GLU A 7 -2.13 -4.58 20.68
C GLU A 7 -3.16 -3.95 19.75
N ALA A 8 -3.02 -2.69 19.55
CA ALA A 8 -3.96 -1.93 18.77
C ALA A 8 -3.47 -1.87 17.35
N GLU A 9 -3.78 -2.90 16.62
CA GLU A 9 -3.38 -2.99 15.25
C GLU A 9 -4.36 -2.23 14.41
N GLN A 10 -3.84 -1.29 13.71
CA GLN A 10 -4.61 -0.39 12.91
C GLN A 10 -4.48 -0.85 11.48
N ARG A 11 -5.38 -0.42 10.66
CA ARG A 11 -5.39 -0.83 9.29
C ARG A 11 -4.93 0.30 8.39
N TYR A 12 -3.93 0.03 7.63
CA TYR A 12 -3.36 1.01 6.76
C TYR A 12 -3.75 0.70 5.35
N GLU A 13 -4.29 1.67 4.67
CA GLU A 13 -4.63 1.52 3.29
C GLU A 13 -3.58 2.16 2.42
N VAL A 14 -2.73 1.34 1.86
CA VAL A 14 -1.68 1.76 0.97
C VAL A 14 -2.24 1.75 -0.44
N GLN A 15 -2.52 2.91 -0.95
CA GLN A 15 -3.13 3.08 -2.23
C GLN A 15 -2.09 3.47 -3.25
N ILE A 16 -1.93 2.65 -4.24
CA ILE A 16 -0.93 2.85 -5.24
C ILE A 16 -1.58 3.15 -6.59
N VAL A 17 -1.50 4.38 -6.99
CA VAL A 17 -2.06 4.80 -8.26
C VAL A 17 -0.97 4.69 -9.32
N CYS A 18 -1.14 3.78 -10.23
CA CYS A 18 -0.16 3.55 -11.26
C CYS A 18 -0.84 3.31 -12.60
N ARG A 19 -0.14 3.53 -13.68
CA ARG A 19 -0.70 3.27 -14.99
C ARG A 19 -0.57 1.79 -15.33
N ALA A 20 -1.51 1.28 -16.13
CA ALA A 20 -1.54 -0.13 -16.58
C ALA A 20 -0.27 -0.48 -17.32
N GLU A 21 0.32 0.52 -17.91
CA GLU A 21 1.55 0.43 -18.65
C GLU A 21 2.71 -0.09 -17.78
N ASP A 22 2.61 0.11 -16.47
CA ASP A 22 3.70 -0.29 -15.60
C ASP A 22 3.24 -1.23 -14.48
N GLU A 23 1.92 -1.59 -14.49
CA GLU A 23 1.29 -2.50 -13.48
C GLU A 23 2.17 -3.70 -13.12
N ILE A 24 2.69 -4.41 -14.11
CA ILE A 24 3.48 -5.60 -13.87
C ILE A 24 4.71 -5.28 -13.01
N GLN A 25 5.40 -4.22 -13.38
CA GLN A 25 6.58 -3.77 -12.66
C GLN A 25 6.19 -3.28 -11.28
N VAL A 26 5.15 -2.48 -11.22
CA VAL A 26 4.67 -1.90 -9.98
C VAL A 26 4.31 -2.99 -8.97
N ARG A 27 3.57 -3.98 -9.41
CA ARG A 27 3.16 -5.07 -8.55
C ARG A 27 4.35 -5.93 -8.17
N SER A 28 5.30 -6.08 -9.09
CA SER A 28 6.54 -6.78 -8.82
C SER A 28 7.25 -6.08 -7.66
N LEU A 29 7.37 -4.76 -7.76
CA LEU A 29 7.97 -3.97 -6.70
C LEU A 29 7.18 -4.06 -5.41
N MET A 30 5.84 -4.14 -5.52
CA MET A 30 5.00 -4.33 -4.33
C MET A 30 5.36 -5.61 -3.64
N LEU A 31 5.48 -6.69 -4.42
CA LEU A 31 5.85 -8.00 -3.90
C LEU A 31 7.22 -7.92 -3.22
N HIS A 32 8.18 -7.33 -3.90
CA HIS A 32 9.52 -7.14 -3.35
C HIS A 32 9.50 -6.30 -2.07
N SER A 33 8.61 -5.33 -2.02
CA SER A 33 8.44 -4.48 -0.84
C SER A 33 7.78 -5.25 0.31
N LEU A 34 7.10 -6.35 -0.02
CA LEU A 34 6.45 -7.17 0.99
C LEU A 34 7.46 -8.12 1.59
N GLY A 35 8.64 -8.15 0.99
CA GLY A 35 9.70 -8.99 1.47
C GLY A 35 10.25 -8.51 2.78
N SER A 36 9.94 -9.23 3.83
CA SER A 36 10.31 -8.92 5.19
C SER A 36 9.67 -7.61 5.65
N SER A 37 8.41 -7.67 5.94
CA SER A 37 7.69 -6.53 6.39
C SER A 37 7.33 -6.72 7.87
N ASP A 38 6.77 -5.70 8.48
CA ASP A 38 6.43 -5.73 9.89
C ASP A 38 4.95 -5.43 10.05
N LEU A 39 4.25 -5.61 8.96
CA LEU A 39 2.82 -5.39 8.91
C LEU A 39 2.16 -6.67 8.42
N ARG A 40 0.93 -6.88 8.81
CA ARG A 40 0.18 -8.07 8.42
C ARG A 40 -0.68 -7.73 7.20
N LEU A 41 -0.40 -8.35 6.07
CA LEU A 41 -1.12 -8.07 4.83
C LEU A 41 -2.52 -8.66 4.85
N GLN A 42 -3.50 -7.81 4.62
CA GLN A 42 -4.88 -8.23 4.55
C GLN A 42 -5.23 -8.65 3.13
N SER A 43 -5.20 -7.67 2.21
CA SER A 43 -5.52 -7.89 0.80
C SER A 43 -5.02 -6.69 0.00
N LEU A 44 -5.03 -6.82 -1.32
CA LEU A 44 -4.72 -5.72 -2.22
C LEU A 44 -5.67 -5.73 -3.40
N HIS A 45 -6.50 -4.71 -3.48
CA HIS A 45 -7.50 -4.62 -4.55
C HIS A 45 -7.04 -3.66 -5.61
N SER A 46 -7.32 -3.99 -6.84
CA SER A 46 -6.99 -3.16 -7.96
C SER A 46 -8.28 -2.57 -8.50
N GLU A 47 -8.40 -1.29 -8.45
CA GLU A 47 -9.60 -0.63 -8.88
C GLU A 47 -9.24 0.62 -9.67
N ASP A 48 -10.12 1.07 -10.54
CA ASP A 48 -9.93 2.35 -11.18
C ASP A 48 -10.82 3.31 -10.44
N LEU A 49 -10.38 4.51 -10.27
CA LEU A 49 -11.17 5.50 -9.60
C LEU A 49 -11.37 6.69 -10.50
N ASP A 50 -10.28 7.20 -11.00
CA ASP A 50 -10.31 8.33 -11.91
C ASP A 50 -10.41 7.88 -13.35
N ASN A 51 -9.52 7.01 -13.76
CA ASN A 51 -9.48 6.51 -15.14
C ASN A 51 -9.12 5.04 -15.10
N PRO A 52 -9.74 4.21 -15.97
CA PRO A 52 -9.44 2.76 -16.06
C PRO A 52 -7.98 2.47 -16.40
N ALA A 53 -7.33 3.43 -17.05
CA ALA A 53 -5.94 3.29 -17.43
C ALA A 53 -4.99 3.41 -16.23
N LYS A 54 -5.49 3.93 -15.12
CA LYS A 54 -4.70 4.04 -13.91
C LYS A 54 -5.28 3.13 -12.85
N LEU A 55 -4.53 2.15 -12.52
CA LEU A 55 -4.90 1.14 -11.59
C LEU A 55 -4.46 1.57 -10.22
N GLU A 56 -5.38 1.64 -9.35
CA GLU A 56 -5.11 1.99 -8.00
C GLU A 56 -5.20 0.71 -7.22
N VAL A 57 -4.10 0.31 -6.74
CA VAL A 57 -3.96 -0.92 -6.01
C VAL A 57 -3.84 -0.59 -4.53
N ARG A 58 -4.91 -0.85 -3.82
CA ARG A 58 -4.97 -0.55 -2.43
C ARG A 58 -4.71 -1.79 -1.61
N ALA A 59 -3.60 -1.78 -0.92
CA ALA A 59 -3.21 -2.87 -0.08
C ALA A 59 -3.44 -2.49 1.37
N GLU A 60 -4.06 -3.38 2.09
CA GLU A 60 -4.38 -3.16 3.47
C GLU A 60 -3.39 -3.89 4.36
N LEU A 61 -2.71 -3.14 5.18
CA LEU A 61 -1.74 -3.67 6.09
C LEU A 61 -2.18 -3.41 7.53
N LEU A 62 -2.10 -4.43 8.36
CA LEU A 62 -2.41 -4.28 9.78
C LEU A 62 -1.11 -4.11 10.55
N GLY A 63 -1.02 -3.06 11.31
CA GLY A 63 0.16 -2.84 12.10
C GLY A 63 -0.12 -1.90 13.22
N THR A 64 0.81 -1.72 14.08
CA THR A 64 0.63 -0.86 15.19
C THR A 64 0.90 0.60 14.80
N PRO A 65 0.22 1.57 15.44
CA PRO A 65 0.27 2.99 15.07
C PRO A 65 1.65 3.62 15.21
N GLU A 66 2.53 2.93 15.89
CA GLU A 66 3.86 3.43 16.16
C GLU A 66 4.86 2.92 15.11
N ALA A 67 4.37 2.21 14.10
CA ALA A 67 5.24 1.67 13.06
C ALA A 67 4.96 2.28 11.66
N PRO A 68 5.43 3.53 11.41
CA PRO A 68 5.26 4.19 10.11
C PRO A 68 6.28 3.74 9.05
N ALA A 69 7.41 3.24 9.53
CA ALA A 69 8.57 2.89 8.69
C ALA A 69 8.22 1.97 7.53
N GLN A 70 7.58 0.84 7.83
CA GLN A 70 7.18 -0.12 6.78
C GLN A 70 6.32 0.52 5.70
N LEU A 71 5.45 1.40 6.12
CA LEU A 71 4.55 2.08 5.19
C LEU A 71 5.34 2.93 4.22
N GLU A 72 6.19 3.77 4.75
CA GLU A 72 7.00 4.65 3.92
C GLU A 72 8.00 3.86 3.11
N ARG A 73 8.44 2.75 3.67
CA ARG A 73 9.35 1.82 3.00
C ARG A 73 8.69 1.26 1.73
N LEU A 74 7.44 0.83 1.86
CA LEU A 74 6.66 0.33 0.72
C LEU A 74 6.53 1.43 -0.31
N VAL A 75 6.17 2.62 0.18
CA VAL A 75 6.02 3.81 -0.65
C VAL A 75 7.29 4.04 -1.44
N SER A 76 8.41 4.09 -0.74
CA SER A 76 9.70 4.35 -1.34
C SER A 76 10.01 3.34 -2.46
N ARG A 77 9.97 2.06 -2.13
CA ARG A 77 10.41 1.04 -3.06
C ARG A 77 9.50 0.93 -4.30
N VAL A 78 8.22 1.18 -4.13
CA VAL A 78 7.32 1.13 -5.26
C VAL A 78 7.33 2.46 -6.03
N SER A 79 7.38 3.56 -5.30
CA SER A 79 7.34 4.88 -5.91
C SER A 79 8.63 5.17 -6.67
N LEU A 80 9.71 4.44 -6.38
CA LEU A 80 10.93 4.63 -7.15
C LEU A 80 10.85 3.98 -8.53
N GLU A 81 9.82 3.16 -8.76
CA GLU A 81 9.62 2.54 -10.06
C GLU A 81 8.78 3.49 -10.92
N LYS A 82 9.04 3.52 -12.21
CA LYS A 82 8.31 4.39 -13.11
C LYS A 82 6.89 3.88 -13.33
N GLY A 83 5.97 4.79 -13.61
CA GLY A 83 4.61 4.39 -13.87
C GLY A 83 3.71 4.61 -12.69
N VAL A 84 4.32 4.86 -11.56
CA VAL A 84 3.61 5.14 -10.36
C VAL A 84 3.34 6.63 -10.28
N SER A 85 2.10 6.99 -10.22
CA SER A 85 1.70 8.37 -10.13
C SER A 85 1.87 8.83 -8.68
N SER A 86 1.27 8.08 -7.75
CA SER A 86 1.35 8.40 -6.33
C SER A 86 1.03 7.17 -5.49
N VAL A 87 1.76 7.01 -4.40
CA VAL A 87 1.50 5.98 -3.41
C VAL A 87 1.16 6.67 -2.12
N ARG A 88 -0.03 6.49 -1.65
CA ARG A 88 -0.47 7.15 -0.45
C ARG A 88 -1.11 6.19 0.50
N TRP A 89 -0.76 6.30 1.73
CA TRP A 89 -1.27 5.42 2.74
C TRP A 89 -2.08 6.18 3.76
N GLN A 90 -3.14 5.59 4.18
CA GLN A 90 -3.99 6.21 5.17
C GLN A 90 -4.06 5.34 6.39
N VAL A 91 -4.00 5.96 7.55
CA VAL A 91 -4.09 5.26 8.80
C VAL A 91 -5.54 5.21 9.21
N PHE A 92 -6.13 4.08 9.08
CA PHE A 92 -7.47 3.89 9.52
C PHE A 92 -7.49 3.20 10.83
N GLU A 93 -8.15 3.81 11.74
CA GLU A 93 -8.18 3.35 13.07
C GLU A 93 -9.45 2.60 13.35
N LEU A 94 -9.38 1.76 14.33
CA LEU A 94 -10.51 0.99 14.75
C LEU A 94 -11.03 1.56 16.05
N ALA A 95 -12.27 1.31 16.34
CA ALA A 95 -12.85 1.75 17.58
C ALA A 95 -13.39 0.55 18.31
N ALA A 96 -12.62 0.03 19.23
CA ALA A 96 -13.04 -1.12 19.95
C ALA A 96 -13.79 -0.71 21.20
N ASP A 97 -15.07 -0.45 21.03
CA ASP A 97 -15.90 -0.10 22.15
C ASP A 97 -16.42 -1.35 22.77
N ALA A 5 3.23 -7.51 20.57
CA ALA A 5 3.54 -7.88 19.20
C ALA A 5 2.55 -7.26 18.25
N SER A 6 1.28 -7.43 18.52
CA SER A 6 0.26 -6.83 17.73
C SER A 6 -0.73 -6.10 18.64
N GLU A 7 -0.34 -4.93 19.07
CA GLU A 7 -1.16 -4.09 19.88
C GLU A 7 -1.35 -2.76 19.19
N ALA A 8 -2.58 -2.28 19.25
CA ALA A 8 -3.04 -1.08 18.53
C ALA A 8 -3.09 -1.38 17.04
N GLU A 9 -4.19 -1.97 16.63
CA GLU A 9 -4.39 -2.40 15.27
C GLU A 9 -4.66 -1.23 14.34
N GLN A 10 -3.76 -1.03 13.44
CA GLN A 10 -3.87 0.00 12.47
C GLN A 10 -4.18 -0.64 11.13
N ARG A 11 -4.93 0.05 10.35
CA ARG A 11 -5.29 -0.39 9.04
C ARG A 11 -4.71 0.61 8.08
N TYR A 12 -3.82 0.20 7.27
CA TYR A 12 -3.20 1.11 6.37
C TYR A 12 -3.71 0.86 4.98
N GLU A 13 -4.18 1.90 4.37
CA GLU A 13 -4.65 1.81 3.02
C GLU A 13 -3.67 2.49 2.10
N VAL A 14 -2.92 1.70 1.42
CA VAL A 14 -1.96 2.19 0.48
C VAL A 14 -2.61 2.23 -0.88
N GLN A 15 -2.97 3.41 -1.33
CA GLN A 15 -3.64 3.55 -2.58
C GLN A 15 -2.69 4.21 -3.57
N ILE A 16 -2.26 3.45 -4.54
CA ILE A 16 -1.31 3.90 -5.52
C ILE A 16 -1.96 4.03 -6.87
N VAL A 17 -1.79 5.17 -7.48
CA VAL A 17 -2.32 5.39 -8.81
C VAL A 17 -1.18 5.21 -9.81
N CYS A 18 -1.20 4.14 -10.53
CA CYS A 18 -0.17 3.83 -11.49
C CYS A 18 -0.81 3.47 -12.82
N ARG A 19 -0.02 3.25 -13.84
CA ARG A 19 -0.56 2.86 -15.15
C ARG A 19 -0.88 1.37 -15.11
N ALA A 20 -1.70 0.88 -16.03
CA ALA A 20 -2.00 -0.55 -16.14
C ALA A 20 -0.71 -1.32 -16.40
N GLU A 21 0.10 -0.74 -17.24
CA GLU A 21 1.39 -1.28 -17.64
C GLU A 21 2.33 -1.41 -16.46
N ASP A 22 2.23 -0.46 -15.55
CA ASP A 22 3.12 -0.38 -14.41
C ASP A 22 2.52 -1.04 -13.19
N GLU A 23 1.27 -1.49 -13.30
CA GLU A 23 0.58 -2.20 -12.23
C GLU A 23 1.38 -3.41 -11.79
N ILE A 24 1.89 -4.14 -12.77
CA ILE A 24 2.66 -5.35 -12.54
C ILE A 24 3.87 -5.04 -11.64
N GLN A 25 4.50 -3.92 -11.91
CA GLN A 25 5.67 -3.46 -11.18
C GLN A 25 5.27 -3.11 -9.76
N VAL A 26 4.24 -2.30 -9.64
CA VAL A 26 3.75 -1.86 -8.34
C VAL A 26 3.36 -3.03 -7.46
N ARG A 27 2.58 -3.94 -8.01
CA ARG A 27 2.15 -5.11 -7.30
C ARG A 27 3.35 -6.00 -6.91
N SER A 28 4.24 -6.24 -7.85
CA SER A 28 5.36 -7.10 -7.59
C SER A 28 6.34 -6.48 -6.59
N LEU A 29 6.57 -5.16 -6.68
CA LEU A 29 7.45 -4.51 -5.75
C LEU A 29 6.87 -4.47 -4.36
N MET A 30 5.57 -4.19 -4.22
CA MET A 30 4.95 -4.20 -2.89
C MET A 30 5.03 -5.57 -2.29
N LEU A 31 4.82 -6.58 -3.13
CA LEU A 31 4.90 -7.97 -2.74
C LEU A 31 6.33 -8.28 -2.22
N HIS A 32 7.34 -7.94 -3.01
CA HIS A 32 8.74 -8.19 -2.63
C HIS A 32 9.13 -7.40 -1.37
N SER A 33 8.50 -6.25 -1.20
CA SER A 33 8.78 -5.40 -0.06
C SER A 33 8.14 -5.95 1.21
N LEU A 34 7.27 -6.96 1.07
CA LEU A 34 6.66 -7.61 2.21
C LEU A 34 7.68 -8.53 2.86
N GLY A 35 8.78 -8.79 2.14
CA GLY A 35 9.87 -9.60 2.63
C GLY A 35 10.43 -9.02 3.90
N SER A 36 10.01 -9.60 5.01
CA SER A 36 10.30 -9.17 6.35
C SER A 36 9.70 -7.77 6.60
N SER A 37 8.47 -7.77 7.08
CA SER A 37 7.78 -6.56 7.43
C SER A 37 6.66 -6.91 8.37
N ASP A 38 6.23 -5.97 9.19
CA ASP A 38 5.14 -6.21 10.14
C ASP A 38 3.82 -5.94 9.49
N LEU A 39 3.88 -5.42 8.28
CA LEU A 39 2.70 -5.12 7.52
C LEU A 39 2.14 -6.37 6.91
N ARG A 40 0.99 -6.73 7.37
CA ARG A 40 0.30 -7.90 6.91
C ARG A 40 -0.69 -7.52 5.84
N LEU A 41 -0.37 -7.84 4.62
CA LEU A 41 -1.19 -7.51 3.48
C LEU A 41 -2.45 -8.37 3.47
N GLN A 42 -3.57 -7.76 3.22
CA GLN A 42 -4.81 -8.47 3.12
C GLN A 42 -5.25 -8.55 1.68
N SER A 43 -5.52 -7.43 1.07
CA SER A 43 -5.94 -7.42 -0.29
C SER A 43 -5.53 -6.13 -0.96
N LEU A 44 -5.17 -6.22 -2.22
CA LEU A 44 -4.92 -5.06 -3.02
C LEU A 44 -5.87 -5.04 -4.15
N HIS A 45 -6.65 -4.02 -4.18
CA HIS A 45 -7.67 -3.89 -5.14
C HIS A 45 -7.13 -3.01 -6.25
N SER A 46 -6.65 -3.63 -7.28
CA SER A 46 -6.20 -2.92 -8.44
C SER A 46 -7.41 -2.75 -9.34
N GLU A 47 -7.97 -1.58 -9.33
CA GLU A 47 -9.17 -1.31 -10.07
C GLU A 47 -9.06 0.05 -10.71
N ASP A 48 -9.69 0.23 -11.82
CA ASP A 48 -9.75 1.53 -12.42
C ASP A 48 -11.09 2.15 -12.07
N LEU A 49 -11.06 3.29 -11.44
CA LEU A 49 -12.27 3.96 -11.03
C LEU A 49 -12.45 5.22 -11.85
N ASP A 50 -11.68 6.22 -11.51
CA ASP A 50 -11.77 7.55 -12.15
C ASP A 50 -10.88 7.66 -13.36
N ASN A 51 -9.99 6.74 -13.49
CA ASN A 51 -9.06 6.73 -14.57
C ASN A 51 -9.08 5.38 -15.26
N PRO A 52 -9.33 5.33 -16.58
CA PRO A 52 -9.43 4.07 -17.33
C PRO A 52 -8.07 3.43 -17.66
N ALA A 53 -7.06 4.23 -17.98
CA ALA A 53 -5.76 3.70 -18.39
C ALA A 53 -4.93 3.40 -17.17
N LYS A 54 -5.05 4.24 -16.19
CA LYS A 54 -4.37 4.06 -14.96
C LYS A 54 -5.20 3.19 -14.04
N LEU A 55 -4.56 2.60 -13.10
CA LEU A 55 -5.19 1.74 -12.13
C LEU A 55 -4.95 2.29 -10.77
N GLU A 56 -5.96 2.25 -9.98
CA GLU A 56 -5.89 2.71 -8.64
C GLU A 56 -5.82 1.46 -7.79
N VAL A 57 -4.68 1.26 -7.19
CA VAL A 57 -4.43 0.09 -6.41
C VAL A 57 -4.59 0.43 -4.95
N ARG A 58 -5.67 0.00 -4.39
CA ARG A 58 -5.92 0.20 -2.98
C ARG A 58 -5.53 -1.06 -2.25
N ALA A 59 -4.44 -1.02 -1.54
CA ALA A 59 -3.96 -2.16 -0.81
C ALA A 59 -4.15 -1.95 0.66
N GLU A 60 -4.75 -2.91 1.30
CA GLU A 60 -4.99 -2.86 2.71
C GLU A 60 -3.93 -3.67 3.43
N LEU A 61 -3.12 -2.99 4.19
CA LEU A 61 -2.09 -3.61 4.97
C LEU A 61 -2.39 -3.39 6.43
N LEU A 62 -2.32 -4.42 7.20
CA LEU A 62 -2.58 -4.33 8.61
C LEU A 62 -1.27 -4.17 9.33
N GLY A 63 -1.24 -3.36 10.34
CA GLY A 63 -0.03 -3.16 11.07
C GLY A 63 -0.29 -2.48 12.35
N THR A 64 0.75 -2.14 13.05
CA THR A 64 0.65 -1.44 14.28
C THR A 64 1.28 -0.04 14.11
N PRO A 65 1.14 0.88 15.09
CA PRO A 65 1.68 2.25 14.99
C PRO A 65 3.21 2.26 15.11
N GLU A 66 3.77 1.13 15.45
CA GLU A 66 5.20 0.99 15.67
C GLU A 66 5.95 0.62 14.40
N ALA A 67 5.26 0.62 13.29
CA ALA A 67 5.88 0.26 12.02
C ALA A 67 5.73 1.33 10.88
N PRO A 68 5.60 2.69 11.15
CA PRO A 68 5.35 3.68 10.08
C PRO A 68 6.53 3.80 9.12
N ALA A 69 7.73 3.58 9.67
CA ALA A 69 8.97 3.66 8.92
C ALA A 69 9.01 2.61 7.83
N GLN A 70 8.45 1.43 8.12
CA GLN A 70 8.43 0.37 7.15
C GLN A 70 7.57 0.76 5.96
N LEU A 71 6.44 1.42 6.21
CA LEU A 71 5.58 1.84 5.10
C LEU A 71 6.27 2.87 4.26
N GLU A 72 6.92 3.85 4.89
CA GLU A 72 7.62 4.89 4.17
C GLU A 72 8.72 4.29 3.29
N ARG A 73 9.36 3.26 3.81
CA ARG A 73 10.37 2.54 3.06
C ARG A 73 9.72 1.84 1.83
N LEU A 74 8.61 1.11 2.07
CA LEU A 74 7.86 0.41 1.01
C LEU A 74 7.45 1.42 -0.07
N VAL A 75 6.83 2.51 0.39
CA VAL A 75 6.35 3.58 -0.46
C VAL A 75 7.48 4.15 -1.29
N SER A 76 8.62 4.42 -0.68
CA SER A 76 9.77 4.93 -1.40
C SER A 76 10.21 3.97 -2.52
N ARG A 77 10.28 2.66 -2.20
CA ARG A 77 10.67 1.66 -3.17
C ARG A 77 9.75 1.70 -4.39
N VAL A 78 8.46 1.74 -4.14
CA VAL A 78 7.48 1.78 -5.22
C VAL A 78 7.47 3.15 -5.90
N SER A 79 7.76 4.19 -5.14
CA SER A 79 7.81 5.55 -5.64
C SER A 79 8.97 5.70 -6.64
N LEU A 80 9.99 4.86 -6.49
CA LEU A 80 11.11 4.82 -7.44
C LEU A 80 10.65 4.34 -8.84
N GLU A 81 9.52 3.64 -8.89
CA GLU A 81 8.99 3.10 -10.13
C GLU A 81 8.31 4.12 -11.01
N LYS A 82 8.20 3.73 -12.25
CA LYS A 82 7.56 4.49 -13.30
C LYS A 82 6.07 4.25 -13.26
N GLY A 83 5.31 5.20 -13.74
CA GLY A 83 3.88 5.01 -13.88
C GLY A 83 3.13 5.46 -12.67
N VAL A 84 3.78 5.38 -11.54
CA VAL A 84 3.22 5.83 -10.30
C VAL A 84 3.01 7.32 -10.37
N SER A 85 1.79 7.71 -10.46
CA SER A 85 1.44 9.08 -10.59
C SER A 85 1.30 9.74 -9.22
N SER A 86 0.69 9.04 -8.29
CA SER A 86 0.48 9.55 -6.95
C SER A 86 0.31 8.39 -5.99
N VAL A 87 0.79 8.55 -4.77
CA VAL A 87 0.64 7.54 -3.73
C VAL A 87 -0.01 8.16 -2.52
N ARG A 88 -1.15 7.65 -2.16
CA ARG A 88 -1.84 8.08 -0.99
C ARG A 88 -2.01 6.91 -0.04
N TRP A 89 -1.37 6.98 1.08
CA TRP A 89 -1.54 5.95 2.06
C TRP A 89 -2.16 6.54 3.29
N GLN A 90 -3.13 5.86 3.82
CA GLN A 90 -3.89 6.35 4.93
C GLN A 90 -3.72 5.47 6.13
N VAL A 91 -3.50 6.10 7.26
CA VAL A 91 -3.39 5.39 8.51
C VAL A 91 -4.73 5.40 9.21
N PHE A 92 -5.38 4.29 9.17
CA PHE A 92 -6.63 4.10 9.83
C PHE A 92 -6.44 3.24 11.02
N GLU A 93 -7.35 3.33 11.92
CA GLU A 93 -7.22 2.62 13.15
C GLU A 93 -8.56 2.15 13.65
N LEU A 94 -8.54 1.24 14.58
CA LEU A 94 -9.74 0.75 15.19
C LEU A 94 -10.05 1.61 16.40
N ALA A 95 -11.19 1.44 16.98
CA ALA A 95 -11.55 2.23 18.12
C ALA A 95 -12.14 1.35 19.20
N ALA A 96 -12.34 1.92 20.36
CA ALA A 96 -12.97 1.23 21.46
C ALA A 96 -14.46 1.54 21.44
N ASP A 97 -14.85 2.32 20.45
CA ASP A 97 -16.23 2.67 20.24
C ASP A 97 -16.91 1.52 19.58
N ALA A 5 -2.35 -8.94 23.26
CA ALA A 5 -3.10 -8.05 24.11
C ALA A 5 -3.01 -6.65 23.58
N SER A 6 -4.17 -5.98 23.49
CA SER A 6 -4.28 -4.58 23.08
C SER A 6 -3.78 -4.31 21.66
N GLU A 7 -3.67 -5.33 20.83
CA GLU A 7 -3.23 -5.09 19.48
C GLU A 7 -4.37 -4.60 18.61
N ALA A 8 -4.55 -3.32 18.62
CA ALA A 8 -5.49 -2.67 17.78
C ALA A 8 -4.73 -2.26 16.58
N GLU A 9 -4.74 -3.13 15.64
CA GLU A 9 -3.97 -3.01 14.47
C GLU A 9 -4.48 -1.89 13.61
N GLN A 10 -3.58 -1.26 12.96
CA GLN A 10 -3.88 -0.14 12.16
C GLN A 10 -3.89 -0.62 10.75
N ARG A 11 -4.88 -0.23 10.04
CA ARG A 11 -5.01 -0.64 8.70
C ARG A 11 -4.46 0.44 7.86
N TYR A 12 -3.47 0.15 7.14
CA TYR A 12 -2.93 1.13 6.29
C TYR A 12 -3.31 0.78 4.90
N GLU A 13 -3.91 1.70 4.23
CA GLU A 13 -4.28 1.46 2.89
C GLU A 13 -3.40 2.27 1.99
N VAL A 14 -2.55 1.57 1.33
CA VAL A 14 -1.64 2.18 0.41
C VAL A 14 -2.33 2.27 -0.92
N GLN A 15 -2.39 3.46 -1.45
CA GLN A 15 -3.06 3.72 -2.67
C GLN A 15 -2.04 4.13 -3.72
N ILE A 16 -1.83 3.25 -4.64
CA ILE A 16 -0.87 3.48 -5.70
C ILE A 16 -1.62 3.80 -6.98
N VAL A 17 -1.46 5.00 -7.45
CA VAL A 17 -2.05 5.41 -8.70
C VAL A 17 -1.00 5.14 -9.77
N CYS A 18 -1.22 4.13 -10.54
CA CYS A 18 -0.25 3.69 -11.48
C CYS A 18 -0.88 3.44 -12.83
N ARG A 19 -0.07 3.38 -13.85
CA ARG A 19 -0.53 3.11 -15.18
C ARG A 19 -1.00 1.68 -15.30
N ALA A 20 -1.92 1.44 -16.20
CA ALA A 20 -2.51 0.11 -16.41
C ALA A 20 -1.45 -0.88 -16.88
N GLU A 21 -0.48 -0.35 -17.58
CA GLU A 21 0.63 -1.14 -18.10
C GLU A 21 1.62 -1.52 -16.97
N ASP A 22 1.39 -1.01 -15.78
CA ASP A 22 2.30 -1.24 -14.68
C ASP A 22 1.71 -2.09 -13.59
N GLU A 23 0.46 -2.54 -13.77
CA GLU A 23 -0.28 -3.41 -12.80
C GLU A 23 0.60 -4.54 -12.23
N ILE A 24 1.10 -5.39 -13.10
CA ILE A 24 1.93 -6.54 -12.71
C ILE A 24 3.16 -6.09 -11.95
N GLN A 25 3.80 -5.04 -12.45
CA GLN A 25 4.99 -4.53 -11.84
C GLN A 25 4.72 -3.89 -10.48
N VAL A 26 3.62 -3.17 -10.34
CA VAL A 26 3.30 -2.53 -9.09
C VAL A 26 3.06 -3.57 -8.01
N ARG A 27 2.28 -4.58 -8.33
CA ARG A 27 2.00 -5.64 -7.39
C ARG A 27 3.29 -6.39 -7.01
N SER A 28 4.13 -6.66 -8.02
CA SER A 28 5.37 -7.35 -7.81
C SER A 28 6.33 -6.50 -6.95
N LEU A 29 6.42 -5.20 -7.23
CA LEU A 29 7.26 -4.31 -6.47
C LEU A 29 6.75 -4.12 -5.05
N MET A 30 5.45 -4.18 -4.86
CA MET A 30 4.88 -4.13 -3.51
C MET A 30 5.32 -5.35 -2.73
N LEU A 31 5.19 -6.53 -3.33
CA LEU A 31 5.61 -7.77 -2.69
C LEU A 31 7.13 -7.68 -2.39
N HIS A 32 7.87 -7.20 -3.38
CA HIS A 32 9.32 -7.02 -3.29
C HIS A 32 9.68 -6.19 -2.06
N SER A 33 8.99 -5.08 -1.89
CA SER A 33 9.26 -4.18 -0.78
C SER A 33 8.72 -4.68 0.56
N LEU A 34 7.87 -5.71 0.52
CA LEU A 34 7.30 -6.29 1.74
C LEU A 34 8.24 -7.30 2.33
N GLY A 35 9.35 -7.48 1.66
CA GLY A 35 10.40 -8.37 2.11
C GLY A 35 10.92 -7.93 3.46
N SER A 36 10.59 -8.70 4.48
CA SER A 36 10.95 -8.42 5.87
C SER A 36 10.35 -7.07 6.33
N SER A 37 9.07 -7.09 6.69
CA SER A 37 8.40 -5.91 7.15
C SER A 37 7.27 -6.32 8.11
N ASP A 38 6.79 -5.37 8.89
CA ASP A 38 5.72 -5.63 9.85
C ASP A 38 4.33 -5.35 9.29
N LEU A 39 4.22 -5.35 7.99
CA LEU A 39 2.94 -5.13 7.36
C LEU A 39 2.43 -6.40 6.78
N ARG A 40 1.19 -6.69 7.01
CA ARG A 40 0.59 -7.87 6.46
C ARG A 40 -0.55 -7.48 5.53
N LEU A 41 -0.38 -7.74 4.25
CA LEU A 41 -1.36 -7.39 3.22
C LEU A 41 -2.59 -8.25 3.35
N GLN A 42 -3.71 -7.61 3.57
CA GLN A 42 -4.97 -8.31 3.69
C GLN A 42 -5.61 -8.43 2.34
N SER A 43 -5.89 -7.32 1.72
CA SER A 43 -6.52 -7.31 0.44
C SER A 43 -5.91 -6.23 -0.42
N LEU A 44 -5.73 -6.54 -1.68
CA LEU A 44 -5.18 -5.63 -2.63
C LEU A 44 -6.19 -5.50 -3.75
N HIS A 45 -6.70 -4.32 -3.95
CA HIS A 45 -7.66 -4.07 -4.99
C HIS A 45 -7.10 -3.07 -5.97
N SER A 46 -6.61 -3.56 -7.07
CA SER A 46 -6.17 -2.67 -8.12
C SER A 46 -7.35 -2.43 -9.03
N GLU A 47 -7.95 -1.28 -8.87
CA GLU A 47 -9.16 -0.98 -9.57
C GLU A 47 -9.11 0.46 -10.02
N ASP A 48 -9.80 0.78 -11.08
CA ASP A 48 -9.87 2.14 -11.51
C ASP A 48 -10.91 2.85 -10.69
N LEU A 49 -10.50 3.88 -10.06
CA LEU A 49 -11.37 4.65 -9.24
C LEU A 49 -11.57 6.00 -9.88
N ASP A 50 -10.47 6.66 -10.14
CA ASP A 50 -10.49 7.96 -10.75
C ASP A 50 -10.43 7.87 -12.26
N ASN A 51 -9.57 7.02 -12.79
CA ASN A 51 -9.39 6.95 -14.24
C ASN A 51 -9.03 5.54 -14.70
N PRO A 52 -9.83 4.98 -15.65
CA PRO A 52 -9.70 3.57 -16.13
C PRO A 52 -8.49 3.29 -17.03
N ALA A 53 -7.76 4.33 -17.40
CA ALA A 53 -6.57 4.17 -18.22
C ALA A 53 -5.38 3.89 -17.31
N LYS A 54 -5.64 3.95 -16.04
CA LYS A 54 -4.71 3.69 -14.99
C LYS A 54 -5.44 2.86 -13.97
N LEU A 55 -4.76 2.43 -12.96
CA LEU A 55 -5.40 1.74 -11.87
C LEU A 55 -4.95 2.31 -10.58
N GLU A 56 -5.86 2.43 -9.67
CA GLU A 56 -5.57 2.85 -8.35
C GLU A 56 -5.55 1.60 -7.50
N VAL A 57 -4.41 1.29 -7.03
CA VAL A 57 -4.20 0.13 -6.23
C VAL A 57 -4.47 0.49 -4.80
N ARG A 58 -5.54 -0.01 -4.28
CA ARG A 58 -5.87 0.20 -2.91
C ARG A 58 -5.58 -1.08 -2.17
N ALA A 59 -4.54 -1.07 -1.42
CA ALA A 59 -4.13 -2.24 -0.71
C ALA A 59 -4.15 -2.01 0.78
N GLU A 60 -4.84 -2.85 1.49
CA GLU A 60 -4.93 -2.73 2.93
C GLU A 60 -3.91 -3.64 3.58
N LEU A 61 -3.04 -3.06 4.35
CA LEU A 61 -2.05 -3.81 5.07
C LEU A 61 -2.22 -3.53 6.55
N LEU A 62 -2.19 -4.58 7.35
CA LEU A 62 -2.30 -4.42 8.78
C LEU A 62 -0.92 -4.20 9.35
N GLY A 63 -0.83 -3.27 10.26
CA GLY A 63 0.40 -2.99 10.92
C GLY A 63 0.13 -2.44 12.29
N THR A 64 1.14 -2.27 13.06
CA THR A 64 1.01 -1.73 14.37
C THR A 64 1.26 -0.22 14.35
N PRO A 65 0.74 0.54 15.34
CA PRO A 65 0.94 2.01 15.41
C PRO A 65 2.39 2.36 15.66
N GLU A 66 3.13 1.35 16.07
CA GLU A 66 4.54 1.45 16.38
C GLU A 66 5.36 1.42 15.09
N ALA A 67 4.71 1.07 13.98
CA ALA A 67 5.42 0.92 12.71
C ALA A 67 4.88 1.82 11.58
N PRO A 68 5.04 3.16 11.67
CA PRO A 68 4.66 4.07 10.59
C PRO A 68 5.71 4.11 9.47
N ALA A 69 6.98 4.09 9.87
CA ALA A 69 8.15 4.23 8.98
C ALA A 69 8.18 3.19 7.89
N GLN A 70 7.74 2.00 8.21
CA GLN A 70 7.70 0.89 7.29
C GLN A 70 6.83 1.20 6.08
N LEU A 71 5.73 1.93 6.30
CA LEU A 71 4.85 2.31 5.20
C LEU A 71 5.54 3.30 4.30
N GLU A 72 6.26 4.23 4.91
CA GLU A 72 7.02 5.21 4.16
C GLU A 72 8.07 4.50 3.31
N ARG A 73 8.72 3.50 3.89
CA ARG A 73 9.69 2.64 3.18
C ARG A 73 9.05 2.03 1.92
N LEU A 74 7.88 1.44 2.11
CA LEU A 74 7.16 0.81 1.00
C LEU A 74 6.85 1.85 -0.07
N VAL A 75 6.26 2.95 0.37
CA VAL A 75 5.87 4.04 -0.49
C VAL A 75 7.07 4.61 -1.25
N SER A 76 8.18 4.82 -0.57
CA SER A 76 9.34 5.38 -1.22
C SER A 76 9.92 4.41 -2.25
N ARG A 77 9.93 3.11 -1.92
CA ARG A 77 10.53 2.15 -2.83
C ARG A 77 9.64 1.99 -4.06
N VAL A 78 8.33 2.02 -3.85
CA VAL A 78 7.39 1.95 -4.95
C VAL A 78 7.47 3.25 -5.78
N SER A 79 7.72 4.37 -5.11
CA SER A 79 7.90 5.66 -5.77
C SER A 79 9.21 5.66 -6.59
N LEU A 80 10.14 4.79 -6.22
CA LEU A 80 11.36 4.60 -6.99
C LEU A 80 11.08 3.82 -8.28
N GLU A 81 9.91 3.21 -8.37
CA GLU A 81 9.55 2.47 -9.55
C GLU A 81 8.81 3.39 -10.52
N LYS A 82 9.09 3.20 -11.78
CA LYS A 82 8.52 4.01 -12.82
C LYS A 82 7.14 3.47 -13.20
N GLY A 83 6.23 4.35 -13.51
CA GLY A 83 4.88 3.96 -13.86
C GLY A 83 3.90 4.33 -12.78
N VAL A 84 4.44 4.62 -11.64
CA VAL A 84 3.68 5.04 -10.50
C VAL A 84 3.55 6.55 -10.54
N SER A 85 2.35 7.01 -10.80
CA SER A 85 2.09 8.41 -10.93
C SER A 85 1.96 9.06 -9.56
N SER A 86 1.26 8.41 -8.66
CA SER A 86 1.06 8.92 -7.33
C SER A 86 1.01 7.73 -6.37
N VAL A 87 1.50 7.90 -5.18
CA VAL A 87 1.47 6.84 -4.20
C VAL A 87 1.32 7.45 -2.81
N ARG A 88 0.20 7.18 -2.20
CA ARG A 88 -0.15 7.72 -0.90
C ARG A 88 -0.59 6.59 -0.01
N TRP A 89 -0.48 6.77 1.26
CA TRP A 89 -0.91 5.75 2.18
C TRP A 89 -1.80 6.37 3.24
N GLN A 90 -2.87 5.72 3.55
CA GLN A 90 -3.80 6.25 4.51
C GLN A 90 -3.83 5.38 5.74
N VAL A 91 -3.95 6.00 6.88
CA VAL A 91 -4.00 5.30 8.14
C VAL A 91 -5.45 5.18 8.56
N PHE A 92 -5.94 4.00 8.54
CA PHE A 92 -7.29 3.73 8.96
C PHE A 92 -7.19 2.99 10.27
N GLU A 93 -7.69 3.57 11.27
CA GLU A 93 -7.63 2.99 12.56
C GLU A 93 -9.01 2.55 12.99
N LEU A 94 -9.14 2.04 14.18
CA LEU A 94 -10.42 1.61 14.66
C LEU A 94 -10.93 2.61 15.67
N ALA A 95 -11.94 3.33 15.28
CA ALA A 95 -12.54 4.33 16.13
C ALA A 95 -13.52 3.64 17.06
N ALA A 96 -13.39 3.87 18.34
CA ALA A 96 -14.26 3.25 19.29
C ALA A 96 -15.22 4.28 19.86
N ASP A 97 -16.28 4.51 19.15
CA ASP A 97 -17.28 5.47 19.56
C ASP A 97 -18.61 4.78 19.72
N ALA A 5 -0.03 -9.71 22.25
CA ALA A 5 0.08 -8.88 23.44
C ALA A 5 -1.11 -7.95 23.52
N SER A 6 -1.11 -6.96 22.67
CA SER A 6 -2.19 -6.05 22.56
C SER A 6 -2.25 -5.70 21.11
N GLU A 7 -3.07 -6.44 20.40
CA GLU A 7 -3.11 -6.32 19.00
C GLU A 7 -4.00 -5.18 18.58
N ALA A 8 -3.39 -4.03 18.41
CA ALA A 8 -4.07 -2.86 17.95
C ALA A 8 -3.85 -2.79 16.47
N GLU A 9 -4.66 -3.54 15.79
CA GLU A 9 -4.55 -3.71 14.38
C GLU A 9 -5.03 -2.47 13.66
N GLN A 10 -4.14 -1.84 12.98
CA GLN A 10 -4.46 -0.71 12.19
C GLN A 10 -4.29 -1.09 10.75
N ARG A 11 -5.24 -0.72 9.95
CA ARG A 11 -5.19 -1.02 8.57
C ARG A 11 -4.59 0.14 7.86
N TYR A 12 -3.62 -0.09 7.10
CA TYR A 12 -3.08 0.95 6.33
C TYR A 12 -3.50 0.73 4.94
N GLU A 13 -4.09 1.73 4.38
CA GLU A 13 -4.52 1.68 3.02
C GLU A 13 -3.51 2.37 2.20
N VAL A 14 -2.67 1.60 1.61
CA VAL A 14 -1.66 2.11 0.77
C VAL A 14 -2.23 2.19 -0.62
N GLN A 15 -2.43 3.38 -1.11
CA GLN A 15 -2.98 3.61 -2.40
C GLN A 15 -1.89 4.02 -3.34
N ILE A 16 -1.48 3.12 -4.14
CA ILE A 16 -0.45 3.37 -5.09
C ILE A 16 -1.07 3.79 -6.41
N VAL A 17 -0.96 5.06 -6.70
CA VAL A 17 -1.47 5.61 -7.93
C VAL A 17 -0.44 5.36 -9.00
N CYS A 18 -0.73 4.46 -9.87
CA CYS A 18 0.19 4.05 -10.86
C CYS A 18 -0.52 3.89 -12.19
N ARG A 19 0.25 3.72 -13.22
CA ARG A 19 -0.27 3.41 -14.52
C ARG A 19 -0.69 1.94 -14.56
N ALA A 20 -1.83 1.67 -15.19
CA ALA A 20 -2.37 0.30 -15.32
C ALA A 20 -1.40 -0.59 -16.07
N GLU A 21 -0.62 0.06 -16.90
CA GLU A 21 0.43 -0.54 -17.70
C GLU A 21 1.41 -1.34 -16.85
N ASP A 22 1.68 -0.83 -15.67
CA ASP A 22 2.72 -1.39 -14.83
C ASP A 22 2.17 -1.98 -13.55
N GLU A 23 0.90 -2.38 -13.55
CA GLU A 23 0.26 -2.97 -12.36
C GLU A 23 1.10 -4.11 -11.77
N ILE A 24 1.50 -5.03 -12.62
CA ILE A 24 2.24 -6.21 -12.19
C ILE A 24 3.64 -5.83 -11.69
N GLN A 25 4.20 -4.78 -12.27
CA GLN A 25 5.49 -4.26 -11.84
C GLN A 25 5.35 -3.74 -10.41
N VAL A 26 4.32 -2.92 -10.21
CA VAL A 26 4.01 -2.33 -8.92
C VAL A 26 3.77 -3.45 -7.91
N ARG A 27 2.93 -4.37 -8.32
CA ARG A 27 2.51 -5.53 -7.54
C ARG A 27 3.73 -6.36 -7.09
N SER A 28 4.68 -6.54 -7.99
CA SER A 28 5.89 -7.29 -7.68
C SER A 28 6.75 -6.52 -6.67
N LEU A 29 6.88 -5.21 -6.87
CA LEU A 29 7.64 -4.39 -5.93
C LEU A 29 6.96 -4.34 -4.57
N MET A 30 5.64 -4.34 -4.57
CA MET A 30 4.86 -4.40 -3.33
C MET A 30 5.19 -5.68 -2.58
N LEU A 31 5.25 -6.78 -3.31
CA LEU A 31 5.63 -8.07 -2.74
C LEU A 31 7.03 -7.98 -2.11
N HIS A 32 7.97 -7.40 -2.83
CA HIS A 32 9.36 -7.25 -2.34
C HIS A 32 9.40 -6.33 -1.12
N SER A 33 8.44 -5.43 -1.04
CA SER A 33 8.32 -4.53 0.09
C SER A 33 7.67 -5.24 1.29
N LEU A 34 6.94 -6.33 1.03
CA LEU A 34 6.30 -7.10 2.08
C LEU A 34 7.36 -7.88 2.82
N GLY A 35 8.32 -8.39 2.06
CA GLY A 35 9.45 -9.07 2.66
C GLY A 35 10.49 -8.07 3.15
N SER A 36 10.02 -7.09 3.88
CA SER A 36 10.83 -6.02 4.40
C SER A 36 10.06 -5.38 5.55
N SER A 37 8.80 -5.10 5.33
CA SER A 37 7.96 -4.49 6.34
C SER A 37 7.35 -5.55 7.26
N ASP A 38 7.06 -5.16 8.50
CA ASP A 38 6.40 -6.06 9.47
C ASP A 38 4.89 -5.94 9.37
N LEU A 39 4.45 -5.45 8.25
CA LEU A 39 3.05 -5.27 7.96
C LEU A 39 2.53 -6.53 7.30
N ARG A 40 1.32 -6.88 7.64
CA ARG A 40 0.70 -8.06 7.09
C ARG A 40 -0.33 -7.66 6.05
N LEU A 41 -0.24 -8.24 4.88
CA LEU A 41 -1.13 -7.91 3.79
C LEU A 41 -2.45 -8.65 3.94
N GLN A 42 -3.55 -7.93 3.86
CA GLN A 42 -4.85 -8.53 3.89
C GLN A 42 -5.38 -8.68 2.48
N SER A 43 -5.60 -7.57 1.80
CA SER A 43 -6.12 -7.59 0.45
C SER A 43 -5.56 -6.41 -0.31
N LEU A 44 -5.46 -6.54 -1.62
CA LEU A 44 -5.05 -5.43 -2.47
C LEU A 44 -5.85 -5.45 -3.73
N HIS A 45 -6.37 -4.33 -4.07
CA HIS A 45 -7.17 -4.20 -5.24
C HIS A 45 -6.62 -3.09 -6.07
N SER A 46 -6.29 -3.38 -7.31
CA SER A 46 -5.91 -2.35 -8.19
C SER A 46 -7.19 -1.75 -8.74
N GLU A 47 -7.53 -0.62 -8.21
CA GLU A 47 -8.80 -0.05 -8.46
C GLU A 47 -8.70 1.11 -9.41
N ASP A 48 -9.64 1.14 -10.30
CA ASP A 48 -9.77 2.22 -11.26
C ASP A 48 -10.85 3.15 -10.82
N LEU A 49 -10.53 4.39 -10.75
CA LEU A 49 -11.50 5.39 -10.31
C LEU A 49 -11.58 6.52 -11.29
N ASP A 50 -10.51 7.28 -11.38
CA ASP A 50 -10.47 8.47 -12.21
C ASP A 50 -10.39 8.14 -13.67
N ASN A 51 -9.44 7.33 -14.03
CA ASN A 51 -9.22 7.01 -15.42
C ASN A 51 -8.59 5.64 -15.51
N PRO A 52 -9.10 4.76 -16.40
CA PRO A 52 -8.63 3.36 -16.53
C PRO A 52 -7.14 3.20 -16.89
N ALA A 53 -6.49 4.27 -17.36
CA ALA A 53 -5.06 4.20 -17.69
C ALA A 53 -4.22 4.16 -16.43
N LYS A 54 -4.83 4.52 -15.33
CA LYS A 54 -4.16 4.51 -14.08
C LYS A 54 -4.93 3.64 -13.11
N LEU A 55 -4.26 3.07 -12.19
CA LEU A 55 -4.85 2.25 -11.20
C LEU A 55 -4.33 2.65 -9.86
N GLU A 56 -5.18 2.60 -8.89
CA GLU A 56 -4.78 2.80 -7.56
C GLU A 56 -4.72 1.46 -6.95
N VAL A 57 -3.54 1.02 -6.63
CA VAL A 57 -3.42 -0.25 -6.02
C VAL A 57 -3.58 0.01 -4.57
N ARG A 58 -4.72 -0.34 -4.09
CA ARG A 58 -5.10 -0.06 -2.77
C ARG A 58 -5.02 -1.33 -1.98
N ALA A 59 -4.04 -1.39 -1.13
CA ALA A 59 -3.81 -2.55 -0.33
C ALA A 59 -3.99 -2.23 1.12
N GLU A 60 -4.68 -3.10 1.80
CA GLU A 60 -4.89 -2.99 3.22
C GLU A 60 -3.89 -3.86 3.94
N LEU A 61 -3.01 -3.24 4.65
CA LEU A 61 -2.03 -3.95 5.42
C LEU A 61 -2.29 -3.71 6.88
N LEU A 62 -2.21 -4.75 7.68
CA LEU A 62 -2.39 -4.62 9.09
C LEU A 62 -1.06 -4.38 9.74
N GLY A 63 -1.02 -3.39 10.56
CA GLY A 63 0.15 -3.07 11.27
C GLY A 63 -0.18 -2.30 12.49
N THR A 64 0.82 -1.99 13.23
CA THR A 64 0.68 -1.22 14.41
C THR A 64 1.26 0.18 14.16
N PRO A 65 1.02 1.16 15.07
CA PRO A 65 1.58 2.54 14.97
C PRO A 65 3.13 2.57 14.94
N GLU A 66 3.72 1.41 15.18
CA GLU A 66 5.15 1.20 15.22
C GLU A 66 5.76 1.13 13.81
N ALA A 67 4.90 1.16 12.79
CA ALA A 67 5.36 0.94 11.42
C ALA A 67 5.29 2.19 10.45
N PRO A 68 5.47 3.49 10.88
CA PRO A 68 5.39 4.62 9.95
C PRO A 68 6.54 4.61 8.93
N ALA A 69 7.72 4.16 9.37
CA ALA A 69 8.90 4.12 8.51
C ALA A 69 8.74 3.04 7.46
N GLN A 70 8.10 1.95 7.85
CA GLN A 70 7.83 0.84 6.94
C GLN A 70 6.89 1.28 5.84
N LEU A 71 5.95 2.12 6.20
CA LEU A 71 5.02 2.68 5.23
C LEU A 71 5.77 3.52 4.21
N GLU A 72 6.72 4.31 4.68
CA GLU A 72 7.53 5.13 3.81
C GLU A 72 8.42 4.25 2.94
N ARG A 73 8.85 3.13 3.49
CA ARG A 73 9.64 2.16 2.76
C ARG A 73 8.85 1.58 1.61
N LEU A 74 7.57 1.30 1.85
CA LEU A 74 6.68 0.80 0.80
C LEU A 74 6.58 1.84 -0.29
N VAL A 75 6.29 3.08 0.13
CA VAL A 75 6.18 4.24 -0.75
C VAL A 75 7.41 4.33 -1.63
N SER A 76 8.54 4.38 -0.99
CA SER A 76 9.79 4.56 -1.66
C SER A 76 10.15 3.37 -2.58
N ARG A 77 10.07 2.15 -2.06
CA ARG A 77 10.50 0.95 -2.80
C ARG A 77 9.66 0.74 -4.05
N VAL A 78 8.38 0.92 -3.91
CA VAL A 78 7.50 0.71 -5.04
C VAL A 78 7.57 1.89 -5.98
N SER A 79 7.60 3.11 -5.44
CA SER A 79 7.63 4.28 -6.28
C SER A 79 8.99 4.46 -6.96
N LEU A 80 10.02 3.71 -6.55
CA LEU A 80 11.28 3.72 -7.26
C LEU A 80 11.16 2.97 -8.59
N GLU A 81 10.08 2.23 -8.76
CA GLU A 81 9.83 1.57 -10.00
C GLU A 81 8.99 2.49 -10.90
N LYS A 82 9.17 2.36 -12.20
CA LYS A 82 8.46 3.16 -13.16
C LYS A 82 7.02 2.71 -13.24
N GLY A 83 6.14 3.62 -13.58
CA GLY A 83 4.75 3.32 -13.64
C GLY A 83 4.03 3.88 -12.44
N VAL A 84 4.75 3.99 -11.35
CA VAL A 84 4.21 4.51 -10.12
C VAL A 84 4.31 6.02 -10.14
N SER A 85 3.18 6.65 -10.13
CA SER A 85 3.10 8.06 -10.22
C SER A 85 3.13 8.69 -8.83
N SER A 86 2.34 8.17 -7.91
CA SER A 86 2.26 8.68 -6.56
C SER A 86 1.85 7.56 -5.62
N VAL A 87 2.20 7.68 -4.35
CA VAL A 87 1.75 6.74 -3.35
C VAL A 87 1.24 7.51 -2.16
N ARG A 88 0.02 7.27 -1.79
CA ARG A 88 -0.58 7.93 -0.66
C ARG A 88 -1.12 6.86 0.25
N TRP A 89 -0.99 7.04 1.53
CA TRP A 89 -1.43 6.03 2.47
C TRP A 89 -2.26 6.66 3.59
N GLN A 90 -3.35 6.01 3.91
CA GLN A 90 -4.23 6.48 4.94
C GLN A 90 -4.35 5.42 6.02
N VAL A 91 -4.42 5.86 7.25
CA VAL A 91 -4.49 4.97 8.39
C VAL A 91 -5.93 4.79 8.83
N PHE A 92 -6.36 3.58 8.91
CA PHE A 92 -7.68 3.24 9.37
C PHE A 92 -7.47 2.19 10.43
N GLU A 93 -8.40 2.01 11.29
CA GLU A 93 -8.24 1.01 12.30
C GLU A 93 -9.36 0.02 12.21
N LEU A 94 -9.50 -0.78 13.24
CA LEU A 94 -10.63 -1.68 13.36
C LEU A 94 -11.89 -0.83 13.34
N ALA A 95 -12.81 -1.16 12.45
CA ALA A 95 -14.01 -0.35 12.24
C ALA A 95 -14.81 -0.17 13.51
N ALA A 96 -15.01 1.07 13.88
CA ALA A 96 -15.80 1.40 15.03
C ALA A 96 -17.24 1.38 14.60
N ASP A 97 -17.92 0.35 14.99
CA ASP A 97 -19.29 0.18 14.59
C ASP A 97 -20.17 0.66 15.72
N ALA A 5 -8.59 -6.02 22.66
CA ALA A 5 -8.07 -5.02 23.56
C ALA A 5 -6.65 -4.62 23.20
N SER A 6 -5.69 -5.52 23.40
CA SER A 6 -4.29 -5.20 23.21
C SER A 6 -3.83 -5.40 21.77
N GLU A 7 -4.46 -6.29 21.06
CA GLU A 7 -4.08 -6.56 19.70
C GLU A 7 -4.77 -5.55 18.80
N ALA A 8 -4.12 -4.45 18.61
CA ALA A 8 -4.66 -3.37 17.87
C ALA A 8 -3.79 -3.11 16.67
N GLU A 9 -4.21 -3.66 15.58
CA GLU A 9 -3.53 -3.49 14.33
C GLU A 9 -4.13 -2.30 13.63
N GLN A 10 -3.32 -1.54 13.01
CA GLN A 10 -3.77 -0.39 12.31
C GLN A 10 -3.79 -0.73 10.86
N ARG A 11 -4.86 -0.41 10.22
CA ARG A 11 -5.01 -0.75 8.86
C ARG A 11 -4.58 0.42 8.04
N TYR A 12 -3.62 0.19 7.23
CA TYR A 12 -3.10 1.19 6.40
C TYR A 12 -3.57 0.90 5.03
N GLU A 13 -4.18 1.85 4.43
CA GLU A 13 -4.63 1.69 3.10
C GLU A 13 -3.73 2.45 2.18
N VAL A 14 -2.93 1.72 1.48
CA VAL A 14 -1.99 2.27 0.55
C VAL A 14 -2.66 2.40 -0.79
N GLN A 15 -2.78 3.62 -1.23
CA GLN A 15 -3.43 3.96 -2.45
C GLN A 15 -2.41 4.47 -3.44
N ILE A 16 -2.19 3.68 -4.46
CA ILE A 16 -1.21 3.97 -5.46
C ILE A 16 -1.90 4.22 -6.78
N VAL A 17 -1.60 5.33 -7.37
CA VAL A 17 -2.13 5.69 -8.66
C VAL A 17 -1.01 5.46 -9.65
N CYS A 18 -1.16 4.46 -10.46
CA CYS A 18 -0.13 4.09 -11.39
C CYS A 18 -0.73 3.70 -12.71
N ARG A 19 0.04 3.81 -13.77
CA ARG A 19 -0.41 3.40 -15.08
C ARG A 19 -0.61 1.88 -15.03
N ALA A 20 -1.67 1.39 -15.62
CA ALA A 20 -2.09 -0.02 -15.53
C ALA A 20 -0.98 -0.99 -15.93
N GLU A 21 -0.19 -0.57 -16.86
CA GLU A 21 0.93 -1.34 -17.38
C GLU A 21 2.01 -1.51 -16.30
N ASP A 22 2.17 -0.47 -15.51
CA ASP A 22 3.24 -0.40 -14.52
C ASP A 22 2.79 -0.97 -13.20
N GLU A 23 1.51 -1.26 -13.11
CA GLU A 23 0.90 -1.85 -11.92
C GLU A 23 1.55 -3.17 -11.60
N ILE A 24 1.98 -3.86 -12.64
CA ILE A 24 2.63 -5.13 -12.51
C ILE A 24 3.91 -4.99 -11.65
N GLN A 25 4.63 -3.89 -11.89
CA GLN A 25 5.83 -3.59 -11.16
C GLN A 25 5.48 -3.15 -9.76
N VAL A 26 4.43 -2.35 -9.66
CA VAL A 26 3.92 -1.88 -8.38
C VAL A 26 3.59 -3.09 -7.48
N ARG A 27 2.82 -4.01 -8.04
CA ARG A 27 2.45 -5.25 -7.36
C ARG A 27 3.71 -6.03 -6.96
N SER A 28 4.67 -6.12 -7.88
CA SER A 28 5.91 -6.83 -7.65
C SER A 28 6.69 -6.22 -6.48
N LEU A 29 6.91 -4.90 -6.50
CA LEU A 29 7.68 -4.25 -5.45
C LEU A 29 6.94 -4.23 -4.13
N MET A 30 5.63 -4.03 -4.17
CA MET A 30 4.81 -4.09 -2.96
C MET A 30 4.96 -5.42 -2.29
N LEU A 31 4.75 -6.48 -3.06
CA LEU A 31 4.83 -7.84 -2.56
C LEU A 31 6.20 -8.12 -1.94
N HIS A 32 7.26 -7.83 -2.68
CA HIS A 32 8.61 -8.07 -2.21
C HIS A 32 8.94 -7.29 -0.96
N SER A 33 8.43 -6.10 -0.84
CA SER A 33 8.69 -5.29 0.33
C SER A 33 7.83 -5.75 1.53
N LEU A 34 6.80 -6.54 1.25
CA LEU A 34 5.91 -7.01 2.31
C LEU A 34 6.43 -8.29 2.91
N GLY A 35 7.07 -9.09 2.07
CA GLY A 35 7.60 -10.39 2.51
C GLY A 35 8.90 -10.27 3.29
N SER A 36 9.16 -9.10 3.81
CA SER A 36 10.32 -8.84 4.62
C SER A 36 9.98 -7.76 5.65
N SER A 37 8.69 -7.58 5.87
CA SER A 37 8.18 -6.59 6.78
C SER A 37 7.00 -7.19 7.55
N ASP A 38 6.65 -6.59 8.68
CA ASP A 38 5.56 -7.09 9.55
C ASP A 38 4.20 -6.67 9.06
N LEU A 39 4.16 -6.03 7.91
CA LEU A 39 2.93 -5.58 7.34
C LEU A 39 2.12 -6.74 6.82
N ARG A 40 1.02 -6.96 7.46
CA ARG A 40 0.14 -8.04 7.17
C ARG A 40 -0.85 -7.59 6.10
N LEU A 41 -0.54 -7.90 4.87
CA LEU A 41 -1.38 -7.53 3.75
C LEU A 41 -2.64 -8.35 3.79
N GLN A 42 -3.76 -7.70 3.64
CA GLN A 42 -5.02 -8.38 3.58
C GLN A 42 -5.48 -8.48 2.15
N SER A 43 -5.57 -7.36 1.50
CA SER A 43 -6.02 -7.32 0.14
C SER A 43 -5.24 -6.28 -0.62
N LEU A 44 -5.00 -6.54 -1.88
CA LEU A 44 -4.33 -5.60 -2.74
C LEU A 44 -5.16 -5.54 -4.01
N HIS A 45 -5.89 -4.47 -4.19
CA HIS A 45 -6.77 -4.37 -5.33
C HIS A 45 -6.33 -3.32 -6.30
N SER A 46 -5.82 -3.76 -7.40
CA SER A 46 -5.47 -2.88 -8.48
C SER A 46 -6.68 -2.78 -9.39
N GLU A 47 -7.40 -1.69 -9.29
CA GLU A 47 -8.63 -1.54 -10.02
C GLU A 47 -8.71 -0.10 -10.54
N ASP A 48 -9.31 0.12 -11.69
CA ASP A 48 -9.42 1.49 -12.18
C ASP A 48 -10.69 2.11 -11.68
N LEU A 49 -10.54 3.20 -10.97
CA LEU A 49 -11.68 3.90 -10.41
C LEU A 49 -11.91 5.23 -11.12
N ASP A 50 -10.85 5.98 -11.35
CA ASP A 50 -10.95 7.27 -12.05
C ASP A 50 -10.83 7.12 -13.54
N ASN A 51 -9.78 6.46 -13.97
CA ASN A 51 -9.47 6.35 -15.38
C ASN A 51 -8.97 4.96 -15.68
N PRO A 52 -9.48 4.31 -16.74
CA PRO A 52 -9.13 2.92 -17.11
C PRO A 52 -7.63 2.66 -17.36
N ALA A 53 -6.90 3.69 -17.77
CA ALA A 53 -5.50 3.53 -18.11
C ALA A 53 -4.62 3.54 -16.87
N LYS A 54 -5.12 4.09 -15.78
CA LYS A 54 -4.37 4.12 -14.56
C LYS A 54 -5.10 3.36 -13.47
N LEU A 55 -4.48 2.33 -12.98
CA LEU A 55 -5.06 1.52 -11.96
C LEU A 55 -4.79 2.13 -10.62
N GLU A 56 -5.77 2.12 -9.81
CA GLU A 56 -5.66 2.57 -8.49
C GLU A 56 -5.56 1.37 -7.63
N VAL A 57 -4.43 1.24 -7.10
CA VAL A 57 -4.08 0.12 -6.29
C VAL A 57 -4.36 0.47 -4.87
N ARG A 58 -5.35 -0.15 -4.32
CA ARG A 58 -5.68 0.07 -2.96
C ARG A 58 -5.37 -1.19 -2.20
N ALA A 59 -4.34 -1.13 -1.42
CA ALA A 59 -3.90 -2.25 -0.65
C ALA A 59 -4.16 -1.99 0.82
N GLU A 60 -4.76 -2.92 1.50
CA GLU A 60 -5.01 -2.80 2.91
C GLU A 60 -4.01 -3.64 3.68
N LEU A 61 -3.17 -2.98 4.41
CA LEU A 61 -2.13 -3.60 5.19
C LEU A 61 -2.42 -3.42 6.66
N LEU A 62 -2.32 -4.46 7.41
CA LEU A 62 -2.45 -4.38 8.83
C LEU A 62 -1.06 -4.31 9.43
N GLY A 63 -0.79 -3.28 10.14
CA GLY A 63 0.48 -3.14 10.76
C GLY A 63 0.32 -2.57 12.12
N THR A 64 1.29 -2.70 12.92
CA THR A 64 1.23 -2.18 14.22
C THR A 64 1.80 -0.76 14.23
N PRO A 65 1.35 0.10 15.17
CA PRO A 65 1.77 1.53 15.25
C PRO A 65 3.28 1.72 15.40
N GLU A 66 3.99 0.65 15.64
CA GLU A 66 5.43 0.69 15.84
C GLU A 66 6.18 0.57 14.52
N ALA A 67 5.46 0.53 13.41
CA ALA A 67 6.09 0.38 12.10
C ALA A 67 5.70 1.49 11.05
N PRO A 68 5.58 2.81 11.44
CA PRO A 68 5.11 3.86 10.50
C PRO A 68 6.09 4.11 9.35
N ALA A 69 7.37 4.01 9.66
CA ALA A 69 8.44 4.26 8.70
C ALA A 69 8.49 3.16 7.65
N GLN A 70 8.00 1.99 8.02
CA GLN A 70 8.00 0.85 7.12
C GLN A 70 7.05 1.09 5.97
N LEU A 71 5.93 1.74 6.26
CA LEU A 71 4.96 2.10 5.21
C LEU A 71 5.60 3.03 4.21
N GLU A 72 6.33 4.02 4.73
CA GLU A 72 7.00 5.00 3.88
C GLU A 72 8.12 4.35 3.08
N ARG A 73 8.70 3.31 3.66
CA ARG A 73 9.72 2.52 2.99
C ARG A 73 9.10 1.81 1.79
N LEU A 74 7.90 1.28 1.98
CA LEU A 74 7.16 0.63 0.91
C LEU A 74 6.82 1.68 -0.17
N VAL A 75 6.33 2.83 0.29
CA VAL A 75 5.98 3.98 -0.56
C VAL A 75 7.15 4.39 -1.45
N SER A 76 8.30 4.62 -0.85
CA SER A 76 9.47 5.02 -1.59
C SER A 76 9.96 3.90 -2.53
N ARG A 77 9.87 2.65 -2.07
CA ARG A 77 10.24 1.48 -2.88
C ARG A 77 9.45 1.50 -4.18
N VAL A 78 8.15 1.70 -4.06
CA VAL A 78 7.25 1.74 -5.20
C VAL A 78 7.54 2.96 -6.08
N SER A 79 7.82 4.09 -5.46
CA SER A 79 8.09 5.31 -6.20
C SER A 79 9.50 5.33 -6.82
N LEU A 80 10.31 4.33 -6.51
CA LEU A 80 11.55 4.11 -7.23
C LEU A 80 11.22 3.65 -8.67
N GLU A 81 10.05 3.02 -8.82
CA GLU A 81 9.59 2.59 -10.11
C GLU A 81 8.82 3.66 -10.85
N LYS A 82 8.95 3.61 -12.14
CA LYS A 82 8.28 4.51 -13.04
C LYS A 82 6.88 4.02 -13.32
N GLY A 83 6.01 4.94 -13.62
CA GLY A 83 4.64 4.62 -13.94
C GLY A 83 3.72 4.97 -12.81
N VAL A 84 4.31 5.30 -11.70
CA VAL A 84 3.57 5.66 -10.52
C VAL A 84 3.41 7.17 -10.50
N SER A 85 2.20 7.62 -10.44
CA SER A 85 1.94 9.04 -10.41
C SER A 85 1.92 9.52 -8.96
N SER A 86 1.33 8.73 -8.08
CA SER A 86 1.23 9.06 -6.67
C SER A 86 1.09 7.78 -5.85
N VAL A 87 1.63 7.80 -4.65
CA VAL A 87 1.55 6.69 -3.72
C VAL A 87 1.37 7.23 -2.30
N ARG A 88 0.23 6.98 -1.72
CA ARG A 88 -0.09 7.46 -0.38
C ARG A 88 -0.65 6.37 0.49
N TRP A 89 -0.52 6.55 1.78
CA TRP A 89 -1.00 5.58 2.74
C TRP A 89 -1.81 6.26 3.82
N GLN A 90 -2.92 5.69 4.17
CA GLN A 90 -3.78 6.25 5.19
C GLN A 90 -3.83 5.33 6.39
N VAL A 91 -3.80 5.91 7.57
CA VAL A 91 -3.79 5.16 8.81
C VAL A 91 -5.17 5.12 9.43
N PHE A 92 -5.74 3.95 9.49
CA PHE A 92 -7.00 3.76 10.14
C PHE A 92 -6.85 2.73 11.22
N GLU A 93 -7.61 2.87 12.24
CA GLU A 93 -7.59 1.96 13.34
C GLU A 93 -8.67 0.92 13.16
N LEU A 94 -8.79 0.03 14.10
CA LEU A 94 -9.84 -0.95 14.09
C LEU A 94 -11.09 -0.30 14.65
N ALA A 95 -12.22 -0.55 14.02
CA ALA A 95 -13.50 0.03 14.41
C ALA A 95 -13.91 -0.48 15.78
N ALA A 96 -13.65 0.31 16.77
CA ALA A 96 -13.97 -0.03 18.13
C ALA A 96 -14.72 1.10 18.76
N ASP A 97 -15.76 0.77 19.46
CA ASP A 97 -16.56 1.76 20.13
C ASP A 97 -15.88 2.15 21.42
N ALA A 5 1.20 -9.46 26.09
CA ALA A 5 0.97 -9.24 24.67
C ALA A 5 0.04 -8.06 24.47
N SER A 6 0.21 -7.39 23.36
CA SER A 6 -0.62 -6.27 23.01
C SER A 6 -0.83 -6.25 21.50
N GLU A 7 -1.95 -6.78 21.08
CA GLU A 7 -2.25 -6.86 19.68
C GLU A 7 -2.99 -5.63 19.25
N ALA A 8 -2.26 -4.65 18.84
CA ALA A 8 -2.82 -3.40 18.44
C ALA A 8 -2.29 -3.02 17.07
N GLU A 9 -2.80 -3.68 16.07
CA GLU A 9 -2.41 -3.38 14.73
C GLU A 9 -3.42 -2.42 14.15
N GLN A 10 -2.98 -1.59 13.27
CA GLN A 10 -3.81 -0.64 12.60
C GLN A 10 -3.84 -1.02 11.14
N ARG A 11 -4.87 -0.63 10.42
CA ARG A 11 -4.94 -0.92 9.02
C ARG A 11 -4.34 0.24 8.29
N TYR A 12 -3.37 -0.03 7.53
CA TYR A 12 -2.83 0.98 6.69
C TYR A 12 -3.24 0.63 5.31
N GLU A 13 -3.82 1.55 4.64
CA GLU A 13 -4.25 1.29 3.32
C GLU A 13 -3.53 2.18 2.37
N VAL A 14 -2.81 1.59 1.48
CA VAL A 14 -2.00 2.31 0.55
C VAL A 14 -2.69 2.33 -0.80
N GLN A 15 -2.80 3.51 -1.36
CA GLN A 15 -3.38 3.71 -2.67
C GLN A 15 -2.26 4.12 -3.60
N ILE A 16 -2.00 3.32 -4.57
CA ILE A 16 -0.99 3.64 -5.54
C ILE A 16 -1.64 3.94 -6.87
N VAL A 17 -1.56 5.16 -7.31
CA VAL A 17 -2.08 5.54 -8.62
C VAL A 17 -0.96 5.31 -9.61
N CYS A 18 -1.09 4.30 -10.41
CA CYS A 18 -0.04 3.94 -11.32
C CYS A 18 -0.53 3.59 -12.71
N ARG A 19 0.32 3.82 -13.67
CA ARG A 19 0.13 3.45 -15.07
C ARG A 19 -0.08 1.93 -15.18
N ALA A 20 -1.00 1.48 -16.04
CA ALA A 20 -1.37 0.05 -16.18
C ALA A 20 -0.17 -0.83 -16.46
N GLU A 21 0.71 -0.33 -17.30
CA GLU A 21 1.96 -1.01 -17.64
C GLU A 21 2.85 -1.23 -16.44
N ASP A 22 2.84 -0.29 -15.54
CA ASP A 22 3.75 -0.33 -14.42
C ASP A 22 3.09 -0.87 -13.18
N GLU A 23 1.76 -1.04 -13.23
CA GLU A 23 0.98 -1.59 -12.13
C GLU A 23 1.52 -2.94 -11.70
N ILE A 24 1.89 -3.74 -12.69
CA ILE A 24 2.44 -5.05 -12.45
C ILE A 24 3.76 -4.95 -11.66
N GLN A 25 4.56 -3.94 -12.00
CA GLN A 25 5.83 -3.73 -11.32
C GLN A 25 5.56 -3.29 -9.89
N VAL A 26 4.60 -2.39 -9.74
CA VAL A 26 4.17 -1.90 -8.45
C VAL A 26 3.77 -3.05 -7.55
N ARG A 27 2.86 -3.88 -8.06
CA ARG A 27 2.36 -5.04 -7.34
C ARG A 27 3.51 -5.96 -6.93
N SER A 28 4.42 -6.20 -7.86
CA SER A 28 5.57 -7.04 -7.63
C SER A 28 6.45 -6.46 -6.52
N LEU A 29 6.79 -5.17 -6.62
CA LEU A 29 7.62 -4.55 -5.61
C LEU A 29 6.93 -4.48 -4.27
N MET A 30 5.62 -4.24 -4.28
CA MET A 30 4.83 -4.25 -3.05
C MET A 30 4.96 -5.59 -2.39
N LEU A 31 4.73 -6.66 -3.17
CA LEU A 31 4.80 -8.03 -2.69
C LEU A 31 6.16 -8.31 -2.05
N HIS A 32 7.23 -7.97 -2.77
CA HIS A 32 8.60 -8.14 -2.27
C HIS A 32 8.83 -7.38 -0.98
N SER A 33 8.22 -6.22 -0.87
CA SER A 33 8.36 -5.40 0.31
C SER A 33 7.47 -5.90 1.47
N LEU A 34 6.49 -6.76 1.16
CA LEU A 34 5.59 -7.29 2.19
C LEU A 34 6.29 -8.33 3.00
N GLY A 35 7.04 -9.19 2.33
CA GLY A 35 7.79 -10.23 3.02
C GLY A 35 8.99 -9.65 3.75
N SER A 36 9.36 -8.45 3.36
CA SER A 36 10.47 -7.76 3.94
C SER A 36 10.02 -6.89 5.13
N SER A 37 8.77 -7.03 5.53
CA SER A 37 8.27 -6.25 6.63
C SER A 37 7.28 -7.06 7.47
N ASP A 38 6.76 -6.44 8.51
CA ASP A 38 5.78 -7.06 9.40
C ASP A 38 4.37 -6.79 8.92
N LEU A 39 4.26 -5.95 7.90
CA LEU A 39 2.97 -5.52 7.38
C LEU A 39 2.17 -6.69 6.82
N ARG A 40 1.14 -7.03 7.54
CA ARG A 40 0.30 -8.18 7.29
C ARG A 40 -0.76 -7.80 6.25
N LEU A 41 -0.56 -8.22 5.01
CA LEU A 41 -1.49 -7.88 3.92
C LEU A 41 -2.85 -8.51 4.14
N GLN A 42 -3.87 -7.70 4.12
CA GLN A 42 -5.23 -8.18 4.26
C GLN A 42 -5.85 -8.32 2.90
N SER A 43 -5.89 -7.24 2.19
CA SER A 43 -6.46 -7.20 0.90
C SER A 43 -5.62 -6.33 -0.03
N LEU A 44 -5.65 -6.61 -1.29
CA LEU A 44 -4.92 -5.86 -2.28
C LEU A 44 -5.83 -5.76 -3.49
N HIS A 45 -6.34 -4.60 -3.73
CA HIS A 45 -7.27 -4.41 -4.82
C HIS A 45 -6.66 -3.50 -5.88
N SER A 46 -6.29 -4.06 -7.00
CA SER A 46 -5.83 -3.26 -8.10
C SER A 46 -7.09 -2.87 -8.89
N GLU A 47 -7.53 -1.66 -8.72
CA GLU A 47 -8.81 -1.26 -9.24
C GLU A 47 -8.72 0.14 -9.85
N ASP A 48 -9.50 0.41 -10.86
CA ASP A 48 -9.54 1.75 -11.42
C ASP A 48 -10.75 2.47 -10.88
N LEU A 49 -10.54 3.62 -10.32
CA LEU A 49 -11.62 4.41 -9.80
C LEU A 49 -11.82 5.65 -10.63
N ASP A 50 -10.85 6.53 -10.63
CA ASP A 50 -10.94 7.79 -11.34
C ASP A 50 -10.65 7.66 -12.83
N ASN A 51 -9.59 6.97 -13.15
CA ASN A 51 -9.16 6.81 -14.51
C ASN A 51 -8.92 5.34 -14.80
N PRO A 52 -9.36 4.82 -15.96
CA PRO A 52 -9.24 3.40 -16.30
C PRO A 52 -7.81 2.96 -16.67
N ALA A 53 -7.00 3.89 -17.12
CA ALA A 53 -5.64 3.58 -17.53
C ALA A 53 -4.70 3.65 -16.34
N LYS A 54 -5.03 4.50 -15.40
CA LYS A 54 -4.27 4.60 -14.18
C LYS A 54 -4.90 3.71 -13.13
N LEU A 55 -4.31 2.58 -12.92
CA LEU A 55 -4.79 1.61 -11.98
C LEU A 55 -4.40 2.02 -10.60
N GLU A 56 -5.36 2.02 -9.72
CA GLU A 56 -5.15 2.40 -8.37
C GLU A 56 -5.08 1.14 -7.53
N VAL A 57 -3.93 0.88 -7.05
CA VAL A 57 -3.69 -0.28 -6.23
C VAL A 57 -3.99 0.10 -4.82
N ARG A 58 -5.06 -0.40 -4.31
CA ARG A 58 -5.49 -0.09 -2.97
C ARG A 58 -5.35 -1.33 -2.11
N ALA A 59 -4.41 -1.31 -1.23
CA ALA A 59 -4.14 -2.47 -0.40
C ALA A 59 -4.25 -2.11 1.07
N GLU A 60 -4.85 -3.00 1.84
CA GLU A 60 -4.97 -2.83 3.28
C GLU A 60 -3.99 -3.77 3.97
N LEU A 61 -3.14 -3.21 4.78
CA LEU A 61 -2.11 -3.95 5.49
C LEU A 61 -2.25 -3.69 6.98
N LEU A 62 -2.07 -4.70 7.78
CA LEU A 62 -2.09 -4.51 9.22
C LEU A 62 -0.67 -4.33 9.71
N GLY A 63 -0.47 -3.31 10.48
CA GLY A 63 0.80 -3.03 11.06
C GLY A 63 0.61 -2.23 12.31
N THR A 64 1.57 -2.22 13.16
CA THR A 64 1.46 -1.52 14.39
C THR A 64 1.90 -0.05 14.24
N PRO A 65 1.62 0.82 15.26
CA PRO A 65 2.00 2.24 15.24
C PRO A 65 3.53 2.47 15.20
N GLU A 66 4.28 1.40 15.35
CA GLU A 66 5.73 1.48 15.32
C GLU A 66 6.27 1.03 13.96
N ALA A 67 5.38 0.73 13.05
CA ALA A 67 5.77 0.30 11.71
C ALA A 67 5.48 1.31 10.53
N PRO A 68 5.23 2.66 10.74
CA PRO A 68 4.90 3.55 9.62
C PRO A 68 6.12 3.84 8.75
N ALA A 69 7.31 3.76 9.35
CA ALA A 69 8.55 3.99 8.63
C ALA A 69 8.79 2.88 7.60
N GLN A 70 8.26 1.71 7.90
CA GLN A 70 8.35 0.59 7.00
C GLN A 70 7.47 0.83 5.80
N LEU A 71 6.32 1.43 6.04
CA LEU A 71 5.43 1.80 4.95
C LEU A 71 6.09 2.88 4.12
N GLU A 72 6.81 3.80 4.78
CA GLU A 72 7.58 4.81 4.06
C GLU A 72 8.57 4.14 3.12
N ARG A 73 9.17 3.04 3.59
CA ARG A 73 10.04 2.20 2.76
C ARG A 73 9.27 1.72 1.52
N LEU A 74 8.09 1.11 1.76
CA LEU A 74 7.20 0.66 0.68
C LEU A 74 6.88 1.80 -0.29
N VAL A 75 6.43 2.92 0.27
CA VAL A 75 6.07 4.10 -0.49
C VAL A 75 7.24 4.58 -1.35
N SER A 76 8.41 4.67 -0.75
CA SER A 76 9.59 5.12 -1.45
C SER A 76 9.99 4.13 -2.57
N ARG A 77 9.91 2.84 -2.25
CA ARG A 77 10.25 1.78 -3.20
C ARG A 77 9.33 1.82 -4.43
N VAL A 78 8.06 2.06 -4.19
CA VAL A 78 7.10 2.16 -5.27
C VAL A 78 7.24 3.49 -6.00
N SER A 79 7.45 4.56 -5.26
CA SER A 79 7.60 5.90 -5.83
C SER A 79 8.89 6.01 -6.65
N LEU A 80 9.85 5.11 -6.40
CA LEU A 80 11.06 5.07 -7.21
C LEU A 80 10.80 4.49 -8.59
N GLU A 81 9.64 3.90 -8.80
CA GLU A 81 9.31 3.38 -10.10
C GLU A 81 8.62 4.39 -10.97
N LYS A 82 8.73 4.16 -12.24
CA LYS A 82 8.13 4.98 -13.27
C LYS A 82 6.67 4.62 -13.39
N GLY A 83 5.86 5.56 -13.81
CA GLY A 83 4.46 5.27 -14.05
C GLY A 83 3.63 5.48 -12.81
N VAL A 84 4.27 5.46 -11.68
CA VAL A 84 3.63 5.70 -10.43
C VAL A 84 3.46 7.20 -10.27
N SER A 85 2.25 7.65 -10.25
CA SER A 85 2.00 9.05 -10.18
C SER A 85 1.99 9.51 -8.72
N SER A 86 1.25 8.84 -7.88
CA SER A 86 1.17 9.22 -6.50
C SER A 86 0.89 8.01 -5.62
N VAL A 87 1.53 8.00 -4.48
CA VAL A 87 1.32 6.97 -3.50
C VAL A 87 0.78 7.65 -2.26
N ARG A 88 -0.45 7.35 -1.93
CA ARG A 88 -1.10 7.97 -0.79
C ARG A 88 -1.66 6.88 0.09
N TRP A 89 -1.49 7.02 1.36
CA TRP A 89 -1.95 5.99 2.26
C TRP A 89 -2.66 6.58 3.46
N GLN A 90 -3.63 5.87 3.95
CA GLN A 90 -4.41 6.30 5.09
C GLN A 90 -4.32 5.28 6.18
N VAL A 91 -4.57 5.71 7.38
CA VAL A 91 -4.59 4.84 8.51
C VAL A 91 -6.04 4.64 8.92
N PHE A 92 -6.42 3.43 9.13
CA PHE A 92 -7.72 3.09 9.63
C PHE A 92 -7.46 2.25 10.84
N GLU A 93 -8.29 2.34 11.81
CA GLU A 93 -8.01 1.66 13.02
C GLU A 93 -9.09 0.72 13.39
N LEU A 94 -8.74 -0.17 14.25
CA LEU A 94 -9.66 -1.02 14.88
C LEU A 94 -10.01 -0.28 16.13
N ALA A 95 -10.82 0.65 15.89
CA ALA A 95 -11.19 1.68 16.81
C ALA A 95 -12.16 1.22 17.87
N ALA A 96 -12.72 2.17 18.56
CA ALA A 96 -13.70 1.92 19.55
C ALA A 96 -15.06 1.86 18.88
N ASP A 97 -16.08 1.66 19.63
CA ASP A 97 -17.41 1.65 19.10
C ASP A 97 -17.97 3.07 19.15
N ALA A 5 -6.20 -8.60 24.65
CA ALA A 5 -6.76 -8.16 23.39
C ALA A 5 -6.48 -6.68 23.18
N SER A 6 -5.56 -6.39 22.30
CA SER A 6 -5.27 -5.02 21.96
C SER A 6 -5.41 -4.82 20.48
N GLU A 7 -6.63 -4.58 20.06
CA GLU A 7 -6.92 -4.31 18.68
C GLU A 7 -6.58 -2.88 18.38
N ALA A 8 -5.33 -2.68 18.12
CA ALA A 8 -4.78 -1.40 17.81
C ALA A 8 -4.09 -1.53 16.47
N GLU A 9 -4.57 -2.53 15.73
CA GLU A 9 -4.09 -2.83 14.41
C GLU A 9 -4.34 -1.60 13.56
N GLN A 10 -3.38 -1.14 12.87
CA GLN A 10 -3.58 -0.02 12.05
C GLN A 10 -3.73 -0.46 10.65
N ARG A 11 -4.82 -0.08 10.06
CA ARG A 11 -5.13 -0.41 8.71
C ARG A 11 -4.49 0.60 7.83
N TYR A 12 -3.65 0.17 6.99
CA TYR A 12 -3.05 1.08 6.11
C TYR A 12 -3.66 0.85 4.78
N GLU A 13 -4.14 1.89 4.23
CA GLU A 13 -4.79 1.85 2.97
C GLU A 13 -3.91 2.62 2.01
N VAL A 14 -3.15 1.89 1.26
CA VAL A 14 -2.19 2.44 0.37
C VAL A 14 -2.71 2.35 -1.06
N GLN A 15 -3.05 3.47 -1.63
CA GLN A 15 -3.49 3.55 -3.00
C GLN A 15 -2.40 4.14 -3.86
N ILE A 16 -1.80 3.30 -4.63
CA ILE A 16 -0.79 3.74 -5.54
C ILE A 16 -1.39 3.87 -6.93
N VAL A 17 -1.51 5.09 -7.36
CA VAL A 17 -2.06 5.39 -8.66
C VAL A 17 -0.93 5.24 -9.65
N CYS A 18 -1.03 4.28 -10.50
CA CYS A 18 0.02 4.01 -11.43
C CYS A 18 -0.53 3.74 -12.82
N ARG A 19 0.33 3.89 -13.82
CA ARG A 19 -0.03 3.67 -15.21
C ARG A 19 -0.42 2.20 -15.40
N ALA A 20 -1.38 1.98 -16.29
CA ALA A 20 -1.97 0.65 -16.53
C ALA A 20 -0.91 -0.38 -16.85
N GLU A 21 0.03 0.01 -17.68
CA GLU A 21 1.11 -0.85 -18.09
C GLU A 21 2.02 -1.22 -16.92
N ASP A 22 2.14 -0.33 -15.98
CA ASP A 22 3.06 -0.49 -14.88
C ASP A 22 2.39 -1.12 -13.68
N GLU A 23 1.10 -1.44 -13.83
CA GLU A 23 0.31 -2.11 -12.77
C GLU A 23 1.03 -3.34 -12.24
N ILE A 24 1.44 -4.20 -13.16
CA ILE A 24 2.11 -5.45 -12.83
C ILE A 24 3.39 -5.17 -12.03
N GLN A 25 4.13 -4.17 -12.49
CA GLN A 25 5.38 -3.80 -11.86
C GLN A 25 5.15 -3.26 -10.46
N VAL A 26 4.20 -2.35 -10.33
CA VAL A 26 3.89 -1.75 -9.05
C VAL A 26 3.42 -2.80 -8.06
N ARG A 27 2.50 -3.65 -8.50
CA ARG A 27 1.96 -4.73 -7.67
C ARG A 27 3.09 -5.66 -7.18
N SER A 28 4.00 -6.01 -8.10
CA SER A 28 5.11 -6.89 -7.78
C SER A 28 6.04 -6.25 -6.73
N LEU A 29 6.34 -4.97 -6.89
CA LEU A 29 7.17 -4.24 -5.94
C LEU A 29 6.51 -4.13 -4.58
N MET A 30 5.22 -3.84 -4.57
CA MET A 30 4.45 -3.73 -3.34
C MET A 30 4.48 -5.04 -2.57
N LEU A 31 4.24 -6.13 -3.29
CA LEU A 31 4.26 -7.46 -2.71
C LEU A 31 5.67 -7.79 -2.20
N HIS A 32 6.68 -7.51 -3.00
CA HIS A 32 8.07 -7.81 -2.65
C HIS A 32 8.52 -7.01 -1.41
N SER A 33 7.97 -5.83 -1.26
CA SER A 33 8.31 -4.99 -0.14
C SER A 33 7.69 -5.51 1.18
N LEU A 34 6.74 -6.42 1.07
CA LEU A 34 6.10 -6.98 2.25
C LEU A 34 6.92 -8.12 2.82
N GLY A 35 7.80 -8.66 2.01
CA GLY A 35 8.65 -9.74 2.44
C GLY A 35 9.64 -9.26 3.48
N SER A 36 9.59 -9.88 4.65
CA SER A 36 10.45 -9.57 5.78
C SER A 36 10.01 -8.24 6.45
N SER A 37 8.83 -7.79 6.08
CA SER A 37 8.30 -6.59 6.64
C SER A 37 7.30 -6.95 7.74
N ASP A 38 6.90 -5.98 8.52
CA ASP A 38 6.00 -6.21 9.65
C ASP A 38 4.55 -6.16 9.21
N LEU A 39 4.35 -5.60 8.03
CA LEU A 39 3.02 -5.42 7.48
C LEU A 39 2.43 -6.73 7.01
N ARG A 40 1.16 -6.90 7.24
CA ARG A 40 0.44 -8.07 6.83
C ARG A 40 -0.60 -7.66 5.79
N LEU A 41 -0.49 -8.18 4.59
CA LEU A 41 -1.43 -7.84 3.54
C LEU A 41 -2.76 -8.48 3.81
N GLN A 42 -3.78 -7.72 3.71
CA GLN A 42 -5.11 -8.24 3.79
C GLN A 42 -5.73 -8.19 2.43
N SER A 43 -5.78 -7.02 1.88
CA SER A 43 -6.42 -6.87 0.60
C SER A 43 -5.51 -6.14 -0.36
N LEU A 44 -5.58 -6.49 -1.60
CA LEU A 44 -4.82 -5.84 -2.63
C LEU A 44 -5.70 -5.75 -3.86
N HIS A 45 -6.11 -4.56 -4.16
CA HIS A 45 -7.01 -4.33 -5.26
C HIS A 45 -6.35 -3.47 -6.29
N SER A 46 -6.01 -4.05 -7.41
CA SER A 46 -5.55 -3.26 -8.51
C SER A 46 -6.82 -2.88 -9.27
N GLU A 47 -7.28 -1.67 -9.10
CA GLU A 47 -8.56 -1.32 -9.64
C GLU A 47 -8.52 0.06 -10.25
N ASP A 48 -9.31 0.26 -11.26
CA ASP A 48 -9.46 1.58 -11.84
C ASP A 48 -10.69 2.22 -11.25
N LEU A 49 -10.46 3.20 -10.42
CA LEU A 49 -11.50 3.81 -9.63
C LEU A 49 -11.73 5.24 -10.07
N ASP A 50 -10.69 6.02 -10.03
CA ASP A 50 -10.80 7.44 -10.35
C ASP A 50 -10.79 7.63 -11.83
N ASN A 51 -10.12 6.74 -12.50
CA ASN A 51 -9.96 6.80 -13.94
C ASN A 51 -9.69 5.41 -14.46
N PRO A 52 -10.13 5.10 -15.69
CA PRO A 52 -9.86 3.80 -16.31
C PRO A 52 -8.47 3.75 -16.97
N ALA A 53 -7.82 4.90 -17.09
CA ALA A 53 -6.55 4.98 -17.78
C ALA A 53 -5.44 4.42 -16.91
N LYS A 54 -5.41 4.85 -15.69
CA LYS A 54 -4.44 4.40 -14.73
C LYS A 54 -5.16 3.52 -13.74
N LEU A 55 -4.44 2.88 -12.88
CA LEU A 55 -5.09 2.11 -11.85
C LEU A 55 -4.66 2.55 -10.51
N GLU A 56 -5.56 2.44 -9.58
CA GLU A 56 -5.31 2.71 -8.23
C GLU A 56 -5.13 1.36 -7.57
N VAL A 57 -3.93 1.11 -7.16
CA VAL A 57 -3.64 -0.14 -6.52
C VAL A 57 -3.75 0.08 -5.03
N ARG A 58 -4.81 -0.43 -4.46
CA ARG A 58 -5.11 -0.28 -3.06
C ARG A 58 -4.69 -1.51 -2.29
N ALA A 59 -3.71 -1.35 -1.45
CA ALA A 59 -3.28 -2.41 -0.60
C ALA A 59 -3.66 -2.09 0.83
N GLU A 60 -4.38 -2.98 1.43
CA GLU A 60 -4.76 -2.82 2.80
C GLU A 60 -3.83 -3.66 3.63
N LEU A 61 -2.99 -3.00 4.35
CA LEU A 61 -1.99 -3.63 5.15
C LEU A 61 -2.34 -3.44 6.60
N LEU A 62 -2.20 -4.47 7.38
CA LEU A 62 -2.37 -4.35 8.79
C LEU A 62 -1.02 -4.31 9.43
N GLY A 63 -0.82 -3.35 10.28
CA GLY A 63 0.40 -3.24 10.99
C GLY A 63 0.15 -2.68 12.35
N THR A 64 1.16 -2.50 13.10
CA THR A 64 1.05 -1.95 14.40
C THR A 64 1.55 -0.52 14.38
N PRO A 65 1.13 0.32 15.35
CA PRO A 65 1.59 1.72 15.49
C PRO A 65 3.10 1.81 15.75
N GLU A 66 3.70 0.67 15.98
CA GLU A 66 5.10 0.53 16.29
C GLU A 66 5.94 0.36 15.01
N ALA A 67 5.27 0.33 13.86
CA ALA A 67 5.96 0.14 12.58
C ALA A 67 5.66 1.26 11.52
N PRO A 68 5.54 2.58 11.88
CA PRO A 68 5.18 3.62 10.90
C PRO A 68 6.25 3.85 9.81
N ALA A 69 7.51 3.60 10.17
CA ALA A 69 8.63 3.81 9.26
C ALA A 69 8.62 2.80 8.13
N GLN A 70 8.03 1.65 8.40
CA GLN A 70 7.94 0.59 7.43
C GLN A 70 7.09 1.01 6.25
N LEU A 71 6.07 1.82 6.51
CA LEU A 71 5.19 2.30 5.46
C LEU A 71 5.96 3.20 4.53
N GLU A 72 6.76 4.10 5.08
CA GLU A 72 7.57 4.97 4.27
C GLU A 72 8.59 4.18 3.48
N ARG A 73 9.10 3.10 4.08
CA ARG A 73 10.04 2.20 3.41
C ARG A 73 9.39 1.60 2.16
N LEU A 74 8.15 1.12 2.32
CA LEU A 74 7.39 0.52 1.23
C LEU A 74 7.14 1.55 0.14
N VAL A 75 6.62 2.70 0.56
CA VAL A 75 6.31 3.80 -0.33
C VAL A 75 7.55 4.23 -1.10
N SER A 76 8.68 4.32 -0.42
CA SER A 76 9.92 4.71 -1.06
C SER A 76 10.32 3.71 -2.14
N ARG A 77 10.31 2.41 -1.80
CA ARG A 77 10.69 1.36 -2.73
C ARG A 77 9.85 1.40 -4.00
N VAL A 78 8.54 1.48 -3.84
CA VAL A 78 7.65 1.47 -5.00
C VAL A 78 7.77 2.79 -5.77
N SER A 79 8.01 3.88 -5.05
CA SER A 79 8.12 5.18 -5.67
C SER A 79 9.44 5.30 -6.44
N LEU A 80 10.42 4.47 -6.09
CA LEU A 80 11.68 4.42 -6.83
C LEU A 80 11.43 3.86 -8.22
N GLU A 81 10.39 3.06 -8.34
CA GLU A 81 10.00 2.50 -9.61
C GLU A 81 9.18 3.45 -10.42
N LYS A 82 9.15 3.16 -11.69
CA LYS A 82 8.49 3.94 -12.70
C LYS A 82 7.01 3.59 -12.77
N GLY A 83 6.20 4.52 -13.20
CA GLY A 83 4.81 4.24 -13.43
C GLY A 83 3.87 4.87 -12.43
N VAL A 84 4.40 5.26 -11.30
CA VAL A 84 3.57 5.81 -10.25
C VAL A 84 3.24 7.28 -10.54
N SER A 85 1.97 7.55 -10.62
CA SER A 85 1.47 8.86 -10.87
C SER A 85 1.33 9.60 -9.54
N SER A 86 0.70 8.94 -8.58
CA SER A 86 0.47 9.52 -7.27
C SER A 86 0.44 8.40 -6.26
N VAL A 87 0.98 8.62 -5.10
CA VAL A 87 0.91 7.64 -4.05
C VAL A 87 0.26 8.25 -2.82
N ARG A 88 -0.81 7.66 -2.38
CA ARG A 88 -1.53 8.15 -1.22
C ARG A 88 -1.77 6.99 -0.26
N TRP A 89 -1.53 7.21 1.00
CA TRP A 89 -1.74 6.17 1.97
C TRP A 89 -2.37 6.73 3.22
N GLN A 90 -3.35 6.01 3.73
CA GLN A 90 -4.10 6.42 4.90
C GLN A 90 -3.89 5.42 6.01
N VAL A 91 -3.93 5.91 7.23
CA VAL A 91 -3.81 5.07 8.40
C VAL A 91 -5.16 5.07 9.11
N PHE A 92 -5.85 3.97 9.06
CA PHE A 92 -7.16 3.84 9.66
C PHE A 92 -7.12 2.93 10.86
N GLU A 93 -8.07 3.09 11.72
CA GLU A 93 -8.19 2.27 12.88
C GLU A 93 -9.49 1.50 12.82
N LEU A 94 -9.60 0.47 13.59
CA LEU A 94 -10.78 -0.35 13.63
C LEU A 94 -11.72 0.20 14.67
N ALA A 95 -12.98 -0.12 14.53
CA ALA A 95 -13.98 0.33 15.45
C ALA A 95 -13.89 -0.40 16.77
N ALA A 96 -13.18 0.16 17.69
CA ALA A 96 -13.05 -0.39 19.01
C ALA A 96 -13.84 0.47 19.96
N ASP A 97 -14.99 0.00 20.33
CA ASP A 97 -15.87 0.74 21.20
C ASP A 97 -15.51 0.46 22.64
N ALA A 5 -4.24 -10.72 25.20
CA ALA A 5 -4.30 -10.61 23.76
C ALA A 5 -4.57 -9.16 23.38
N SER A 6 -3.69 -8.57 22.63
CA SER A 6 -3.89 -7.23 22.16
C SER A 6 -3.64 -7.21 20.65
N GLU A 7 -4.70 -7.37 19.88
CA GLU A 7 -4.62 -7.41 18.42
C GLU A 7 -4.70 -6.00 17.85
N ALA A 8 -3.95 -5.14 18.46
CA ALA A 8 -3.89 -3.77 18.09
C ALA A 8 -2.98 -3.55 16.91
N GLU A 9 -3.53 -3.79 15.76
CA GLU A 9 -2.86 -3.55 14.52
C GLU A 9 -3.58 -2.43 13.85
N GLN A 10 -2.89 -1.63 13.13
CA GLN A 10 -3.47 -0.50 12.50
C GLN A 10 -3.65 -0.84 11.05
N ARG A 11 -4.74 -0.42 10.48
CA ARG A 11 -5.02 -0.74 9.11
C ARG A 11 -4.70 0.41 8.21
N TYR A 12 -3.76 0.21 7.36
CA TYR A 12 -3.28 1.21 6.48
C TYR A 12 -3.76 0.92 5.09
N GLU A 13 -4.36 1.89 4.47
CA GLU A 13 -4.79 1.75 3.12
C GLU A 13 -3.81 2.47 2.23
N VAL A 14 -3.04 1.72 1.52
CA VAL A 14 -2.07 2.24 0.62
C VAL A 14 -2.69 2.26 -0.76
N GLN A 15 -2.69 3.39 -1.38
CA GLN A 15 -3.26 3.53 -2.69
C GLN A 15 -2.24 4.16 -3.61
N ILE A 16 -1.76 3.38 -4.51
CA ILE A 16 -0.77 3.82 -5.43
C ILE A 16 -1.39 3.96 -6.81
N VAL A 17 -1.48 5.17 -7.26
CA VAL A 17 -2.06 5.46 -8.55
C VAL A 17 -0.95 5.39 -9.58
N CYS A 18 -0.99 4.38 -10.38
CA CYS A 18 0.03 4.13 -11.34
C CYS A 18 -0.54 3.89 -12.73
N ARG A 19 0.30 4.05 -13.71
CA ARG A 19 -0.02 3.81 -15.10
C ARG A 19 -0.26 2.30 -15.25
N ALA A 20 -1.31 1.93 -16.01
CA ALA A 20 -1.80 0.54 -16.17
C ALA A 20 -0.73 -0.48 -16.38
N GLU A 21 0.16 -0.18 -17.28
CA GLU A 21 1.22 -1.06 -17.68
C GLU A 21 2.17 -1.34 -16.51
N ASP A 22 2.38 -0.35 -15.66
CA ASP A 22 3.32 -0.49 -14.56
C ASP A 22 2.68 -1.06 -13.31
N GLU A 23 1.36 -1.29 -13.37
CA GLU A 23 0.61 -1.90 -12.25
C GLU A 23 1.25 -3.22 -11.81
N ILE A 24 1.71 -4.01 -12.79
CA ILE A 24 2.33 -5.29 -12.52
C ILE A 24 3.60 -5.10 -11.68
N GLN A 25 4.34 -4.03 -11.98
CA GLN A 25 5.57 -3.74 -11.31
C GLN A 25 5.29 -3.33 -9.88
N VAL A 26 4.32 -2.44 -9.72
CA VAL A 26 3.88 -1.95 -8.42
C VAL A 26 3.46 -3.12 -7.53
N ARG A 27 2.57 -3.95 -8.04
CA ARG A 27 2.06 -5.13 -7.32
C ARG A 27 3.22 -6.03 -6.89
N SER A 28 4.13 -6.31 -7.81
CA SER A 28 5.26 -7.16 -7.54
C SER A 28 6.20 -6.55 -6.50
N LEU A 29 6.44 -5.25 -6.58
CA LEU A 29 7.31 -4.57 -5.62
C LEU A 29 6.72 -4.55 -4.24
N MET A 30 5.41 -4.39 -4.15
CA MET A 30 4.74 -4.40 -2.87
C MET A 30 4.81 -5.78 -2.26
N LEU A 31 4.62 -6.80 -3.10
CA LEU A 31 4.68 -8.19 -2.66
C LEU A 31 6.12 -8.48 -2.19
N HIS A 32 7.09 -8.06 -2.99
CA HIS A 32 8.52 -8.18 -2.66
C HIS A 32 8.81 -7.53 -1.31
N SER A 33 8.19 -6.40 -1.07
CA SER A 33 8.38 -5.66 0.15
C SER A 33 7.68 -6.32 1.35
N LEU A 34 6.82 -7.31 1.11
CA LEU A 34 6.20 -8.05 2.20
C LEU A 34 7.18 -9.08 2.73
N GLY A 35 8.20 -9.34 1.94
CA GLY A 35 9.27 -10.22 2.34
C GLY A 35 10.51 -9.41 2.62
N SER A 36 10.29 -8.32 3.31
CA SER A 36 11.32 -7.36 3.66
C SER A 36 10.77 -6.50 4.79
N SER A 37 9.70 -5.83 4.51
CA SER A 37 9.05 -5.00 5.45
C SER A 37 7.92 -5.81 6.07
N ASP A 38 7.60 -5.54 7.29
CA ASP A 38 6.62 -6.35 7.99
C ASP A 38 5.25 -5.73 8.01
N LEU A 39 4.51 -5.94 6.96
CA LEU A 39 3.14 -5.54 6.88
C LEU A 39 2.30 -6.75 6.62
N ARG A 40 1.25 -6.89 7.35
CA ARG A 40 0.33 -7.99 7.22
C ARG A 40 -0.67 -7.67 6.11
N LEU A 41 -0.62 -8.43 5.05
CA LEU A 41 -1.46 -8.20 3.89
C LEU A 41 -2.90 -8.65 4.13
N GLN A 42 -3.82 -7.70 4.05
CA GLN A 42 -5.23 -8.01 4.14
C GLN A 42 -5.77 -8.29 2.76
N SER A 43 -5.71 -7.29 1.92
CA SER A 43 -6.22 -7.36 0.57
C SER A 43 -5.46 -6.40 -0.34
N LEU A 44 -5.30 -6.78 -1.59
CA LEU A 44 -4.61 -5.95 -2.57
C LEU A 44 -5.47 -5.92 -3.82
N HIS A 45 -6.02 -4.77 -4.09
CA HIS A 45 -6.87 -4.56 -5.25
C HIS A 45 -6.30 -3.51 -6.15
N SER A 46 -5.87 -3.89 -7.31
CA SER A 46 -5.43 -2.92 -8.25
C SER A 46 -6.50 -2.79 -9.31
N GLU A 47 -7.27 -1.76 -9.19
CA GLU A 47 -8.36 -1.51 -10.07
C GLU A 47 -8.42 -0.07 -10.42
N ASP A 48 -9.25 0.27 -11.33
CA ASP A 48 -9.47 1.67 -11.66
C ASP A 48 -10.71 2.12 -10.93
N LEU A 49 -10.54 3.04 -10.02
CA LEU A 49 -11.62 3.51 -9.18
C LEU A 49 -11.96 4.94 -9.51
N ASP A 50 -10.94 5.78 -9.59
CA ASP A 50 -11.15 7.21 -9.81
C ASP A 50 -11.25 7.51 -11.26
N ASN A 51 -10.28 7.07 -12.00
CA ASN A 51 -10.17 7.40 -13.38
C ASN A 51 -9.89 6.12 -14.14
N PRO A 52 -10.33 5.98 -15.39
CA PRO A 52 -10.12 4.76 -16.16
C PRO A 52 -8.73 4.66 -16.83
N ALA A 53 -7.94 5.72 -16.76
CA ALA A 53 -6.65 5.72 -17.44
C ALA A 53 -5.57 5.09 -16.59
N LYS A 54 -5.51 5.45 -15.36
CA LYS A 54 -4.54 4.96 -14.43
C LYS A 54 -5.22 3.99 -13.51
N LEU A 55 -4.46 3.19 -12.85
CA LEU A 55 -4.98 2.22 -11.96
C LEU A 55 -4.61 2.55 -10.55
N GLU A 56 -5.51 2.32 -9.67
CA GLU A 56 -5.30 2.54 -8.29
C GLU A 56 -5.02 1.21 -7.63
N VAL A 57 -3.81 1.06 -7.18
CA VAL A 57 -3.42 -0.11 -6.45
C VAL A 57 -3.74 0.17 -5.01
N ARG A 58 -4.77 -0.43 -4.55
CA ARG A 58 -5.27 -0.20 -3.24
C ARG A 58 -5.03 -1.43 -2.40
N ALA A 59 -4.10 -1.31 -1.50
CA ALA A 59 -3.73 -2.41 -0.65
C ALA A 59 -3.95 -2.05 0.79
N GLU A 60 -4.58 -2.93 1.49
CA GLU A 60 -4.89 -2.75 2.87
C GLU A 60 -3.95 -3.61 3.67
N LEU A 61 -3.17 -2.99 4.49
CA LEU A 61 -2.16 -3.66 5.25
C LEU A 61 -2.34 -3.41 6.73
N LEU A 62 -2.14 -4.43 7.51
CA LEU A 62 -2.15 -4.30 8.95
C LEU A 62 -0.73 -4.19 9.43
N GLY A 63 -0.45 -3.17 10.17
CA GLY A 63 0.84 -2.98 10.73
C GLY A 63 0.71 -2.35 12.06
N THR A 64 1.70 -2.42 12.87
CA THR A 64 1.63 -1.86 14.17
C THR A 64 1.89 -0.35 14.13
N PRO A 65 1.52 0.40 15.19
CA PRO A 65 1.82 1.84 15.28
C PRO A 65 3.32 2.05 15.47
N GLU A 66 4.00 0.94 15.70
CA GLU A 66 5.42 0.88 15.90
C GLU A 66 6.13 0.68 14.56
N ALA A 67 5.34 0.57 13.49
CA ALA A 67 5.90 0.26 12.19
C ALA A 67 5.57 1.34 11.11
N PRO A 68 5.85 2.65 11.33
CA PRO A 68 5.56 3.67 10.32
C PRO A 68 6.62 3.69 9.21
N ALA A 69 7.83 3.25 9.55
CA ALA A 69 8.95 3.26 8.63
C ALA A 69 8.79 2.21 7.56
N GLN A 70 8.05 1.17 7.90
CA GLN A 70 7.77 0.08 6.98
C GLN A 70 7.01 0.63 5.76
N LEU A 71 6.04 1.50 6.02
CA LEU A 71 5.25 2.11 4.96
C LEU A 71 6.11 3.04 4.14
N GLU A 72 7.01 3.75 4.81
CA GLU A 72 7.93 4.64 4.12
C GLU A 72 8.81 3.85 3.17
N ARG A 73 9.20 2.66 3.60
CA ARG A 73 9.99 1.76 2.77
C ARG A 73 9.18 1.38 1.54
N LEU A 74 7.92 1.01 1.74
CA LEU A 74 7.03 0.64 0.63
C LEU A 74 6.93 1.78 -0.36
N VAL A 75 6.54 2.95 0.15
CA VAL A 75 6.36 4.13 -0.67
C VAL A 75 7.63 4.46 -1.45
N SER A 76 8.76 4.43 -0.78
CA SER A 76 10.01 4.74 -1.42
C SER A 76 10.32 3.75 -2.55
N ARG A 77 10.23 2.44 -2.27
CA ARG A 77 10.56 1.43 -3.25
C ARG A 77 9.70 1.52 -4.48
N VAL A 78 8.42 1.76 -4.28
CA VAL A 78 7.51 1.84 -5.39
C VAL A 78 7.69 3.18 -6.16
N SER A 79 8.02 4.24 -5.43
CA SER A 79 8.25 5.55 -6.06
C SER A 79 9.53 5.57 -6.88
N LEU A 80 10.45 4.67 -6.55
CA LEU A 80 11.68 4.53 -7.32
C LEU A 80 11.38 3.89 -8.69
N GLU A 81 10.25 3.24 -8.79
CA GLU A 81 9.86 2.57 -10.00
C GLU A 81 9.05 3.53 -10.89
N LYS A 82 8.96 3.21 -12.15
CA LYS A 82 8.29 4.05 -13.12
C LYS A 82 6.78 3.80 -13.11
N GLY A 83 6.01 4.81 -13.47
CA GLY A 83 4.59 4.61 -13.65
C GLY A 83 3.76 5.18 -12.55
N VAL A 84 4.37 5.39 -11.41
CA VAL A 84 3.67 5.89 -10.25
C VAL A 84 3.44 7.39 -10.36
N SER A 85 2.20 7.76 -10.44
CA SER A 85 1.84 9.14 -10.55
C SER A 85 1.56 9.72 -9.16
N SER A 86 0.83 8.99 -8.35
CA SER A 86 0.48 9.45 -7.03
C SER A 86 0.55 8.28 -6.05
N VAL A 87 1.07 8.52 -4.88
CA VAL A 87 1.15 7.51 -3.87
C VAL A 87 0.61 8.04 -2.55
N ARG A 88 -0.36 7.35 -2.00
CA ARG A 88 -0.92 7.74 -0.74
C ARG A 88 -1.01 6.53 0.16
N TRP A 89 -1.03 6.79 1.42
CA TRP A 89 -1.30 5.80 2.41
C TRP A 89 -2.06 6.49 3.49
N GLN A 90 -3.09 5.86 3.95
CA GLN A 90 -3.94 6.44 4.97
C GLN A 90 -4.07 5.50 6.12
N VAL A 91 -3.93 6.04 7.30
CA VAL A 91 -4.02 5.26 8.51
C VAL A 91 -5.47 5.24 8.95
N PHE A 92 -6.10 4.12 8.84
CA PHE A 92 -7.46 3.99 9.27
C PHE A 92 -7.54 3.45 10.67
N GLU A 93 -8.55 3.85 11.34
CA GLU A 93 -8.76 3.50 12.69
C GLU A 93 -9.69 2.32 12.81
N LEU A 94 -9.49 1.57 13.84
CA LEU A 94 -10.30 0.41 14.10
C LEU A 94 -11.29 0.76 15.18
N ALA A 95 -12.17 -0.16 15.50
CA ALA A 95 -13.17 0.10 16.49
C ALA A 95 -12.60 -0.12 17.88
N ALA A 96 -12.12 0.94 18.47
CA ALA A 96 -11.65 0.92 19.82
C ALA A 96 -12.86 0.99 20.70
N ASP A 97 -13.19 -0.11 21.32
CA ASP A 97 -14.36 -0.22 22.12
C ASP A 97 -14.03 -1.12 23.26
N ALA A 5 -6.45 -6.31 23.74
CA ALA A 5 -5.37 -6.71 24.64
C ALA A 5 -4.05 -6.82 23.89
N SER A 6 -3.22 -5.78 24.01
CA SER A 6 -1.83 -5.73 23.47
C SER A 6 -1.70 -5.60 21.92
N GLU A 7 -2.64 -6.11 21.21
CA GLU A 7 -2.61 -6.08 19.75
C GLU A 7 -3.26 -4.81 19.20
N ALA A 8 -2.48 -3.77 19.10
CA ALA A 8 -2.98 -2.52 18.56
C ALA A 8 -2.69 -2.47 17.09
N GLU A 9 -3.57 -3.06 16.34
CA GLU A 9 -3.42 -3.18 14.93
C GLU A 9 -4.20 -2.10 14.22
N GLN A 10 -3.50 -1.33 13.44
CA GLN A 10 -4.09 -0.27 12.67
C GLN A 10 -4.07 -0.70 11.23
N ARG A 11 -4.96 -0.18 10.44
CA ARG A 11 -5.02 -0.59 9.06
C ARG A 11 -4.28 0.44 8.26
N TYR A 12 -3.33 0.04 7.50
CA TYR A 12 -2.66 0.95 6.65
C TYR A 12 -3.00 0.59 5.24
N GLU A 13 -3.46 1.54 4.51
CA GLU A 13 -3.84 1.29 3.16
C GLU A 13 -3.04 2.15 2.22
N VAL A 14 -2.21 1.51 1.46
CA VAL A 14 -1.36 2.16 0.52
C VAL A 14 -2.01 2.06 -0.84
N GLN A 15 -2.49 3.16 -1.35
CA GLN A 15 -3.12 3.19 -2.64
C GLN A 15 -2.19 3.84 -3.66
N ILE A 16 -1.71 3.03 -4.54
CA ILE A 16 -0.75 3.41 -5.53
C ILE A 16 -1.44 3.68 -6.86
N VAL A 17 -1.29 4.86 -7.36
CA VAL A 17 -1.86 5.22 -8.63
C VAL A 17 -0.83 4.92 -9.71
N CYS A 18 -1.05 3.91 -10.50
CA CYS A 18 -0.08 3.50 -11.49
C CYS A 18 -0.71 3.26 -12.87
N ARG A 19 0.11 3.40 -13.88
CA ARG A 19 -0.27 3.17 -15.27
C ARG A 19 -0.54 1.66 -15.46
N ALA A 20 -1.52 1.32 -16.31
CA ALA A 20 -1.96 -0.08 -16.48
C ALA A 20 -0.84 -0.98 -16.93
N GLU A 21 -0.09 -0.47 -17.88
CA GLU A 21 1.07 -1.14 -18.44
C GLU A 21 2.11 -1.46 -17.37
N ASP A 22 2.10 -0.72 -16.29
CA ASP A 22 3.10 -0.86 -15.27
C ASP A 22 2.59 -1.56 -14.03
N GLU A 23 1.29 -1.91 -14.01
CA GLU A 23 0.66 -2.57 -12.85
C GLU A 23 1.43 -3.83 -12.42
N ILE A 24 1.81 -4.62 -13.40
CA ILE A 24 2.52 -5.87 -13.16
C ILE A 24 3.82 -5.62 -12.40
N GLN A 25 4.61 -4.69 -12.91
CA GLN A 25 5.88 -4.35 -12.31
C GLN A 25 5.69 -3.76 -10.92
N VAL A 26 4.74 -2.84 -10.79
CA VAL A 26 4.44 -2.21 -9.52
C VAL A 26 4.06 -3.25 -8.49
N ARG A 27 3.12 -4.12 -8.85
CA ARG A 27 2.64 -5.17 -7.95
C ARG A 27 3.79 -6.14 -7.59
N SER A 28 4.65 -6.43 -8.54
CA SER A 28 5.79 -7.31 -8.31
C SER A 28 6.76 -6.65 -7.31
N LEU A 29 6.97 -5.36 -7.48
CA LEU A 29 7.82 -4.58 -6.60
C LEU A 29 7.20 -4.53 -5.20
N MET A 30 5.89 -4.38 -5.14
CA MET A 30 5.15 -4.38 -3.88
C MET A 30 5.35 -5.71 -3.17
N LEU A 31 5.23 -6.80 -3.92
CA LEU A 31 5.39 -8.14 -3.42
C LEU A 31 6.78 -8.30 -2.80
N HIS A 32 7.81 -7.89 -3.53
CA HIS A 32 9.19 -7.95 -3.01
C HIS A 32 9.35 -7.10 -1.75
N SER A 33 8.70 -5.96 -1.73
CA SER A 33 8.75 -5.06 -0.59
C SER A 33 8.02 -5.65 0.63
N LEU A 34 7.19 -6.67 0.40
CA LEU A 34 6.46 -7.32 1.49
C LEU A 34 7.39 -8.26 2.24
N GLY A 35 8.53 -8.52 1.65
CA GLY A 35 9.51 -9.34 2.29
C GLY A 35 10.26 -8.54 3.33
N SER A 36 10.42 -9.12 4.51
CA SER A 36 11.14 -8.52 5.64
C SER A 36 10.36 -7.34 6.26
N SER A 37 9.07 -7.32 6.05
CA SER A 37 8.20 -6.35 6.67
C SER A 37 7.03 -7.08 7.32
N ASP A 38 6.60 -6.63 8.49
CA ASP A 38 5.58 -7.37 9.27
C ASP A 38 4.19 -6.82 9.08
N LEU A 39 3.95 -6.11 8.03
CA LEU A 39 2.63 -5.60 7.79
C LEU A 39 1.81 -6.72 7.20
N ARG A 40 0.74 -7.05 7.86
CA ARG A 40 -0.05 -8.19 7.49
C ARG A 40 -1.05 -7.74 6.43
N LEU A 41 -0.77 -8.09 5.21
CA LEU A 41 -1.60 -7.76 4.09
C LEU A 41 -2.94 -8.47 4.21
N GLN A 42 -3.98 -7.70 4.27
CA GLN A 42 -5.31 -8.22 4.36
C GLN A 42 -5.90 -8.34 2.98
N SER A 43 -5.84 -7.27 2.23
CA SER A 43 -6.35 -7.27 0.87
C SER A 43 -5.59 -6.29 -0.01
N LEU A 44 -5.20 -6.75 -1.16
CA LEU A 44 -4.55 -5.94 -2.13
C LEU A 44 -5.46 -5.91 -3.34
N HIS A 45 -6.13 -4.80 -3.54
CA HIS A 45 -7.08 -4.67 -4.63
C HIS A 45 -6.68 -3.54 -5.52
N SER A 46 -6.56 -3.81 -6.77
CA SER A 46 -6.24 -2.82 -7.73
C SER A 46 -7.51 -2.48 -8.47
N GLU A 47 -7.97 -1.28 -8.29
CA GLU A 47 -9.23 -0.88 -8.80
C GLU A 47 -9.12 0.50 -9.41
N ASP A 48 -9.99 0.81 -10.32
CA ASP A 48 -10.02 2.14 -10.86
C ASP A 48 -11.05 2.93 -10.11
N LEU A 49 -10.63 3.96 -9.44
CA LEU A 49 -11.53 4.78 -8.70
C LEU A 49 -11.80 6.03 -9.48
N ASP A 50 -10.84 6.89 -9.51
CA ASP A 50 -10.99 8.15 -10.19
C ASP A 50 -10.53 8.05 -11.61
N ASN A 51 -9.44 7.35 -11.82
CA ASN A 51 -8.91 7.20 -13.16
C ASN A 51 -9.18 5.80 -13.69
N PRO A 52 -9.77 5.69 -14.88
CA PRO A 52 -10.19 4.40 -15.46
C PRO A 52 -9.04 3.54 -16.03
N ALA A 53 -8.16 4.14 -16.81
CA ALA A 53 -7.11 3.38 -17.49
C ALA A 53 -6.04 2.96 -16.52
N LYS A 54 -5.66 3.88 -15.68
CA LYS A 54 -4.66 3.66 -14.68
C LYS A 54 -5.31 2.94 -13.50
N LEU A 55 -4.60 2.03 -12.90
CA LEU A 55 -5.14 1.29 -11.79
C LEU A 55 -4.65 1.89 -10.51
N GLU A 56 -5.54 2.00 -9.55
CA GLU A 56 -5.17 2.45 -8.26
C GLU A 56 -5.12 1.22 -7.37
N VAL A 57 -3.94 0.88 -6.99
CA VAL A 57 -3.67 -0.32 -6.23
C VAL A 57 -3.79 -0.01 -4.77
N ARG A 58 -4.85 -0.46 -4.18
CA ARG A 58 -5.12 -0.20 -2.80
C ARG A 58 -4.76 -1.43 -1.99
N ALA A 59 -3.68 -1.34 -1.26
CA ALA A 59 -3.21 -2.44 -0.44
C ALA A 59 -3.47 -2.13 1.01
N GLU A 60 -4.29 -2.94 1.62
CA GLU A 60 -4.69 -2.78 3.01
C GLU A 60 -3.93 -3.78 3.88
N LEU A 61 -3.04 -3.28 4.70
CA LEU A 61 -2.21 -4.11 5.57
C LEU A 61 -2.38 -3.68 7.03
N LEU A 62 -2.42 -4.64 7.93
CA LEU A 62 -2.49 -4.33 9.36
C LEU A 62 -1.08 -4.21 9.92
N GLY A 63 -0.89 -3.27 10.80
CA GLY A 63 0.38 -3.07 11.45
C GLY A 63 0.22 -2.26 12.70
N THR A 64 1.30 -1.98 13.38
CA THR A 64 1.23 -1.20 14.59
C THR A 64 1.51 0.28 14.32
N PRO A 65 1.08 1.21 15.21
CA PRO A 65 1.30 2.65 15.05
C PRO A 65 2.79 3.03 15.14
N GLU A 66 3.57 2.12 15.66
CA GLU A 66 5.00 2.33 15.87
C GLU A 66 5.83 1.78 14.72
N ALA A 67 5.17 1.47 13.63
CA ALA A 67 5.85 0.94 12.44
C ALA A 67 5.52 1.70 11.11
N PRO A 68 5.24 3.06 11.10
CA PRO A 68 4.86 3.76 9.86
C PRO A 68 6.00 3.82 8.84
N ALA A 69 7.25 3.74 9.34
CA ALA A 69 8.44 3.81 8.48
C ALA A 69 8.46 2.67 7.49
N GLN A 70 7.89 1.54 7.88
CA GLN A 70 7.81 0.38 7.01
C GLN A 70 6.88 0.67 5.83
N LEU A 71 5.78 1.33 6.12
CA LEU A 71 4.81 1.70 5.09
C LEU A 71 5.44 2.73 4.17
N GLU A 72 6.12 3.70 4.77
CA GLU A 72 6.81 4.75 4.02
C GLU A 72 7.93 4.15 3.18
N ARG A 73 8.51 3.08 3.67
CA ARG A 73 9.54 2.33 2.97
C ARG A 73 8.94 1.69 1.72
N LEU A 74 7.76 1.11 1.87
CA LEU A 74 7.04 0.55 0.73
C LEU A 74 6.72 1.68 -0.25
N VAL A 75 6.15 2.76 0.29
CA VAL A 75 5.78 3.94 -0.49
C VAL A 75 6.96 4.49 -1.29
N SER A 76 8.09 4.67 -0.64
CA SER A 76 9.27 5.21 -1.28
C SER A 76 9.83 4.25 -2.35
N ARG A 77 9.82 2.95 -2.05
CA ARG A 77 10.28 1.94 -3.01
C ARG A 77 9.44 2.00 -4.27
N VAL A 78 8.14 2.13 -4.09
CA VAL A 78 7.22 2.22 -5.19
C VAL A 78 7.36 3.55 -5.94
N SER A 79 7.51 4.64 -5.21
CA SER A 79 7.61 5.95 -5.83
C SER A 79 8.98 6.18 -6.51
N LEU A 80 9.94 5.30 -6.26
CA LEU A 80 11.19 5.32 -7.01
C LEU A 80 10.99 4.66 -8.38
N GLU A 81 9.90 3.93 -8.51
CA GLU A 81 9.62 3.19 -9.71
C GLU A 81 8.80 4.03 -10.71
N LYS A 82 8.96 3.72 -11.98
CA LYS A 82 8.27 4.41 -13.06
C LYS A 82 6.89 3.83 -13.25
N GLY A 83 5.98 4.64 -13.75
CA GLY A 83 4.63 4.17 -14.01
C GLY A 83 3.71 4.56 -12.89
N VAL A 84 4.30 4.90 -11.78
CA VAL A 84 3.59 5.33 -10.62
C VAL A 84 3.49 6.84 -10.63
N SER A 85 2.29 7.34 -10.51
CA SER A 85 2.06 8.75 -10.51
C SER A 85 2.12 9.29 -9.08
N SER A 86 1.36 8.67 -8.20
CA SER A 86 1.25 9.10 -6.83
C SER A 86 0.92 7.91 -5.94
N VAL A 87 1.25 8.01 -4.68
CA VAL A 87 0.98 6.99 -3.71
C VAL A 87 0.27 7.65 -2.55
N ARG A 88 -0.92 7.22 -2.26
CA ARG A 88 -1.68 7.77 -1.18
C ARG A 88 -1.87 6.70 -0.14
N TRP A 89 -1.29 6.86 1.01
CA TRP A 89 -1.46 5.86 2.02
C TRP A 89 -2.19 6.46 3.21
N GLN A 90 -3.13 5.73 3.72
CA GLN A 90 -3.91 6.20 4.85
C GLN A 90 -3.77 5.25 6.00
N VAL A 91 -3.92 5.79 7.16
CA VAL A 91 -3.98 5.03 8.36
C VAL A 91 -5.44 4.96 8.76
N PHE A 92 -6.05 3.84 8.56
CA PHE A 92 -7.43 3.70 8.89
C PHE A 92 -7.47 3.15 10.29
N GLU A 93 -8.29 3.72 11.08
CA GLU A 93 -8.29 3.42 12.46
C GLU A 93 -9.43 2.50 12.85
N LEU A 94 -9.53 2.25 14.13
CA LEU A 94 -10.57 1.43 14.69
C LEU A 94 -11.28 2.28 15.70
N ALA A 95 -12.38 1.78 16.20
CA ALA A 95 -13.10 2.46 17.25
C ALA A 95 -12.35 2.27 18.54
N ALA A 96 -11.66 3.32 18.96
CA ALA A 96 -10.87 3.29 20.17
C ALA A 96 -11.77 3.23 21.38
N ASP A 97 -12.06 2.03 21.78
CA ASP A 97 -12.92 1.76 22.90
C ASP A 97 -12.08 1.38 24.07
N ALA A 5 -4.13 -5.27 26.16
CA ALA A 5 -4.08 -5.69 24.77
C ALA A 5 -3.29 -4.70 23.94
N SER A 6 -2.06 -5.04 23.64
CA SER A 6 -1.23 -4.21 22.82
C SER A 6 -1.51 -4.43 21.35
N GLU A 7 -2.21 -5.50 21.03
CA GLU A 7 -2.57 -5.80 19.66
C GLU A 7 -3.61 -4.83 19.14
N ALA A 8 -3.15 -3.90 18.38
CA ALA A 8 -3.98 -2.94 17.73
C ALA A 8 -3.63 -2.98 16.27
N GLU A 9 -4.45 -3.61 15.50
CA GLU A 9 -4.20 -3.71 14.11
C GLU A 9 -4.83 -2.54 13.43
N GLN A 10 -3.99 -1.75 12.86
CA GLN A 10 -4.41 -0.56 12.22
C GLN A 10 -4.44 -0.82 10.75
N ARG A 11 -5.39 -0.25 10.13
CA ARG A 11 -5.71 -0.56 8.78
C ARG A 11 -5.13 0.51 7.90
N TYR A 12 -4.17 0.15 7.13
CA TYR A 12 -3.51 1.08 6.27
C TYR A 12 -3.93 0.81 4.86
N GLU A 13 -4.39 1.80 4.17
CA GLU A 13 -4.67 1.58 2.78
C GLU A 13 -3.80 2.44 1.94
N VAL A 14 -3.08 1.79 1.09
CA VAL A 14 -2.18 2.44 0.21
C VAL A 14 -2.79 2.48 -1.16
N GLN A 15 -3.17 3.65 -1.59
CA GLN A 15 -3.73 3.88 -2.89
C GLN A 15 -2.63 4.25 -3.83
N ILE A 16 -2.34 3.35 -4.70
CA ILE A 16 -1.28 3.52 -5.64
C ILE A 16 -1.84 3.79 -7.01
N VAL A 17 -1.77 5.02 -7.41
CA VAL A 17 -2.22 5.43 -8.71
C VAL A 17 -1.07 5.19 -9.66
N CYS A 18 -1.21 4.23 -10.51
CA CYS A 18 -0.17 3.84 -11.41
C CYS A 18 -0.75 3.39 -12.73
N ARG A 19 0.05 3.39 -13.77
CA ARG A 19 -0.41 2.92 -15.06
C ARG A 19 -0.67 1.42 -14.97
N ALA A 20 -1.78 0.96 -15.57
CA ALA A 20 -2.20 -0.46 -15.53
C ALA A 20 -1.07 -1.39 -15.99
N GLU A 21 -0.33 -0.92 -16.96
CA GLU A 21 0.79 -1.63 -17.54
C GLU A 21 1.90 -1.94 -16.52
N ASP A 22 1.95 -1.17 -15.45
CA ASP A 22 3.03 -1.33 -14.49
C ASP A 22 2.56 -1.91 -13.18
N GLU A 23 1.29 -2.34 -13.14
CA GLU A 23 0.68 -2.97 -11.95
C GLU A 23 1.56 -4.14 -11.47
N ILE A 24 2.07 -4.91 -12.44
CA ILE A 24 2.92 -6.07 -12.17
C ILE A 24 4.12 -5.66 -11.30
N GLN A 25 4.80 -4.59 -11.71
CA GLN A 25 5.97 -4.12 -10.99
C GLN A 25 5.58 -3.60 -9.62
N VAL A 26 4.50 -2.84 -9.57
CA VAL A 26 4.00 -2.27 -8.32
C VAL A 26 3.69 -3.37 -7.30
N ARG A 27 2.91 -4.35 -7.71
CA ARG A 27 2.54 -5.45 -6.83
C ARG A 27 3.77 -6.25 -6.40
N SER A 28 4.70 -6.43 -7.33
CA SER A 28 5.93 -7.13 -7.08
C SER A 28 6.71 -6.45 -5.95
N LEU A 29 6.93 -5.13 -6.08
CA LEU A 29 7.67 -4.38 -5.07
C LEU A 29 6.99 -4.39 -3.74
N MET A 30 5.67 -4.21 -3.75
CA MET A 30 4.87 -4.22 -2.53
C MET A 30 5.09 -5.51 -1.78
N LEU A 31 4.87 -6.63 -2.46
CA LEU A 31 4.98 -7.94 -1.85
C LEU A 31 6.40 -8.17 -1.28
N HIS A 32 7.42 -8.00 -2.12
CA HIS A 32 8.80 -8.28 -1.71
C HIS A 32 9.28 -7.39 -0.58
N SER A 33 8.83 -6.17 -0.55
CA SER A 33 9.22 -5.25 0.49
C SER A 33 8.47 -5.55 1.80
N LEU A 34 7.40 -6.32 1.71
CA LEU A 34 6.64 -6.67 2.89
C LEU A 34 7.29 -7.77 3.68
N GLY A 35 8.19 -8.48 3.03
CA GLY A 35 8.94 -9.51 3.70
C GLY A 35 9.92 -8.92 4.68
N SER A 36 10.28 -7.69 4.46
CA SER A 36 11.17 -6.96 5.33
C SER A 36 10.35 -6.07 6.28
N SER A 37 9.05 -6.03 6.07
CA SER A 37 8.20 -5.17 6.82
C SER A 37 7.34 -5.96 7.81
N ASP A 38 6.68 -5.24 8.68
CA ASP A 38 5.84 -5.82 9.73
C ASP A 38 4.37 -5.72 9.34
N LEU A 39 4.14 -5.33 8.11
CA LEU A 39 2.79 -5.12 7.60
C LEU A 39 2.32 -6.36 6.89
N ARG A 40 1.06 -6.66 7.04
CA ARG A 40 0.49 -7.82 6.42
C ARG A 40 -0.51 -7.38 5.35
N LEU A 41 -0.18 -7.66 4.12
CA LEU A 41 -1.02 -7.34 2.98
C LEU A 41 -2.13 -8.33 2.88
N GLN A 42 -3.33 -7.87 3.04
CA GLN A 42 -4.49 -8.72 2.94
C GLN A 42 -4.94 -8.87 1.52
N SER A 43 -5.28 -7.78 0.89
CA SER A 43 -5.73 -7.79 -0.48
C SER A 43 -5.45 -6.44 -1.11
N LEU A 44 -5.26 -6.42 -2.41
CA LEU A 44 -5.10 -5.19 -3.15
C LEU A 44 -5.96 -5.22 -4.35
N HIS A 45 -6.75 -4.22 -4.51
CA HIS A 45 -7.66 -4.14 -5.61
C HIS A 45 -7.35 -2.94 -6.46
N SER A 46 -7.04 -3.21 -7.68
CA SER A 46 -6.80 -2.16 -8.62
C SER A 46 -8.14 -1.72 -9.16
N GLU A 47 -8.58 -0.61 -8.72
CA GLU A 47 -9.85 -0.12 -9.11
C GLU A 47 -9.67 1.19 -9.82
N ASP A 48 -10.64 1.55 -10.52
CA ASP A 48 -10.67 2.81 -11.19
C ASP A 48 -11.55 3.74 -10.44
N LEU A 49 -11.11 4.92 -10.24
CA LEU A 49 -11.96 5.97 -9.77
C LEU A 49 -12.10 6.92 -10.92
N ASP A 50 -10.99 7.51 -11.29
CA ASP A 50 -10.97 8.43 -12.41
C ASP A 50 -10.69 7.76 -13.75
N ASN A 51 -9.61 7.02 -13.83
CA ASN A 51 -9.18 6.45 -15.12
C ASN A 51 -8.89 4.96 -14.97
N PRO A 52 -9.48 4.10 -15.83
CA PRO A 52 -9.18 2.66 -15.83
C PRO A 52 -7.78 2.36 -16.40
N ALA A 53 -7.21 3.33 -17.11
CA ALA A 53 -5.87 3.21 -17.68
C ALA A 53 -4.81 3.35 -16.58
N LYS A 54 -5.10 4.18 -15.61
CA LYS A 54 -4.23 4.33 -14.49
C LYS A 54 -4.93 3.84 -13.28
N LEU A 55 -4.68 2.61 -13.01
CA LEU A 55 -5.29 1.88 -11.93
C LEU A 55 -4.92 2.50 -10.61
N GLU A 56 -5.91 2.65 -9.80
CA GLU A 56 -5.70 3.11 -8.49
C GLU A 56 -5.79 1.86 -7.65
N VAL A 57 -4.67 1.46 -7.15
CA VAL A 57 -4.56 0.21 -6.45
C VAL A 57 -4.70 0.43 -4.99
N ARG A 58 -5.76 -0.06 -4.44
CA ARG A 58 -5.99 0.05 -3.04
C ARG A 58 -5.44 -1.19 -2.39
N ALA A 59 -4.35 -1.07 -1.69
CA ALA A 59 -3.81 -2.21 -1.00
C ALA A 59 -4.01 -2.07 0.49
N GLU A 60 -4.71 -3.04 1.07
CA GLU A 60 -4.93 -3.06 2.50
C GLU A 60 -3.80 -3.76 3.20
N LEU A 61 -3.06 -2.99 3.93
CA LEU A 61 -2.00 -3.49 4.74
C LEU A 61 -2.43 -3.36 6.16
N LEU A 62 -2.44 -4.44 6.87
CA LEU A 62 -2.79 -4.39 8.25
C LEU A 62 -1.52 -4.47 9.03
N GLY A 63 -1.38 -3.61 10.01
CA GLY A 63 -0.19 -3.64 10.78
C GLY A 63 -0.37 -2.98 12.09
N THR A 64 0.64 -2.98 12.88
CA THR A 64 0.62 -2.37 14.16
C THR A 64 1.28 -0.98 14.07
N PRO A 65 1.15 -0.13 15.12
CA PRO A 65 1.78 1.21 15.13
C PRO A 65 3.32 1.15 15.14
N GLU A 66 3.86 -0.05 15.30
CA GLU A 66 5.31 -0.28 15.37
C GLU A 66 5.93 -0.39 13.97
N ALA A 67 5.18 -0.05 12.96
CA ALA A 67 5.66 -0.16 11.59
C ALA A 67 5.58 1.17 10.76
N PRO A 68 6.01 2.35 11.30
CA PRO A 68 5.92 3.62 10.56
C PRO A 68 6.96 3.73 9.45
N ALA A 69 8.20 3.39 9.78
CA ALA A 69 9.32 3.47 8.84
C ALA A 69 9.12 2.51 7.70
N GLN A 70 8.58 1.34 8.03
CA GLN A 70 8.29 0.29 7.08
C GLN A 70 7.36 0.82 5.98
N LEU A 71 6.29 1.48 6.42
CA LEU A 71 5.30 2.06 5.50
C LEU A 71 5.95 3.05 4.54
N GLU A 72 6.70 3.98 5.09
CA GLU A 72 7.35 5.02 4.28
C GLU A 72 8.41 4.44 3.35
N ARG A 73 9.02 3.34 3.78
CA ARG A 73 10.01 2.65 2.96
C ARG A 73 9.32 2.04 1.75
N LEU A 74 8.17 1.42 1.98
CA LEU A 74 7.36 0.84 0.90
C LEU A 74 6.99 1.92 -0.10
N VAL A 75 6.46 3.01 0.42
CA VAL A 75 6.03 4.14 -0.38
C VAL A 75 7.16 4.67 -1.26
N SER A 76 8.31 4.91 -0.67
CA SER A 76 9.43 5.43 -1.42
C SER A 76 9.95 4.41 -2.45
N ARG A 77 9.98 3.13 -2.05
CA ARG A 77 10.48 2.06 -2.92
C ARG A 77 9.61 1.95 -4.17
N VAL A 78 8.30 2.08 -3.99
CA VAL A 78 7.35 2.03 -5.09
C VAL A 78 7.42 3.33 -5.91
N SER A 79 7.61 4.46 -5.22
CA SER A 79 7.72 5.76 -5.88
C SER A 79 8.95 5.82 -6.80
N LEU A 80 9.97 5.03 -6.47
CA LEU A 80 11.16 4.94 -7.31
C LEU A 80 10.82 4.35 -8.68
N GLU A 81 9.77 3.57 -8.76
CA GLU A 81 9.40 2.93 -10.01
C GLU A 81 8.75 3.87 -10.98
N LYS A 82 8.96 3.55 -12.22
CA LYS A 82 8.45 4.31 -13.32
C LYS A 82 7.03 3.87 -13.61
N GLY A 83 6.15 4.80 -13.81
CA GLY A 83 4.78 4.47 -14.14
C GLY A 83 3.86 4.68 -12.98
N VAL A 84 4.44 4.98 -11.84
CA VAL A 84 3.68 5.23 -10.65
C VAL A 84 3.42 6.72 -10.52
N SER A 85 2.19 7.11 -10.71
CA SER A 85 1.81 8.48 -10.64
C SER A 85 1.90 9.01 -9.20
N SER A 86 1.23 8.35 -8.27
CA SER A 86 1.24 8.79 -6.87
C SER A 86 0.92 7.63 -5.93
N VAL A 87 1.61 7.57 -4.80
CA VAL A 87 1.38 6.57 -3.77
C VAL A 87 0.82 7.29 -2.55
N ARG A 88 -0.41 7.02 -2.21
CA ARG A 88 -1.05 7.71 -1.11
C ARG A 88 -1.54 6.72 -0.06
N TRP A 89 -1.00 6.80 1.11
CA TRP A 89 -1.32 5.85 2.16
C TRP A 89 -1.95 6.56 3.35
N GLN A 90 -2.94 5.94 3.93
CA GLN A 90 -3.55 6.47 5.13
C GLN A 90 -3.75 5.41 6.17
N VAL A 91 -3.76 5.86 7.41
CA VAL A 91 -3.84 5.02 8.56
C VAL A 91 -5.23 5.13 9.17
N PHE A 92 -5.95 4.05 9.19
CA PHE A 92 -7.18 4.00 9.91
C PHE A 92 -6.95 3.23 11.16
N GLU A 93 -7.15 3.86 12.23
CA GLU A 93 -7.00 3.25 13.50
C GLU A 93 -8.23 3.56 14.29
N LEU A 94 -8.31 3.10 15.51
CA LEU A 94 -9.43 3.45 16.30
C LEU A 94 -9.18 4.78 16.95
N ALA A 95 -9.49 5.76 16.21
CA ALA A 95 -9.31 7.15 16.57
C ALA A 95 -10.42 7.95 15.93
N ALA A 96 -11.54 7.30 15.79
CA ALA A 96 -12.71 7.89 15.19
C ALA A 96 -13.32 8.86 16.18
N ASP A 97 -12.99 10.11 16.02
CA ASP A 97 -13.41 11.14 16.91
C ASP A 97 -13.37 12.44 16.19
#